data_8TZ5
#
_entry.id   8TZ5
#
_cell.length_a   1.00
_cell.length_b   1.00
_cell.length_c   1.00
_cell.angle_alpha   90.00
_cell.angle_beta   90.00
_cell.angle_gamma   90.00
#
_symmetry.space_group_name_H-M   'P 1'
#
loop_
_entity.id
_entity.type
_entity.pdbx_description
1 polymer 'Sodium/nucleoside cotransporter'
2 non-polymer N-hydroxycytidine
3 non-polymer 'SODIUM ION'
4 non-polymer 1-palmitoyl-2-oleoyl-sn-glycero-3-phosphocholine
#
_entity_poly.entity_id   1
_entity_poly.type   'polypeptide(L)'
_entity_poly.pdbx_seq_one_letter_code
;MDYKDDDDKLEATMAMSSKISVELQRVAALPAQGCSNTGFQNDEDGFENQNPSGNDHSLRNRVVQNREHENGKQVEEHIT
IGQDSLRKDEEEEDDQETHRKGCLERMCGRMSDFCREHKTTLRYIIWGILIAGYLALVIAACVMNFHRALPLFVITVVAI
FFVVWDHLMAKYESQIARFLSPGQRLLDSHWFWLKWVIWGCLILGVILWLVFDTAKLGQQQLVSFGGLIIYTSLTFLFSK
HPTKVYWRPVFWGIGLQFLLGLLILRTEPGFMAFDWLGKQVQTFLGYSDAGASFVFGEKYTDHFFAFKVLPIVIFFSTVM
SMLYYLGLMQWIIRKVGWVMLVTMGTSPVESVVASGNIFIGQTESPLLVRPYLPYVTKSELHAIMTAGFSTIAGSVLGAY
ISFGVSSSHLLTASVMSAPAALAISKLFWPETETPKINLKNAMKMESGDSRNLLEAATQGASSSISLVANIAVNLIAFLA
LLSFMNSALSWLGNMFDYPQLSFEVICSYVFMPFAFMMGVDWQDSFMVAKLIGYKTFFNEFVAYQQLSKLISLRQVGGPK
FVDGVQQYMSMRSEAISTYALCGFANFGSLGIVIGGLTSMAPSRKRDITAGAMRALIAGTIACFLTACIAGMLTNTPVDI
NCHHILENAFNSGLVRNTTNVVSCCQGLLSSAVVKGPGEVIPTGNHSLYSLKNCCNLLNTPTLNCSWIPNVLSNS
;
_entity_poly.pdbx_strand_id   A,B,C
#
loop_
_chem_comp.id
_chem_comp.type
_chem_comp.name
_chem_comp.formula
LBN non-polymer 1-palmitoyl-2-oleoyl-sn-glycero-3-phosphocholine 'C42 H82 N O8 P'
NA non-polymer 'SODIUM ION' 'Na 1'
U56 non-polymer N-hydroxycytidine 'C9 H13 N3 O6'
#
# COMPACT_ATOMS: atom_id res chain seq x y z
N GLU A 105 25.74 5.52 -46.96
CA GLU A 105 25.66 4.46 -45.97
C GLU A 105 25.48 3.10 -46.65
N ARG A 106 26.31 2.84 -47.67
CA ARG A 106 26.24 1.56 -48.36
C ARG A 106 26.60 0.41 -47.43
N MET A 107 27.55 0.63 -46.52
CA MET A 107 27.94 -0.42 -45.58
C MET A 107 26.76 -0.82 -44.70
N CYS A 108 25.97 0.15 -44.25
CA CYS A 108 24.81 -0.17 -43.42
C CYS A 108 23.80 -1.00 -44.19
N GLY A 109 23.55 -0.65 -45.45
CA GLY A 109 22.62 -1.43 -46.25
C GLY A 109 23.12 -2.85 -46.50
N ARG A 110 24.43 -2.99 -46.76
CA ARG A 110 24.99 -4.33 -46.93
C ARG A 110 24.85 -5.15 -45.65
N MET A 111 25.11 -4.53 -44.50
CA MET A 111 24.98 -5.25 -43.24
C MET A 111 23.54 -5.66 -42.99
N SER A 112 22.59 -4.77 -43.28
CA SER A 112 21.18 -5.12 -43.12
C SER A 112 20.79 -6.27 -44.04
N ASP A 113 21.25 -6.23 -45.29
CA ASP A 113 20.94 -7.30 -46.22
C ASP A 113 21.52 -8.63 -45.76
N PHE A 114 22.77 -8.61 -45.27
CA PHE A 114 23.38 -9.84 -44.78
C PHE A 114 22.63 -10.37 -43.57
N CYS A 115 22.22 -9.49 -42.66
CA CYS A 115 21.47 -9.94 -41.49
C CYS A 115 20.14 -10.56 -41.90
N ARG A 116 19.43 -9.93 -42.84
CA ARG A 116 18.13 -10.45 -43.26
C ARG A 116 18.25 -11.76 -44.03
N GLU A 117 19.31 -11.91 -44.83
CA GLU A 117 19.41 -13.08 -45.69
C GLU A 117 19.57 -14.36 -44.88
N HIS A 118 20.43 -14.33 -43.87
CA HIS A 118 20.79 -15.52 -43.09
C HIS A 118 20.56 -15.27 -41.60
N LYS A 119 19.39 -14.74 -41.26
CA LYS A 119 19.08 -14.51 -39.85
C LYS A 119 19.02 -15.83 -39.08
N THR A 120 18.41 -16.85 -39.68
CA THR A 120 18.28 -18.14 -38.98
C THR A 120 19.63 -18.78 -38.73
N THR A 121 20.53 -18.74 -39.71
CA THR A 121 21.82 -19.39 -39.58
C THR A 121 22.79 -18.65 -38.67
N LEU A 122 22.48 -17.42 -38.28
CA LEU A 122 23.34 -16.61 -37.43
C LEU A 122 23.04 -16.82 -35.95
N ARG A 123 21.77 -16.67 -35.56
CA ARG A 123 21.39 -16.86 -34.17
C ARG A 123 21.61 -18.32 -33.75
N TYR A 124 21.33 -19.26 -34.66
CA TYR A 124 21.58 -20.67 -34.35
C TYR A 124 23.06 -20.92 -34.10
N ILE A 125 23.93 -20.31 -34.91
CA ILE A 125 25.36 -20.46 -34.70
C ILE A 125 25.78 -19.86 -33.37
N ILE A 126 25.22 -18.69 -33.02
CA ILE A 126 25.56 -18.06 -31.75
C ILE A 126 25.16 -18.98 -30.59
N TRP A 127 23.95 -19.53 -30.66
CA TRP A 127 23.49 -20.44 -29.60
C TRP A 127 24.36 -21.68 -29.55
N GLY A 128 24.75 -22.22 -30.71
CA GLY A 128 25.65 -23.36 -30.73
C GLY A 128 26.99 -23.05 -30.08
N ILE A 129 27.51 -21.86 -30.33
CA ILE A 129 28.78 -21.45 -29.71
C ILE A 129 28.63 -21.36 -28.20
N LEU A 130 27.52 -20.79 -27.72
CA LEU A 130 27.30 -20.72 -26.28
C LEU A 130 27.20 -22.11 -25.67
N ILE A 131 26.48 -23.02 -26.32
CA ILE A 131 26.36 -24.38 -25.82
C ILE A 131 27.72 -25.06 -25.79
N ALA A 132 28.52 -24.86 -26.84
CA ALA A 132 29.85 -25.44 -26.88
C ALA A 132 30.71 -24.90 -25.74
N GLY A 133 30.61 -23.60 -25.46
CA GLY A 133 31.35 -23.03 -24.34
C GLY A 133 30.95 -23.65 -23.01
N TYR A 134 29.64 -23.80 -22.79
CA TYR A 134 29.18 -24.42 -21.55
C TYR A 134 29.68 -25.85 -21.43
N LEU A 135 29.60 -26.62 -22.53
CA LEU A 135 30.07 -28.00 -22.49
C LEU A 135 31.58 -28.06 -22.25
N ALA A 136 32.33 -27.13 -22.83
CA ALA A 136 33.77 -27.07 -22.58
C ALA A 136 34.05 -26.80 -21.13
N LEU A 137 33.32 -25.86 -20.52
CA LEU A 137 33.50 -25.60 -19.10
C LEU A 137 33.21 -26.85 -18.27
N VAL A 138 32.11 -27.55 -18.59
CA VAL A 138 31.74 -28.73 -17.81
C VAL A 138 32.81 -29.81 -17.93
N ILE A 139 33.27 -30.07 -19.16
CA ILE A 139 34.25 -31.14 -19.36
C ILE A 139 35.58 -30.77 -18.71
N ALA A 140 35.97 -29.51 -18.78
CA ALA A 140 37.21 -29.09 -18.13
C ALA A 140 37.11 -29.26 -16.62
N ALA A 141 35.96 -28.88 -16.03
CA ALA A 141 35.78 -29.07 -14.60
C ALA A 141 35.84 -30.54 -14.23
N CYS A 142 35.22 -31.41 -15.04
CA CYS A 142 35.28 -32.84 -14.78
C CYS A 142 36.71 -33.35 -14.87
N VAL A 143 37.47 -32.89 -15.87
CA VAL A 143 38.84 -33.35 -16.04
C VAL A 143 39.70 -32.95 -14.85
N MET A 144 39.57 -31.70 -14.41
CA MET A 144 40.38 -31.26 -13.27
C MET A 144 40.05 -32.05 -12.02
N ASN A 145 38.77 -32.30 -11.77
CA ASN A 145 38.36 -33.12 -10.64
C ASN A 145 36.92 -33.58 -10.87
N PHE A 146 36.70 -34.89 -10.88
CA PHE A 146 35.38 -35.42 -11.23
C PHE A 146 34.45 -35.41 -10.03
N HIS A 147 34.94 -35.84 -8.86
CA HIS A 147 34.08 -35.91 -7.68
C HIS A 147 33.55 -34.53 -7.31
N ARG A 148 34.40 -33.50 -7.44
CA ARG A 148 33.99 -32.15 -7.07
C ARG A 148 32.98 -31.58 -8.07
N ALA A 149 33.01 -32.02 -9.32
CA ALA A 149 32.15 -31.51 -10.37
C ALA A 149 30.97 -32.43 -10.67
N LEU A 150 30.72 -33.43 -9.83
CA LEU A 150 29.66 -34.40 -10.13
C LEU A 150 28.29 -33.75 -10.29
N PRO A 151 27.81 -32.89 -9.38
CA PRO A 151 26.45 -32.35 -9.55
C PRO A 151 26.26 -31.58 -10.84
N LEU A 152 27.27 -30.84 -11.29
CA LEU A 152 27.15 -30.13 -12.56
C LEU A 152 26.99 -31.11 -13.71
N PHE A 153 27.76 -32.19 -13.69
CA PHE A 153 27.63 -33.22 -14.72
C PHE A 153 26.24 -33.85 -14.70
N VAL A 154 25.71 -34.12 -13.51
CA VAL A 154 24.38 -34.72 -13.40
C VAL A 154 23.33 -33.77 -13.97
N ILE A 155 23.43 -32.49 -13.62
CA ILE A 155 22.46 -31.51 -14.11
C ILE A 155 22.53 -31.42 -15.64
N THR A 156 23.74 -31.37 -16.19
CA THR A 156 23.88 -31.31 -17.64
C THR A 156 23.30 -32.55 -18.30
N VAL A 157 23.57 -33.73 -17.72
CA VAL A 157 23.08 -34.98 -18.31
C VAL A 157 21.55 -34.99 -18.32
N VAL A 158 20.93 -34.62 -17.19
CA VAL A 158 19.47 -34.66 -17.12
C VAL A 158 18.86 -33.65 -18.07
N ALA A 159 19.46 -32.45 -18.16
CA ALA A 159 18.94 -31.45 -19.09
C ALA A 159 19.03 -31.94 -20.52
N ILE A 160 20.16 -32.53 -20.90
CA ILE A 160 20.31 -33.05 -22.26
C ILE A 160 19.30 -34.14 -22.53
N PHE A 161 19.13 -35.06 -21.57
CA PHE A 161 18.16 -36.15 -21.76
C PHE A 161 16.76 -35.60 -21.96
N PHE A 162 16.35 -34.63 -21.14
CA PHE A 162 14.99 -34.09 -21.28
C PHE A 162 14.83 -33.34 -22.60
N VAL A 163 15.85 -32.59 -23.02
CA VAL A 163 15.75 -31.87 -24.29
C VAL A 163 15.58 -32.86 -25.44
N VAL A 164 16.40 -33.90 -25.46
CA VAL A 164 16.31 -34.90 -26.53
C VAL A 164 14.95 -35.60 -26.48
N TRP A 165 14.49 -35.94 -25.28
CA TRP A 165 13.19 -36.61 -25.15
C TRP A 165 12.08 -35.74 -25.71
N ASP A 166 12.05 -34.45 -25.33
CA ASP A 166 11.00 -33.57 -25.83
C ASP A 166 11.08 -33.44 -27.35
N HIS A 167 12.30 -33.30 -27.89
CA HIS A 167 12.44 -33.21 -29.34
C HIS A 167 11.90 -34.45 -30.02
N LEU A 168 12.25 -35.64 -29.51
CA LEU A 168 11.80 -36.88 -30.14
C LEU A 168 10.29 -37.02 -30.05
N MET A 169 9.70 -36.70 -28.89
CA MET A 169 8.26 -36.83 -28.75
C MET A 169 7.52 -35.85 -29.65
N ALA A 170 8.06 -34.65 -29.82
CA ALA A 170 7.42 -33.69 -30.71
C ALA A 170 7.55 -34.12 -32.17
N LYS A 171 8.69 -34.72 -32.54
CA LYS A 171 8.91 -35.08 -33.93
C LYS A 171 8.15 -36.34 -34.32
N TYR A 172 8.28 -37.42 -33.53
CA TYR A 172 7.77 -38.73 -33.89
C TYR A 172 6.50 -39.10 -33.11
N GLU A 173 5.61 -38.14 -32.88
CA GLU A 173 4.39 -38.42 -32.14
C GLU A 173 3.49 -39.40 -32.91
N SER A 174 3.24 -39.12 -34.19
CA SER A 174 2.34 -39.96 -34.98
C SER A 174 2.86 -41.38 -35.10
N GLN A 175 4.16 -41.54 -35.35
CA GLN A 175 4.72 -42.88 -35.49
C GLN A 175 4.58 -43.67 -34.19
N ILE A 176 4.84 -43.03 -33.06
CA ILE A 176 4.71 -43.70 -31.77
C ILE A 176 3.26 -44.08 -31.52
N ALA A 177 2.33 -43.17 -31.83
CA ALA A 177 0.90 -43.49 -31.64
C ALA A 177 0.51 -44.70 -32.49
N ARG A 178 0.93 -44.71 -33.74
CA ARG A 178 0.61 -45.84 -34.62
C ARG A 178 1.23 -47.12 -34.10
N PHE A 179 2.44 -47.04 -33.57
CA PHE A 179 3.11 -48.23 -33.04
C PHE A 179 2.41 -48.74 -31.78
N LEU A 180 1.85 -47.85 -30.97
CA LEU A 180 1.12 -48.25 -29.78
C LEU A 180 -0.32 -48.65 -30.06
N SER A 181 -0.84 -48.35 -31.25
CA SER A 181 -2.25 -48.66 -31.52
C SER A 181 -2.57 -50.14 -31.40
N PRO A 182 -1.83 -51.07 -32.00
CA PRO A 182 -2.24 -52.48 -31.95
C PRO A 182 -2.39 -53.02 -30.53
N GLY A 183 -1.48 -52.66 -29.63
CA GLY A 183 -1.59 -53.13 -28.26
C GLY A 183 -2.85 -52.64 -27.58
N GLN A 184 -3.22 -51.39 -27.84
CA GLN A 184 -4.46 -50.88 -27.27
C GLN A 184 -5.67 -51.65 -27.79
N ARG A 185 -5.66 -51.99 -29.09
CA ARG A 185 -6.77 -52.78 -29.64
C ARG A 185 -6.85 -54.16 -28.99
N LEU A 186 -5.70 -54.83 -28.82
CA LEU A 186 -5.71 -56.14 -28.19
C LEU A 186 -6.19 -56.05 -26.75
N LEU A 187 -5.72 -55.04 -26.01
CA LEU A 187 -6.16 -54.86 -24.64
C LEU A 187 -7.66 -54.57 -24.56
N ASP A 188 -8.17 -53.75 -25.48
CA ASP A 188 -9.60 -53.49 -25.51
C ASP A 188 -10.39 -54.74 -25.86
N SER A 189 -9.81 -55.63 -26.67
CA SER A 189 -10.48 -56.88 -27.02
C SER A 189 -10.56 -57.82 -25.83
N HIS A 190 -9.49 -57.93 -25.04
CA HIS A 190 -9.44 -58.85 -23.92
C HIS A 190 -9.85 -58.22 -22.59
N TRP A 191 -10.21 -56.92 -22.59
CA TRP A 191 -10.50 -56.24 -21.33
C TRP A 191 -11.71 -56.82 -20.62
N PHE A 192 -12.75 -57.21 -21.37
CA PHE A 192 -14.00 -57.60 -20.73
C PHE A 192 -13.78 -58.73 -19.73
N TRP A 193 -12.72 -59.53 -19.92
CA TRP A 193 -12.37 -60.58 -18.98
C TRP A 193 -11.08 -60.31 -18.20
N LEU A 194 -10.19 -59.46 -18.71
CA LEU A 194 -8.97 -59.16 -17.97
C LEU A 194 -9.19 -58.16 -16.83
N LYS A 195 -10.27 -57.38 -16.88
CA LYS A 195 -10.52 -56.38 -15.85
C LYS A 195 -10.72 -57.02 -14.49
N TRP A 196 -11.47 -58.13 -14.45
CA TRP A 196 -11.70 -58.81 -13.17
C TRP A 196 -10.39 -59.33 -12.58
N VAL A 197 -9.53 -59.90 -13.43
CA VAL A 197 -8.25 -60.40 -12.96
C VAL A 197 -7.42 -59.26 -12.39
N ILE A 198 -7.35 -58.13 -13.11
CA ILE A 198 -6.54 -57.02 -12.64
C ILE A 198 -7.09 -56.48 -11.32
N TRP A 199 -8.41 -56.31 -11.23
CA TRP A 199 -9.00 -55.79 -10.00
C TRP A 199 -8.78 -56.72 -8.83
N GLY A 200 -8.92 -58.03 -9.06
CA GLY A 200 -8.65 -58.99 -7.99
C GLY A 200 -7.21 -58.95 -7.54
N CYS A 201 -6.27 -58.82 -8.49
CA CYS A 201 -4.87 -58.70 -8.12
C CYS A 201 -4.63 -57.47 -7.26
N LEU A 202 -5.22 -56.34 -7.65
CA LEU A 202 -5.04 -55.12 -6.86
C LEU A 202 -5.63 -55.27 -5.46
N ILE A 203 -6.82 -55.86 -5.36
CA ILE A 203 -7.45 -56.03 -4.05
C ILE A 203 -6.62 -56.95 -3.17
N LEU A 204 -6.12 -58.05 -3.75
CA LEU A 204 -5.27 -58.96 -3.00
C LEU A 204 -4.00 -58.25 -2.53
N GLY A 205 -3.41 -57.41 -3.38
CA GLY A 205 -2.25 -56.65 -2.96
C GLY A 205 -2.56 -55.72 -1.82
N VAL A 206 -3.71 -55.05 -1.86
CA VAL A 206 -4.10 -54.16 -0.77
C VAL A 206 -4.26 -54.96 0.52
N ILE A 207 -4.92 -56.11 0.44
CA ILE A 207 -5.14 -56.92 1.65
C ILE A 207 -3.82 -57.40 2.22
N LEU A 208 -2.92 -57.88 1.35
CA LEU A 208 -1.62 -58.35 1.82
C LEU A 208 -0.81 -57.22 2.45
N TRP A 209 -0.80 -56.04 1.82
CA TRP A 209 -0.09 -54.91 2.41
C TRP A 209 -0.64 -54.57 3.77
N LEU A 210 -1.97 -54.49 3.88
CA LEU A 210 -2.58 -54.27 5.18
C LEU A 210 -2.06 -55.28 6.20
N VAL A 211 -2.34 -56.56 5.95
CA VAL A 211 -2.06 -57.60 6.92
C VAL A 211 -0.60 -57.59 7.35
N PHE A 212 0.32 -57.45 6.39
CA PHE A 212 1.73 -57.69 6.67
C PHE A 212 2.53 -56.43 6.99
N ASP A 213 1.96 -55.23 6.82
CA ASP A 213 2.65 -54.01 7.24
C ASP A 213 1.83 -53.17 8.20
N THR A 214 0.58 -52.87 7.87
CA THR A 214 -0.19 -51.92 8.67
C THR A 214 -0.55 -52.51 10.02
N ALA A 215 -0.92 -53.79 10.04
CA ALA A 215 -1.18 -54.46 11.31
C ALA A 215 0.08 -54.56 12.15
N LYS A 216 1.24 -54.75 11.52
CA LYS A 216 2.49 -54.78 12.27
C LYS A 216 2.80 -53.42 12.88
N LEU A 217 2.55 -52.34 12.13
CA LEU A 217 2.87 -51.01 12.63
C LEU A 217 2.07 -50.68 13.89
N GLY A 218 0.78 -51.01 13.90
CA GLY A 218 -0.03 -50.82 15.08
C GLY A 218 -1.49 -50.58 14.70
N GLN A 219 -2.25 -50.18 15.72
CA GLN A 219 -3.68 -49.93 15.55
C GLN A 219 -3.94 -48.61 14.85
N GLN A 220 -3.12 -47.60 15.11
CA GLN A 220 -3.39 -46.26 14.60
C GLN A 220 -3.36 -46.21 13.08
N GLN A 221 -2.53 -47.06 12.45
CA GLN A 221 -2.48 -47.07 10.99
C GLN A 221 -3.74 -47.70 10.40
N LEU A 222 -4.24 -48.76 11.02
CA LEU A 222 -5.53 -49.32 10.62
C LEU A 222 -6.63 -48.29 10.81
N VAL A 223 -6.56 -47.50 11.89
CA VAL A 223 -7.53 -46.43 12.08
C VAL A 223 -7.40 -45.38 10.99
N SER A 224 -6.18 -45.10 10.53
CA SER A 224 -6.00 -44.16 9.42
C SER A 224 -6.65 -44.70 8.15
N PHE A 225 -6.48 -45.99 7.88
CA PHE A 225 -7.13 -46.59 6.71
C PHE A 225 -8.65 -46.53 6.83
N GLY A 226 -9.18 -46.84 8.01
CA GLY A 226 -10.61 -46.72 8.23
C GLY A 226 -11.09 -45.30 8.06
N GLY A 227 -10.30 -44.33 8.51
CA GLY A 227 -10.67 -42.93 8.33
C GLY A 227 -10.68 -42.52 6.87
N LEU A 228 -9.71 -43.01 6.11
CA LEU A 228 -9.73 -42.78 4.66
C LEU A 228 -11.01 -43.32 4.04
N ILE A 229 -11.36 -44.56 4.39
CA ILE A 229 -12.60 -45.16 3.88
C ILE A 229 -13.81 -44.33 4.29
N ILE A 230 -13.83 -43.88 5.55
CA ILE A 230 -14.98 -43.13 6.06
C ILE A 230 -15.10 -41.78 5.35
N TYR A 231 -13.97 -41.09 5.14
CA TYR A 231 -14.03 -39.81 4.43
C TYR A 231 -14.52 -40.00 3.01
N THR A 232 -14.04 -41.04 2.32
CA THR A 232 -14.53 -41.29 0.97
C THR A 232 -16.02 -41.58 0.97
N SER A 233 -16.48 -42.40 1.93
CA SER A 233 -17.90 -42.73 2.00
C SER A 233 -18.75 -41.50 2.28
N LEU A 234 -18.31 -40.64 3.19
CA LEU A 234 -19.05 -39.42 3.49
C LEU A 234 -19.07 -38.49 2.29
N THR A 235 -17.97 -38.41 1.54
CA THR A 235 -17.95 -37.59 0.34
C THR A 235 -18.93 -38.12 -0.70
N PHE A 236 -19.04 -39.44 -0.82
CA PHE A 236 -19.98 -40.02 -1.78
C PHE A 236 -21.42 -39.81 -1.33
N LEU A 237 -21.69 -39.97 -0.03
CA LEU A 237 -23.07 -39.89 0.45
C LEU A 237 -23.67 -38.51 0.21
N PHE A 238 -22.93 -37.45 0.49
CA PHE A 238 -23.40 -36.09 0.30
C PHE A 238 -23.03 -35.53 -1.08
N SER A 239 -22.91 -36.40 -2.08
CA SER A 239 -22.51 -35.95 -3.40
C SER A 239 -23.65 -35.20 -4.08
N LYS A 240 -23.27 -34.31 -5.01
CA LYS A 240 -24.26 -33.54 -5.75
C LYS A 240 -25.10 -34.45 -6.64
N HIS A 241 -24.46 -35.40 -7.34
CA HIS A 241 -25.13 -36.35 -8.21
C HIS A 241 -24.61 -37.75 -7.86
N PRO A 242 -25.14 -38.36 -6.80
CA PRO A 242 -24.63 -39.67 -6.39
C PRO A 242 -24.77 -40.75 -7.46
N THR A 243 -25.69 -40.59 -8.40
CA THR A 243 -25.93 -41.59 -9.43
C THR A 243 -25.12 -41.34 -10.70
N LYS A 244 -24.36 -40.25 -10.77
CA LYS A 244 -23.55 -39.91 -11.93
C LYS A 244 -22.06 -39.97 -11.62
N VAL A 245 -21.67 -40.87 -10.72
CA VAL A 245 -20.29 -40.92 -10.23
C VAL A 245 -19.44 -41.75 -11.19
N TYR A 246 -18.33 -41.16 -11.66
CA TYR A 246 -17.32 -41.86 -12.43
C TYR A 246 -16.21 -42.27 -11.47
N TRP A 247 -16.07 -43.57 -11.23
CA TRP A 247 -15.20 -44.06 -10.16
C TRP A 247 -13.75 -44.23 -10.57
N ARG A 248 -13.43 -44.09 -11.86
CA ARG A 248 -12.03 -44.20 -12.28
C ARG A 248 -11.15 -43.15 -11.64
N PRO A 249 -11.48 -41.85 -11.70
CA PRO A 249 -10.57 -40.84 -11.10
C PRO A 249 -10.41 -40.99 -9.60
N VAL A 250 -11.44 -41.42 -8.87
CA VAL A 250 -11.32 -41.52 -7.42
C VAL A 250 -10.28 -42.58 -7.05
N PHE A 251 -10.44 -43.78 -7.60
CA PHE A 251 -9.50 -44.85 -7.30
C PHE A 251 -8.11 -44.52 -7.81
N TRP A 252 -8.02 -43.91 -9.00
CA TRP A 252 -6.69 -43.60 -9.55
C TRP A 252 -5.98 -42.54 -8.71
N GLY A 253 -6.72 -41.53 -8.24
CA GLY A 253 -6.10 -40.53 -7.38
C GLY A 253 -5.65 -41.09 -6.05
N ILE A 254 -6.49 -41.92 -5.43
CA ILE A 254 -6.09 -42.54 -4.16
C ILE A 254 -4.86 -43.42 -4.38
N GLY A 255 -4.84 -44.16 -5.49
CA GLY A 255 -3.70 -45.01 -5.77
C GLY A 255 -2.43 -44.23 -6.04
N LEU A 256 -2.54 -43.11 -6.76
CA LEU A 256 -1.37 -42.26 -6.98
C LEU A 256 -0.85 -41.70 -5.66
N GLN A 257 -1.74 -41.28 -4.78
CA GLN A 257 -1.32 -40.84 -3.45
C GLN A 257 -0.58 -41.96 -2.71
N PHE A 258 -1.14 -43.17 -2.75
CA PHE A 258 -0.50 -44.29 -2.06
C PHE A 258 0.87 -44.60 -2.63
N LEU A 259 1.00 -44.55 -3.97
CA LEU A 259 2.29 -44.82 -4.60
C LEU A 259 3.30 -43.74 -4.24
N LEU A 260 2.90 -42.48 -4.26
CA LEU A 260 3.80 -41.41 -3.84
C LEU A 260 4.24 -41.60 -2.40
N GLY A 261 3.30 -41.96 -1.52
CA GLY A 261 3.66 -42.20 -0.13
C GLY A 261 4.66 -43.34 0.00
N LEU A 262 4.42 -44.43 -0.70
CA LEU A 262 5.37 -45.56 -0.66
C LEU A 262 6.74 -45.12 -1.15
N LEU A 263 6.79 -44.38 -2.26
CA LEU A 263 8.07 -44.01 -2.84
C LEU A 263 8.84 -43.07 -1.91
N ILE A 264 8.17 -42.12 -1.29
CA ILE A 264 8.85 -41.05 -0.58
C ILE A 264 9.11 -41.41 0.88
N LEU A 265 8.15 -42.05 1.55
CA LEU A 265 8.23 -42.32 2.97
C LEU A 265 8.78 -43.70 3.31
N ARG A 266 8.79 -44.62 2.34
CA ARG A 266 9.12 -46.01 2.63
C ARG A 266 10.28 -46.53 1.80
N THR A 267 10.99 -45.66 1.09
CA THR A 267 12.16 -46.05 0.31
C THR A 267 13.28 -45.06 0.55
N GLU A 268 14.50 -45.58 0.65
CA GLU A 268 15.65 -44.70 0.85
C GLU A 268 15.86 -43.73 -0.31
N PRO A 269 15.76 -44.13 -1.58
CA PRO A 269 15.94 -43.14 -2.65
C PRO A 269 15.03 -41.93 -2.53
N GLY A 270 13.72 -42.13 -2.41
CA GLY A 270 12.81 -41.01 -2.33
C GLY A 270 12.99 -40.20 -1.06
N PHE A 271 13.20 -40.88 0.06
CA PHE A 271 13.42 -40.19 1.32
C PHE A 271 14.63 -39.27 1.23
N MET A 272 15.75 -39.79 0.72
CA MET A 272 16.95 -38.97 0.57
C MET A 272 16.72 -37.84 -0.42
N ALA A 273 16.04 -38.11 -1.52
CA ALA A 273 15.81 -37.09 -2.54
C ALA A 273 15.01 -35.92 -1.96
N PHE A 274 13.94 -36.22 -1.23
CA PHE A 274 13.11 -35.15 -0.69
C PHE A 274 13.73 -34.47 0.52
N ASP A 275 14.53 -35.19 1.32
CA ASP A 275 15.29 -34.52 2.37
C ASP A 275 16.29 -33.53 1.77
N TRP A 276 16.99 -33.94 0.71
CA TRP A 276 17.89 -33.03 0.02
C TRP A 276 17.15 -31.84 -0.57
N LEU A 277 15.99 -32.10 -1.18
CA LEU A 277 15.21 -31.03 -1.78
C LEU A 277 14.77 -30.01 -0.73
N GLY A 278 14.33 -30.50 0.43
CA GLY A 278 13.96 -29.59 1.50
C GLY A 278 15.15 -28.82 2.05
N LYS A 279 16.29 -29.49 2.18
CA LYS A 279 17.50 -28.82 2.67
C LYS A 279 17.96 -27.74 1.71
N GLN A 280 17.70 -27.90 0.41
CA GLN A 280 18.04 -26.84 -0.54
C GLN A 280 17.19 -25.60 -0.34
N VAL A 281 15.92 -25.77 0.03
CA VAL A 281 15.04 -24.64 0.26
C VAL A 281 15.48 -23.84 1.48
N GLN A 282 15.94 -24.53 2.53
CA GLN A 282 16.42 -23.84 3.72
C GLN A 282 17.62 -22.96 3.39
N THR A 283 18.55 -23.47 2.57
CA THR A 283 19.66 -22.66 2.12
C THR A 283 19.19 -21.50 1.25
N PHE A 284 18.16 -21.74 0.43
CA PHE A 284 17.72 -20.71 -0.52
C PHE A 284 16.98 -19.57 0.17
N LEU A 285 16.32 -19.84 1.30
CA LEU A 285 15.57 -18.79 1.98
C LEU A 285 16.46 -17.91 2.85
N GLY A 286 17.75 -18.21 2.96
CA GLY A 286 18.67 -17.39 3.71
C GLY A 286 19.23 -16.21 2.96
N TYR A 287 19.02 -16.16 1.64
CA TYR A 287 19.56 -15.08 0.82
C TYR A 287 18.80 -13.77 1.00
N SER A 288 17.53 -13.83 1.38
CA SER A 288 16.77 -12.61 1.61
C SER A 288 17.30 -11.80 2.79
N ASP A 289 18.09 -12.44 3.66
CA ASP A 289 18.69 -11.71 4.78
C ASP A 289 19.61 -10.60 4.28
N ALA A 290 20.22 -10.77 3.11
CA ALA A 290 21.11 -9.75 2.58
C ALA A 290 20.37 -8.43 2.37
N GLY A 291 19.18 -8.48 1.78
CA GLY A 291 18.37 -7.30 1.58
C GLY A 291 17.69 -6.83 2.85
N ALA A 292 17.28 -7.77 3.69
CA ALA A 292 16.60 -7.41 4.92
C ALA A 292 17.53 -6.69 5.89
N SER A 293 18.83 -7.02 5.86
CA SER A 293 19.79 -6.38 6.74
C SER A 293 20.17 -4.97 6.28
N PHE A 294 19.95 -4.65 5.01
CA PHE A 294 20.22 -3.30 4.53
C PHE A 294 18.98 -2.41 4.63
N VAL A 295 17.83 -2.91 4.20
CA VAL A 295 16.62 -2.08 4.25
C VAL A 295 16.22 -1.82 5.70
N PHE A 296 16.38 -2.81 6.58
CA PHE A 296 15.98 -2.70 7.97
C PHE A 296 17.16 -2.68 8.95
N GLY A 297 18.39 -2.83 8.47
CA GLY A 297 19.55 -2.73 9.31
C GLY A 297 19.93 -4.04 9.98
N GLU A 298 21.06 -4.00 10.68
CA GLU A 298 21.52 -5.18 11.41
C GLU A 298 20.57 -5.58 12.52
N LYS A 299 19.73 -4.66 12.98
CA LYS A 299 18.74 -4.95 14.02
C LYS A 299 17.43 -5.45 13.44
N TYR A 300 17.44 -5.94 12.19
CA TYR A 300 16.22 -6.46 11.59
C TYR A 300 15.69 -7.68 12.33
N THR A 301 16.51 -8.33 13.14
CA THR A 301 16.08 -9.47 13.93
C THR A 301 15.31 -9.08 15.18
N ASP A 302 15.34 -7.80 15.56
CA ASP A 302 14.53 -7.34 16.69
C ASP A 302 13.04 -7.49 16.40
N HIS A 303 12.65 -7.50 15.13
CA HIS A 303 11.27 -7.73 14.71
C HIS A 303 11.33 -8.90 13.74
N PHE A 304 11.26 -10.13 14.27
CA PHE A 304 11.55 -11.30 13.48
C PHE A 304 10.58 -11.45 12.31
N PHE A 305 9.29 -11.51 12.60
CA PHE A 305 8.32 -11.82 11.55
C PHE A 305 8.36 -10.77 10.45
N ALA A 306 8.10 -9.51 10.80
CA ALA A 306 7.88 -8.49 9.77
C ALA A 306 9.14 -8.25 8.94
N PHE A 307 10.30 -8.26 9.56
CA PHE A 307 11.54 -7.86 8.90
C PHE A 307 12.41 -9.02 8.45
N LYS A 308 12.00 -10.26 8.69
CA LYS A 308 12.80 -11.40 8.23
C LYS A 308 11.97 -12.41 7.44
N VAL A 309 10.69 -12.57 7.79
CA VAL A 309 9.87 -13.62 7.19
C VAL A 309 9.19 -13.15 5.92
N LEU A 310 8.68 -11.92 5.90
CA LEU A 310 7.99 -11.39 4.73
C LEU A 310 8.97 -11.14 3.58
N PRO A 311 10.21 -10.71 3.86
CA PRO A 311 11.20 -10.66 2.78
C PRO A 311 11.41 -11.99 2.10
N ILE A 312 11.27 -13.10 2.83
CA ILE A 312 11.34 -14.42 2.20
C ILE A 312 10.21 -14.57 1.19
N VAL A 313 9.01 -14.12 1.55
CA VAL A 313 7.89 -14.17 0.62
C VAL A 313 8.18 -13.33 -0.61
N ILE A 314 8.73 -12.13 -0.41
CA ILE A 314 9.06 -11.27 -1.55
C ILE A 314 10.06 -11.95 -2.47
N PHE A 315 11.13 -12.51 -1.90
CA PHE A 315 12.17 -13.14 -2.71
C PHE A 315 11.62 -14.36 -3.45
N PHE A 316 10.81 -15.17 -2.78
CA PHE A 316 10.24 -16.34 -3.43
C PHE A 316 9.29 -15.95 -4.55
N SER A 317 8.49 -14.90 -4.34
CA SER A 317 7.62 -14.41 -5.40
C SER A 317 8.43 -13.94 -6.61
N THR A 318 9.52 -13.22 -6.34
CA THR A 318 10.39 -12.77 -7.43
C THR A 318 10.96 -13.97 -8.20
N VAL A 319 11.43 -14.98 -7.47
CA VAL A 319 12.03 -16.14 -8.12
C VAL A 319 10.98 -16.89 -8.94
N MET A 320 9.76 -17.02 -8.41
CA MET A 320 8.71 -17.70 -9.14
C MET A 320 8.34 -16.93 -10.41
N SER A 321 8.30 -15.60 -10.34
CA SER A 321 8.05 -14.81 -11.54
C SER A 321 9.14 -15.02 -12.58
N MET A 322 10.40 -15.03 -12.13
CA MET A 322 11.51 -15.26 -13.05
C MET A 322 11.40 -16.64 -13.70
N LEU A 323 11.06 -17.66 -12.91
CA LEU A 323 10.94 -19.01 -13.46
C LEU A 323 9.77 -19.11 -14.44
N TYR A 324 8.67 -18.42 -14.16
CA TYR A 324 7.55 -18.41 -15.09
C TYR A 324 7.94 -17.71 -16.39
N TYR A 325 8.73 -16.65 -16.30
CA TYR A 325 9.24 -16.00 -17.51
C TYR A 325 10.11 -16.96 -18.30
N LEU A 326 10.99 -17.70 -17.63
CA LEU A 326 11.86 -18.64 -18.31
C LEU A 326 11.13 -19.85 -18.87
N GLY A 327 9.89 -20.07 -18.46
CA GLY A 327 9.12 -21.20 -18.97
C GLY A 327 9.42 -22.53 -18.32
N LEU A 328 10.13 -22.53 -17.18
CA LEU A 328 10.47 -23.77 -16.52
C LEU A 328 9.32 -24.33 -15.69
N MET A 329 8.43 -23.46 -15.21
CA MET A 329 7.31 -23.92 -14.39
C MET A 329 6.28 -24.65 -15.24
N GLN A 330 5.95 -24.07 -16.40
CA GLN A 330 4.99 -24.71 -17.30
C GLN A 330 5.49 -26.07 -17.77
N TRP A 331 6.80 -26.22 -17.91
CA TRP A 331 7.35 -27.50 -18.37
C TRP A 331 7.01 -28.62 -17.39
N ILE A 332 7.17 -28.37 -16.09
CA ILE A 332 6.83 -29.37 -15.09
C ILE A 332 5.31 -29.52 -14.97
N ILE A 333 4.59 -28.40 -15.06
CA ILE A 333 3.13 -28.45 -14.94
C ILE A 333 2.54 -29.34 -16.03
N ARG A 334 3.03 -29.20 -17.26
CA ARG A 334 2.51 -30.01 -18.37
C ARG A 334 2.74 -31.49 -18.12
N LYS A 335 3.93 -31.85 -17.64
CA LYS A 335 4.22 -33.26 -17.38
C LYS A 335 3.30 -33.83 -16.32
N VAL A 336 3.15 -33.11 -15.20
CA VAL A 336 2.31 -33.62 -14.12
C VAL A 336 0.86 -33.72 -14.58
N GLY A 337 0.37 -32.70 -15.30
CA GLY A 337 -0.99 -32.72 -15.78
C GLY A 337 -1.23 -33.82 -16.80
N TRP A 338 -0.25 -34.09 -17.65
CA TRP A 338 -0.41 -35.19 -18.59
C TRP A 338 -0.48 -36.53 -17.86
N VAL A 339 0.34 -36.71 -16.82
CA VAL A 339 0.27 -37.95 -16.05
C VAL A 339 -1.12 -38.11 -15.43
N MET A 340 -1.60 -37.06 -14.75
CA MET A 340 -2.90 -37.18 -14.10
C MET A 340 -4.04 -37.30 -15.10
N LEU A 341 -3.87 -36.74 -16.30
CA LEU A 341 -4.90 -36.84 -17.32
C LEU A 341 -4.95 -38.22 -17.95
N VAL A 342 -3.78 -38.83 -18.17
CA VAL A 342 -3.75 -40.14 -18.80
C VAL A 342 -4.09 -41.25 -17.81
N THR A 343 -3.91 -41.01 -16.52
CA THR A 343 -4.26 -42.03 -15.52
C THR A 343 -5.70 -41.86 -15.04
N MET A 344 -6.03 -40.68 -14.52
CA MET A 344 -7.34 -40.46 -13.91
C MET A 344 -8.43 -40.16 -14.92
N GLY A 345 -8.08 -39.81 -16.15
CA GLY A 345 -9.09 -39.51 -17.16
C GLY A 345 -9.81 -38.19 -16.93
N THR A 346 -9.16 -37.23 -16.29
CA THR A 346 -9.75 -35.93 -16.02
C THR A 346 -9.59 -35.01 -17.21
N SER A 347 -10.37 -33.92 -17.20
CA SER A 347 -10.34 -32.97 -18.30
C SER A 347 -9.00 -32.22 -18.32
N PRO A 348 -8.52 -31.82 -19.50
CA PRO A 348 -7.23 -31.13 -19.55
C PRO A 348 -7.16 -29.86 -18.71
N VAL A 349 -8.23 -29.08 -18.68
CA VAL A 349 -8.20 -27.80 -17.97
C VAL A 349 -8.04 -28.03 -16.48
N GLU A 350 -8.86 -28.91 -15.91
CA GLU A 350 -8.78 -29.15 -14.47
C GLU A 350 -7.47 -29.84 -14.09
N SER A 351 -6.98 -30.74 -14.95
CA SER A 351 -5.69 -31.36 -14.69
C SER A 351 -4.56 -30.33 -14.68
N VAL A 352 -4.58 -29.41 -15.65
CA VAL A 352 -3.57 -28.37 -15.71
C VAL A 352 -3.64 -27.47 -14.47
N VAL A 353 -4.85 -27.09 -14.06
CA VAL A 353 -4.98 -26.21 -12.91
C VAL A 353 -4.54 -26.92 -11.63
N ALA A 354 -4.87 -28.21 -11.50
CA ALA A 354 -4.44 -28.95 -10.33
C ALA A 354 -2.93 -29.08 -10.27
N SER A 355 -2.29 -29.37 -11.42
CA SER A 355 -0.85 -29.45 -11.45
C SER A 355 -0.19 -28.11 -11.17
N GLY A 356 -0.82 -27.01 -11.60
CA GLY A 356 -0.27 -25.69 -11.33
C GLY A 356 -0.49 -25.20 -9.92
N ASN A 357 -1.52 -25.68 -9.23
CA ASN A 357 -1.76 -25.25 -7.86
C ASN A 357 -0.73 -25.80 -6.88
N ILE A 358 0.09 -26.75 -7.29
CA ILE A 358 1.17 -27.22 -6.43
C ILE A 358 2.15 -26.09 -6.16
N PHE A 359 2.46 -25.29 -7.19
CA PHE A 359 3.44 -24.23 -7.09
C PHE A 359 2.83 -22.83 -7.04
N ILE A 360 1.59 -22.66 -7.47
CA ILE A 360 0.98 -21.35 -7.62
C ILE A 360 -0.24 -21.26 -6.71
N GLY A 361 -0.58 -20.03 -6.33
CA GLY A 361 -1.71 -19.79 -5.46
C GLY A 361 -3.04 -20.01 -6.16
N GLN A 362 -4.10 -19.93 -5.36
CA GLN A 362 -5.45 -20.15 -5.86
C GLN A 362 -5.96 -18.98 -6.68
N THR A 363 -5.47 -17.77 -6.40
CA THR A 363 -5.91 -16.57 -7.11
C THR A 363 -5.13 -16.31 -8.39
N GLU A 364 -4.06 -17.06 -8.64
CA GLU A 364 -3.25 -16.90 -9.85
C GLU A 364 -3.20 -18.15 -10.72
N SER A 365 -3.53 -19.32 -10.18
CA SER A 365 -3.50 -20.56 -10.95
C SER A 365 -4.50 -20.52 -12.11
N PRO A 366 -5.72 -20.01 -11.90
CA PRO A 366 -6.69 -19.97 -13.00
C PRO A 366 -6.24 -19.16 -14.20
N LEU A 367 -5.28 -18.24 -14.01
CA LEU A 367 -4.78 -17.45 -15.14
C LEU A 367 -4.14 -18.33 -16.20
N LEU A 368 -3.75 -19.56 -15.86
CA LEU A 368 -3.15 -20.45 -16.84
C LEU A 368 -4.13 -20.78 -17.96
N VAL A 369 -5.44 -20.76 -17.66
CA VAL A 369 -6.47 -21.11 -18.63
C VAL A 369 -7.49 -19.99 -18.69
N ARG A 370 -7.04 -18.75 -18.48
CA ARG A 370 -7.95 -17.62 -18.43
C ARG A 370 -8.84 -17.51 -19.67
N PRO A 371 -8.34 -17.64 -20.89
CA PRO A 371 -9.22 -17.46 -22.06
C PRO A 371 -10.37 -18.46 -22.10
N TYR A 372 -10.18 -19.66 -21.57
CA TYR A 372 -11.15 -20.74 -21.72
C TYR A 372 -12.05 -20.91 -20.51
N LEU A 373 -11.95 -20.02 -19.52
CA LEU A 373 -12.76 -20.13 -18.31
C LEU A 373 -14.25 -20.00 -18.61
N PRO A 374 -14.65 -19.06 -19.48
CA PRO A 374 -16.10 -18.87 -19.73
C PRO A 374 -16.80 -20.09 -20.29
N TYR A 375 -16.06 -21.08 -20.79
CA TYR A 375 -16.67 -22.24 -21.45
C TYR A 375 -16.50 -23.53 -20.64
N VAL A 376 -15.98 -23.45 -19.42
CA VAL A 376 -15.81 -24.64 -18.60
C VAL A 376 -17.15 -25.04 -17.99
N THR A 377 -17.29 -26.32 -17.69
CA THR A 377 -18.51 -26.83 -17.07
C THR A 377 -18.54 -26.46 -15.59
N LYS A 378 -19.60 -26.88 -14.91
CA LYS A 378 -19.69 -26.65 -13.47
C LYS A 378 -18.75 -27.56 -12.70
N SER A 379 -18.61 -28.81 -13.15
CA SER A 379 -17.71 -29.74 -12.47
C SER A 379 -16.27 -29.28 -12.59
N GLU A 380 -15.86 -28.78 -13.75
CA GLU A 380 -14.50 -28.29 -13.90
C GLU A 380 -14.24 -27.07 -13.03
N LEU A 381 -15.21 -26.16 -12.93
CA LEU A 381 -15.07 -24.99 -12.07
C LEU A 381 -14.97 -25.41 -10.60
N HIS A 382 -15.80 -26.36 -10.18
CA HIS A 382 -15.73 -26.87 -8.82
C HIS A 382 -14.37 -27.52 -8.55
N ALA A 383 -13.85 -28.29 -9.52
CA ALA A 383 -12.54 -28.89 -9.38
C ALA A 383 -11.46 -27.82 -9.28
N ILE A 384 -11.57 -26.76 -10.08
CA ILE A 384 -10.59 -25.68 -9.99
C ILE A 384 -10.60 -25.07 -8.60
N MET A 385 -11.77 -24.79 -8.05
CA MET A 385 -11.84 -24.16 -6.74
C MET A 385 -11.35 -25.10 -5.64
N THR A 386 -11.68 -26.39 -5.75
CA THR A 386 -11.18 -27.37 -4.80
C THR A 386 -9.65 -27.44 -4.84
N ALA A 387 -9.07 -27.48 -6.05
CA ALA A 387 -7.62 -27.53 -6.18
C ALA A 387 -6.99 -26.26 -5.64
N GLY A 388 -7.68 -25.14 -5.77
CA GLY A 388 -7.19 -23.89 -5.20
C GLY A 388 -7.25 -23.88 -3.69
N PHE A 389 -8.21 -24.60 -3.10
CA PHE A 389 -8.33 -24.66 -1.64
C PHE A 389 -7.44 -25.72 -1.01
N SER A 390 -7.04 -26.75 -1.76
CA SER A 390 -6.37 -27.90 -1.19
C SER A 390 -4.85 -27.82 -1.23
N THR A 391 -4.28 -26.72 -1.72
CA THR A 391 -2.84 -26.59 -1.86
C THR A 391 -2.37 -25.25 -1.29
N ILE A 392 -1.06 -25.05 -1.32
CA ILE A 392 -0.45 -23.79 -0.91
C ILE A 392 0.35 -23.24 -2.08
N ALA A 393 1.02 -22.11 -1.86
CA ALA A 393 1.83 -21.47 -2.88
C ALA A 393 3.29 -21.48 -2.44
N GLY A 394 4.19 -21.50 -3.42
CA GLY A 394 5.60 -21.52 -3.11
C GLY A 394 6.07 -20.26 -2.42
N SER A 395 5.34 -19.16 -2.59
CA SER A 395 5.73 -17.89 -1.97
C SER A 395 5.72 -17.98 -0.45
N VAL A 396 4.75 -18.72 0.12
CA VAL A 396 4.61 -18.82 1.57
C VAL A 396 5.23 -20.09 2.12
N LEU A 397 5.85 -20.91 1.28
CA LEU A 397 6.53 -22.11 1.78
C LEU A 397 7.70 -21.73 2.70
N GLY A 398 8.46 -20.70 2.32
CA GLY A 398 9.61 -20.32 3.11
C GLY A 398 9.25 -19.82 4.50
N ALA A 399 8.12 -19.14 4.63
CA ALA A 399 7.68 -18.70 5.94
C ALA A 399 7.38 -19.89 6.85
N TYR A 400 6.63 -20.87 6.34
CA TYR A 400 6.33 -22.06 7.13
C TYR A 400 7.60 -22.82 7.48
N ILE A 401 8.56 -22.89 6.55
CA ILE A 401 9.83 -23.54 6.88
C ILE A 401 10.58 -22.76 7.95
N SER A 402 10.50 -21.43 7.90
CA SER A 402 11.17 -20.61 8.92
C SER A 402 10.54 -20.82 10.29
N PHE A 403 9.23 -21.03 10.35
CA PHE A 403 8.60 -21.30 11.63
C PHE A 403 9.21 -22.53 12.29
N GLY A 404 9.54 -23.54 11.50
CA GLY A 404 10.12 -24.77 12.03
C GLY A 404 9.42 -26.02 11.51
N VAL A 405 8.56 -25.86 10.52
CA VAL A 405 7.82 -26.98 9.95
C VAL A 405 8.70 -27.69 8.94
N SER A 406 8.63 -29.03 8.93
CA SER A 406 9.46 -29.81 8.03
C SER A 406 9.19 -29.45 6.58
N SER A 407 10.28 -29.24 5.83
CA SER A 407 10.15 -28.91 4.42
C SER A 407 9.78 -30.13 3.59
N SER A 408 10.37 -31.29 3.92
CA SER A 408 10.08 -32.51 3.17
C SER A 408 8.60 -32.85 3.25
N HIS A 409 8.02 -32.78 4.45
CA HIS A 409 6.59 -33.06 4.60
C HIS A 409 5.74 -32.06 3.82
N LEU A 410 6.13 -30.78 3.84
CA LEU A 410 5.37 -29.78 3.11
C LEU A 410 5.39 -30.06 1.61
N LEU A 411 6.57 -30.37 1.06
CA LEU A 411 6.66 -30.68 -0.36
C LEU A 411 5.86 -31.93 -0.70
N THR A 412 5.96 -32.97 0.13
CA THR A 412 5.24 -34.20 -0.12
C THR A 412 3.73 -33.97 -0.11
N ALA A 413 3.24 -33.20 0.87
CA ALA A 413 1.81 -32.91 0.93
C ALA A 413 1.36 -32.07 -0.25
N SER A 414 2.17 -31.09 -0.66
CA SER A 414 1.83 -30.28 -1.83
C SER A 414 1.74 -31.15 -3.08
N VAL A 415 2.66 -32.10 -3.23
CA VAL A 415 2.62 -32.97 -4.40
C VAL A 415 1.41 -33.91 -4.34
N MET A 416 1.10 -34.42 -3.15
CA MET A 416 0.02 -35.39 -3.01
C MET A 416 -1.36 -34.75 -2.99
N SER A 417 -1.46 -33.43 -2.84
CA SER A 417 -2.76 -32.79 -2.70
C SER A 417 -3.50 -32.63 -4.03
N ALA A 418 -2.82 -32.80 -5.16
CA ALA A 418 -3.45 -32.58 -6.46
C ALA A 418 -4.36 -33.74 -6.85
N PRO A 419 -3.86 -34.97 -6.91
CA PRO A 419 -4.76 -36.10 -7.20
C PRO A 419 -5.86 -36.24 -6.17
N ALA A 420 -5.57 -35.98 -4.89
CA ALA A 420 -6.61 -36.02 -3.87
C ALA A 420 -7.69 -35.00 -4.16
N ALA A 421 -7.29 -33.78 -4.51
CA ALA A 421 -8.26 -32.74 -4.83
C ALA A 421 -9.13 -33.14 -6.01
N LEU A 422 -8.51 -33.67 -7.07
CA LEU A 422 -9.29 -34.05 -8.24
C LEU A 422 -10.26 -35.20 -7.93
N ALA A 423 -9.80 -36.19 -7.16
CA ALA A 423 -10.66 -37.30 -6.80
C ALA A 423 -11.86 -36.84 -5.97
N ILE A 424 -11.59 -36.03 -4.94
CA ILE A 424 -12.69 -35.56 -4.10
C ILE A 424 -13.62 -34.67 -4.89
N SER A 425 -13.09 -33.87 -5.84
CA SER A 425 -13.96 -33.04 -6.65
C SER A 425 -14.87 -33.88 -7.54
N LYS A 426 -14.29 -34.88 -8.22
CA LYS A 426 -15.09 -35.74 -9.09
C LYS A 426 -16.05 -36.62 -8.33
N LEU A 427 -15.82 -36.85 -7.04
CA LEU A 427 -16.77 -37.61 -6.22
C LEU A 427 -17.82 -36.73 -5.58
N PHE A 428 -17.50 -35.46 -5.33
CA PHE A 428 -18.42 -34.52 -4.69
C PHE A 428 -19.25 -33.74 -5.69
N TRP A 429 -18.84 -33.70 -6.95
CA TRP A 429 -19.57 -33.01 -8.01
C TRP A 429 -19.16 -33.62 -9.35
N PRO A 430 -19.68 -34.78 -9.71
CA PRO A 430 -19.27 -35.43 -10.97
C PRO A 430 -19.77 -34.66 -12.18
N GLU A 431 -19.19 -35.00 -13.32
CA GLU A 431 -19.46 -34.30 -14.58
C GLU A 431 -20.71 -34.89 -15.23
N THR A 432 -21.69 -34.03 -15.52
CA THR A 432 -22.90 -34.42 -16.23
C THR A 432 -23.03 -33.74 -17.58
N GLU A 433 -22.07 -32.90 -17.97
CA GLU A 433 -22.07 -32.21 -19.24
C GLU A 433 -20.92 -32.72 -20.11
N THR A 434 -20.76 -32.10 -21.28
CA THR A 434 -19.72 -32.45 -22.22
C THR A 434 -18.65 -31.36 -22.25
N PRO A 435 -17.38 -31.68 -22.01
CA PRO A 435 -16.35 -30.65 -22.06
C PRO A 435 -16.05 -30.20 -23.48
N LYS A 436 -15.77 -28.89 -23.62
CA LYS A 436 -15.48 -28.28 -24.91
C LYS A 436 -14.00 -28.11 -25.17
N ILE A 437 -13.23 -27.73 -24.17
CA ILE A 437 -11.82 -27.39 -24.35
C ILE A 437 -11.01 -28.67 -24.54
N ASN A 438 -10.02 -28.61 -25.42
CA ASN A 438 -9.19 -29.75 -25.77
C ASN A 438 -7.85 -29.67 -25.06
N LEU A 439 -6.99 -30.66 -25.33
CA LEU A 439 -5.70 -30.74 -24.65
C LEU A 439 -4.76 -29.64 -25.12
N LYS A 440 -4.72 -29.38 -26.43
CA LYS A 440 -3.77 -28.41 -26.97
C LYS A 440 -4.05 -27.01 -26.43
N ASN A 441 -5.32 -26.61 -26.37
CA ASN A 441 -5.65 -25.29 -25.85
C ASN A 441 -5.41 -25.20 -24.35
N ALA A 442 -5.62 -26.30 -23.62
CA ALA A 442 -5.41 -26.28 -22.18
C ALA A 442 -3.94 -26.21 -21.83
N MET A 443 -3.08 -26.91 -22.59
CA MET A 443 -1.67 -26.99 -22.25
C MET A 443 -0.88 -25.76 -22.63
N LYS A 444 -1.41 -24.90 -23.50
CA LYS A 444 -0.74 -23.65 -23.82
C LYS A 444 -1.06 -22.61 -22.75
N MET A 445 -0.02 -21.97 -22.22
CA MET A 445 -0.16 -21.00 -21.13
C MET A 445 0.41 -19.68 -21.62
N GLU A 446 -0.47 -18.71 -21.87
CA GLU A 446 -0.03 -17.39 -22.31
C GLU A 446 0.88 -16.77 -21.25
N SER A 447 2.16 -16.62 -21.57
CA SER A 447 3.11 -16.06 -20.63
C SER A 447 2.86 -14.57 -20.44
N GLY A 448 3.36 -14.04 -19.33
CA GLY A 448 3.16 -12.66 -18.99
C GLY A 448 3.81 -11.73 -20.01
N ASP A 449 3.83 -10.45 -19.64
CA ASP A 449 4.37 -9.39 -20.47
C ASP A 449 5.66 -8.89 -19.81
N SER A 450 6.76 -9.58 -20.06
CA SER A 450 8.07 -9.18 -19.57
C SER A 450 9.07 -9.30 -20.70
N ARG A 451 9.79 -8.21 -20.97
CA ARG A 451 10.74 -8.19 -22.08
C ARG A 451 12.06 -8.87 -21.75
N ASN A 452 12.40 -9.02 -20.46
CA ASN A 452 13.65 -9.65 -20.06
C ASN A 452 13.48 -10.24 -18.67
N LEU A 453 14.56 -10.83 -18.16
CA LEU A 453 14.50 -11.50 -16.86
C LEU A 453 14.38 -10.50 -15.71
N LEU A 454 15.07 -9.36 -15.82
CA LEU A 454 15.06 -8.37 -14.74
C LEU A 454 13.71 -7.67 -14.63
N GLU A 455 13.04 -7.44 -15.76
CA GLU A 455 11.69 -6.90 -15.70
C GLU A 455 10.75 -7.88 -15.02
N ALA A 456 10.90 -9.18 -15.30
CA ALA A 456 10.10 -10.18 -14.59
C ALA A 456 10.39 -10.17 -13.11
N ALA A 457 11.66 -10.02 -12.73
CA ALA A 457 12.00 -9.95 -11.31
C ALA A 457 11.35 -8.74 -10.64
N THR A 458 11.39 -7.58 -11.31
CA THR A 458 10.78 -6.38 -10.74
C THR A 458 9.26 -6.54 -10.62
N GLN A 459 8.63 -7.13 -11.64
CA GLN A 459 7.18 -7.34 -11.59
C GLN A 459 6.80 -8.29 -10.46
N GLY A 460 7.58 -9.36 -10.27
CA GLY A 460 7.31 -10.26 -9.16
C GLY A 460 7.50 -9.60 -7.82
N ALA A 461 8.53 -8.75 -7.71
CA ALA A 461 8.75 -8.01 -6.47
C ALA A 461 7.60 -7.07 -6.17
N SER A 462 7.11 -6.34 -7.17
CA SER A 462 6.04 -5.37 -6.93
C SER A 462 4.75 -6.03 -6.48
N SER A 463 4.41 -7.19 -7.05
CA SER A 463 3.16 -7.85 -6.72
C SER A 463 3.12 -8.36 -5.29
N SER A 464 4.27 -8.49 -4.63
CA SER A 464 4.32 -9.04 -3.28
C SER A 464 3.97 -8.04 -2.20
N ILE A 465 3.80 -6.76 -2.54
CA ILE A 465 3.51 -5.75 -1.52
C ILE A 465 2.15 -6.02 -0.89
N SER A 466 1.12 -6.19 -1.71
CA SER A 466 -0.23 -6.40 -1.19
C SER A 466 -0.32 -7.73 -0.45
N LEU A 467 0.38 -8.75 -0.94
CA LEU A 467 0.36 -10.04 -0.27
C LEU A 467 0.83 -9.93 1.18
N VAL A 468 2.01 -9.34 1.38
CA VAL A 468 2.56 -9.25 2.73
C VAL A 468 1.75 -8.30 3.58
N ALA A 469 1.26 -7.19 2.99
CA ALA A 469 0.43 -6.26 3.74
C ALA A 469 -0.83 -6.95 4.25
N ASN A 470 -1.53 -7.68 3.38
CA ASN A 470 -2.72 -8.39 3.79
C ASN A 470 -2.40 -9.46 4.83
N ILE A 471 -1.30 -10.19 4.65
CA ILE A 471 -0.93 -11.20 5.63
C ILE A 471 -0.77 -10.57 7.01
N ALA A 472 0.00 -9.49 7.09
CA ALA A 472 0.25 -8.86 8.38
C ALA A 472 -1.02 -8.32 9.00
N VAL A 473 -1.83 -7.62 8.22
CA VAL A 473 -3.04 -7.01 8.79
C VAL A 473 -4.03 -8.08 9.22
N ASN A 474 -4.21 -9.12 8.41
CA ASN A 474 -5.11 -10.21 8.78
C ASN A 474 -4.63 -10.92 10.04
N LEU A 475 -3.32 -11.14 10.16
CA LEU A 475 -2.81 -11.77 11.38
C LEU A 475 -3.09 -10.90 12.59
N ILE A 476 -2.87 -9.58 12.47
CA ILE A 476 -3.14 -8.69 13.60
C ILE A 476 -4.60 -8.80 14.01
N ALA A 477 -5.50 -8.68 13.04
CA ALA A 477 -6.93 -8.67 13.36
C ALA A 477 -7.36 -10.01 13.94
N PHE A 478 -6.90 -11.12 13.37
CA PHE A 478 -7.29 -12.43 13.86
C PHE A 478 -6.80 -12.66 15.28
N LEU A 479 -5.56 -12.27 15.58
CA LEU A 479 -5.05 -12.50 16.93
C LEU A 479 -5.74 -11.61 17.94
N ALA A 480 -6.06 -10.37 17.56
CA ALA A 480 -6.84 -9.52 18.47
C ALA A 480 -8.21 -10.11 18.74
N LEU A 481 -8.87 -10.61 17.68
CA LEU A 481 -10.17 -11.25 17.87
C LEU A 481 -10.07 -12.48 18.75
N LEU A 482 -9.00 -13.27 18.57
CA LEU A 482 -8.83 -14.46 19.39
C LEU A 482 -8.67 -14.08 20.86
N SER A 483 -7.86 -13.05 21.14
CA SER A 483 -7.69 -12.62 22.52
C SER A 483 -9.01 -12.15 23.11
N PHE A 484 -9.76 -11.34 22.35
CA PHE A 484 -11.04 -10.85 22.85
C PHE A 484 -12.02 -11.98 23.12
N MET A 485 -12.10 -12.94 22.19
CA MET A 485 -13.03 -14.05 22.35
C MET A 485 -12.65 -14.93 23.54
N ASN A 486 -11.35 -15.19 23.73
CA ASN A 486 -10.93 -15.97 24.88
C ASN A 486 -11.26 -15.24 26.19
N SER A 487 -11.05 -13.93 26.23
CA SER A 487 -11.40 -13.17 27.42
C SER A 487 -12.89 -13.23 27.70
N ALA A 488 -13.70 -13.07 26.65
CA ALA A 488 -15.16 -13.11 26.84
C ALA A 488 -15.62 -14.49 27.30
N LEU A 489 -15.03 -15.55 26.74
CA LEU A 489 -15.40 -16.90 27.15
C LEU A 489 -14.99 -17.18 28.59
N SER A 490 -13.83 -16.66 29.01
CA SER A 490 -13.44 -16.81 30.41
C SER A 490 -14.39 -16.05 31.32
N TRP A 491 -14.82 -14.86 30.89
CA TRP A 491 -15.82 -14.11 31.64
C TRP A 491 -17.10 -14.92 31.80
N LEU A 492 -17.59 -15.51 30.70
CA LEU A 492 -18.79 -16.35 30.77
C LEU A 492 -18.53 -17.59 31.61
N GLY A 493 -17.37 -18.23 31.41
CA GLY A 493 -17.10 -19.47 32.12
C GLY A 493 -17.08 -19.30 33.63
N ASN A 494 -16.56 -18.17 34.10
CA ASN A 494 -16.46 -17.96 35.55
C ASN A 494 -17.81 -18.01 36.24
N MET A 495 -18.91 -17.77 35.51
CA MET A 495 -20.23 -17.84 36.09
C MET A 495 -20.65 -19.27 36.43
N PHE A 496 -19.89 -20.27 35.97
CA PHE A 496 -20.13 -21.67 36.30
C PHE A 496 -18.93 -22.30 37.00
N ASP A 497 -18.06 -21.46 37.59
CA ASP A 497 -16.84 -21.93 38.26
C ASP A 497 -15.91 -22.66 37.29
N TYR A 498 -15.94 -22.27 36.02
CA TYR A 498 -15.07 -22.82 35.00
C TYR A 498 -14.47 -21.68 34.19
N PRO A 499 -13.57 -20.90 34.79
CA PRO A 499 -12.93 -19.80 34.06
C PRO A 499 -11.92 -20.26 33.03
N GLN A 500 -11.68 -21.56 32.91
CA GLN A 500 -10.74 -22.09 31.92
C GLN A 500 -11.35 -22.21 30.53
N LEU A 501 -12.64 -21.91 30.39
CA LEU A 501 -13.28 -22.00 29.08
C LEU A 501 -12.58 -21.11 28.07
N SER A 502 -12.35 -21.65 26.88
CA SER A 502 -11.63 -20.91 25.85
C SER A 502 -11.96 -21.50 24.49
N PHE A 503 -11.52 -20.81 23.44
CA PHE A 503 -11.69 -21.29 22.07
C PHE A 503 -10.96 -22.61 21.87
N GLU A 504 -9.75 -22.73 22.41
CA GLU A 504 -8.99 -23.96 22.26
C GLU A 504 -9.71 -25.14 22.92
N VAL A 505 -10.29 -24.91 24.09
CA VAL A 505 -10.98 -25.99 24.79
C VAL A 505 -12.15 -26.51 23.96
N ILE A 506 -12.94 -25.60 23.39
CA ILE A 506 -14.09 -26.02 22.59
C ILE A 506 -13.61 -26.75 21.34
N CYS A 507 -12.59 -26.24 20.68
CA CYS A 507 -12.10 -26.88 19.46
C CYS A 507 -11.50 -28.25 19.75
N SER A 508 -10.92 -28.44 20.94
CA SER A 508 -10.32 -29.72 21.28
C SER A 508 -11.37 -30.84 21.35
N TYR A 509 -12.65 -30.49 21.51
CA TYR A 509 -13.72 -31.47 21.52
C TYR A 509 -14.52 -31.48 20.23
N VAL A 510 -14.65 -30.33 19.56
CA VAL A 510 -15.45 -30.28 18.33
C VAL A 510 -14.77 -31.04 17.21
N PHE A 511 -13.45 -30.84 17.03
CA PHE A 511 -12.72 -31.41 15.92
C PHE A 511 -11.92 -32.65 16.28
N MET A 512 -12.12 -33.21 17.47
CA MET A 512 -11.36 -34.38 17.90
C MET A 512 -11.64 -35.58 17.02
N PRO A 513 -12.91 -35.87 16.68
CA PRO A 513 -13.18 -37.07 15.86
C PRO A 513 -12.46 -37.05 14.53
N PHE A 514 -12.34 -35.88 13.88
CA PHE A 514 -11.63 -35.81 12.61
C PHE A 514 -10.17 -36.19 12.78
N ALA A 515 -9.53 -35.73 13.85
CA ALA A 515 -8.15 -36.08 14.09
C ALA A 515 -8.01 -37.57 14.42
N PHE A 516 -8.96 -38.12 15.16
CA PHE A 516 -8.87 -39.52 15.54
C PHE A 516 -8.94 -40.43 14.32
N MET A 517 -9.82 -40.12 13.36
CA MET A 517 -9.93 -40.94 12.16
C MET A 517 -8.68 -40.85 11.30
N MET A 518 -7.89 -39.78 11.46
CA MET A 518 -6.65 -39.63 10.73
C MET A 518 -5.51 -40.45 11.31
N GLY A 519 -5.74 -41.17 12.41
CA GLY A 519 -4.74 -42.01 13.01
C GLY A 519 -3.95 -41.40 14.13
N VAL A 520 -4.38 -40.26 14.66
CA VAL A 520 -3.74 -39.66 15.82
C VAL A 520 -4.24 -40.35 17.08
N ASP A 521 -3.33 -40.67 17.99
CA ASP A 521 -3.71 -41.37 19.20
C ASP A 521 -4.69 -40.53 20.03
N TRP A 522 -5.26 -41.16 21.04
CA TRP A 522 -6.31 -40.52 21.82
C TRP A 522 -5.84 -39.22 22.45
N GLN A 523 -4.65 -39.24 23.07
CA GLN A 523 -4.18 -38.06 23.79
C GLN A 523 -3.93 -36.88 22.84
N ASP A 524 -3.22 -37.12 21.75
CA ASP A 524 -2.81 -36.04 20.86
C ASP A 524 -3.92 -35.59 19.92
N SER A 525 -5.03 -36.32 19.85
CA SER A 525 -6.14 -35.90 19.00
C SER A 525 -6.75 -34.60 19.49
N PHE A 526 -6.86 -34.43 20.81
CA PHE A 526 -7.37 -33.18 21.36
C PHE A 526 -6.44 -32.00 21.09
N MET A 527 -5.15 -32.26 20.87
CA MET A 527 -4.21 -31.20 20.53
C MET A 527 -4.20 -30.90 19.04
N VAL A 528 -4.37 -31.91 18.20
CA VAL A 528 -4.49 -31.68 16.77
C VAL A 528 -5.80 -30.97 16.44
N ALA A 529 -6.85 -31.21 17.24
CA ALA A 529 -8.11 -30.54 17.00
C ALA A 529 -7.99 -29.02 17.15
N LYS A 530 -7.17 -28.57 18.09
CA LYS A 530 -6.97 -27.13 18.25
C LYS A 530 -6.35 -26.53 16.98
N LEU A 531 -5.36 -27.21 16.40
CA LEU A 531 -4.77 -26.74 15.16
C LEU A 531 -5.77 -26.77 14.02
N ILE A 532 -6.60 -27.81 13.97
CA ILE A 532 -7.64 -27.88 12.94
C ILE A 532 -8.58 -26.68 13.06
N GLY A 533 -8.99 -26.36 14.29
CA GLY A 533 -9.84 -25.20 14.49
C GLY A 533 -9.16 -23.90 14.09
N TYR A 534 -7.89 -23.75 14.48
CA TYR A 534 -7.13 -22.56 14.09
C TYR A 534 -7.13 -22.40 12.58
N LYS A 535 -6.83 -23.48 11.85
CA LYS A 535 -6.81 -23.40 10.39
C LYS A 535 -8.18 -23.09 9.83
N THR A 536 -9.21 -23.76 10.34
CA THR A 536 -10.56 -23.59 9.80
C THR A 536 -11.05 -22.17 9.98
N PHE A 537 -10.79 -21.56 11.14
CA PHE A 537 -11.46 -20.30 11.46
C PHE A 537 -10.65 -19.05 11.12
N PHE A 538 -9.32 -19.09 11.21
CA PHE A 538 -8.52 -17.91 10.88
C PHE A 538 -7.65 -18.13 9.63
N ASN A 539 -6.70 -19.04 9.69
CA ASN A 539 -5.86 -19.34 8.53
C ASN A 539 -4.84 -20.42 8.88
N GLU A 540 -4.00 -20.80 7.91
CA GLU A 540 -2.97 -21.80 8.14
C GLU A 540 -1.69 -21.22 8.73
N PHE A 541 -1.57 -19.88 8.78
CA PHE A 541 -0.40 -19.28 9.41
C PHE A 541 -0.41 -19.50 10.91
N VAL A 542 -1.54 -19.25 11.56
CA VAL A 542 -1.64 -19.42 13.01
C VAL A 542 -1.44 -20.87 13.39
N ALA A 543 -2.08 -21.78 12.66
CA ALA A 543 -1.95 -23.20 12.96
C ALA A 543 -0.50 -23.65 12.87
N TYR A 544 0.21 -23.19 11.84
CA TYR A 544 1.62 -23.56 11.70
C TYR A 544 2.48 -22.90 12.75
N GLN A 545 2.14 -21.69 13.19
CA GLN A 545 2.85 -21.08 14.30
C GLN A 545 2.70 -21.91 15.58
N GLN A 546 1.47 -22.33 15.88
CA GLN A 546 1.26 -23.18 17.05
C GLN A 546 1.97 -24.51 16.92
N LEU A 547 1.95 -25.09 15.72
CA LEU A 547 2.65 -26.35 15.49
C LEU A 547 4.15 -26.18 15.69
N SER A 548 4.71 -25.04 15.25
CA SER A 548 6.13 -24.77 15.47
C SER A 548 6.41 -24.63 16.96
N LYS A 549 5.53 -23.98 17.70
CA LYS A 549 5.67 -23.93 19.15
C LYS A 549 5.77 -25.34 19.73
N LEU A 550 4.84 -26.20 19.34
CA LEU A 550 4.83 -27.57 19.85
C LEU A 550 6.10 -28.33 19.46
N ILE A 551 6.54 -28.16 18.22
CA ILE A 551 7.74 -28.85 17.76
C ILE A 551 8.95 -28.40 18.56
N SER A 552 9.07 -27.09 18.80
CA SER A 552 10.18 -26.59 19.60
C SER A 552 10.11 -27.13 21.02
N LEU A 553 8.91 -27.17 21.61
CA LEU A 553 8.77 -27.73 22.95
C LEU A 553 9.22 -29.18 22.99
N ARG A 554 8.81 -29.97 22.00
CA ARG A 554 9.26 -31.36 21.94
C ARG A 554 10.78 -31.45 21.79
N GLN A 555 11.36 -30.59 20.94
CA GLN A 555 12.79 -30.65 20.70
C GLN A 555 13.57 -30.29 21.95
N VAL A 556 13.07 -29.35 22.75
CA VAL A 556 13.79 -28.95 23.96
C VAL A 556 14.02 -30.16 24.87
N GLY A 557 12.98 -30.96 25.07
CA GLY A 557 13.09 -32.16 25.87
C GLY A 557 12.55 -32.06 27.28
N GLY A 558 11.88 -30.98 27.63
CA GLY A 558 11.35 -30.80 28.96
C GLY A 558 10.26 -31.81 29.27
N PRO A 559 9.58 -31.63 30.40
CA PRO A 559 8.53 -32.59 30.78
C PRO A 559 7.37 -32.57 29.79
N LYS A 560 6.81 -33.75 29.55
CA LYS A 560 5.67 -33.86 28.65
C LYS A 560 4.37 -33.39 29.31
N PHE A 561 4.29 -33.50 30.63
CA PHE A 561 3.12 -33.05 31.39
C PHE A 561 3.56 -32.16 32.55
N VAL A 562 2.86 -31.06 32.74
CA VAL A 562 3.05 -30.18 33.89
C VAL A 562 1.68 -29.86 34.46
N ASP A 563 1.48 -30.20 35.74
CA ASP A 563 0.20 -29.96 36.42
C ASP A 563 -0.96 -30.60 35.65
N GLY A 564 -0.70 -31.76 35.06
CA GLY A 564 -1.73 -32.48 34.33
C GLY A 564 -2.04 -31.96 32.95
N VAL A 565 -1.25 -31.04 32.42
CA VAL A 565 -1.49 -30.44 31.11
C VAL A 565 -0.40 -30.94 30.16
N GLN A 566 -0.81 -31.52 29.04
CA GLN A 566 0.15 -32.01 28.05
C GLN A 566 0.77 -30.83 27.31
N GLN A 567 2.10 -30.85 27.20
CA GLN A 567 2.85 -29.75 26.59
C GLN A 567 3.19 -29.99 25.13
N TYR A 568 3.53 -31.23 24.76
CA TYR A 568 3.87 -31.54 23.38
C TYR A 568 3.44 -32.97 23.09
N MET A 569 3.42 -33.32 21.81
CA MET A 569 2.96 -34.62 21.34
C MET A 569 4.04 -35.29 20.50
N SER A 570 3.71 -36.46 19.96
CA SER A 570 4.67 -37.27 19.25
C SER A 570 5.02 -36.64 17.90
N MET A 571 6.05 -37.21 17.26
CA MET A 571 6.49 -36.73 15.96
C MET A 571 5.55 -37.18 14.83
N ARG A 572 4.97 -38.38 14.96
CA ARG A 572 4.00 -38.84 13.99
C ARG A 572 2.77 -37.94 13.96
N SER A 573 2.31 -37.52 15.14
CA SER A 573 1.20 -36.57 15.20
C SER A 573 1.58 -35.24 14.58
N GLU A 574 2.82 -34.78 14.77
CA GLU A 574 3.27 -33.56 14.11
C GLU A 574 3.26 -33.70 12.60
N ALA A 575 3.71 -34.84 12.08
CA ALA A 575 3.68 -35.07 10.64
C ALA A 575 2.25 -35.07 10.12
N ILE A 576 1.34 -35.77 10.82
CA ILE A 576 -0.05 -35.81 10.39
C ILE A 576 -0.64 -34.41 10.38
N SER A 577 -0.33 -33.61 11.40
CA SER A 577 -0.82 -32.23 11.42
C SER A 577 -0.24 -31.41 10.27
N THR A 578 1.04 -31.63 9.95
CA THR A 578 1.65 -30.92 8.84
C THR A 578 0.95 -31.26 7.53
N TYR A 579 0.60 -32.52 7.34
CA TYR A 579 -0.11 -32.91 6.13
C TYR A 579 -1.53 -32.35 6.11
N ALA A 580 -2.19 -32.31 7.26
CA ALA A 580 -3.59 -31.88 7.32
C ALA A 580 -3.73 -30.36 7.17
N LEU A 581 -2.74 -29.59 7.62
CA LEU A 581 -2.84 -28.14 7.65
C LEU A 581 -2.35 -27.47 6.38
N CYS A 582 -1.95 -28.23 5.36
CA CYS A 582 -1.40 -27.67 4.14
C CYS A 582 -2.54 -27.35 3.19
N GLY A 583 -3.07 -26.13 3.30
CA GLY A 583 -4.15 -25.69 2.43
C GLY A 583 -4.63 -24.28 2.73
N PHE A 584 -5.17 -23.61 1.71
CA PHE A 584 -5.74 -22.28 1.84
C PHE A 584 -7.24 -22.32 2.10
N ALA A 585 -7.73 -23.37 2.74
CA ALA A 585 -9.16 -23.55 2.96
C ALA A 585 -9.56 -22.85 4.26
N ASN A 586 -10.23 -21.72 4.14
CA ASN A 586 -10.82 -21.06 5.27
C ASN A 586 -12.00 -20.24 4.77
N PHE A 587 -12.86 -19.83 5.71
CA PHE A 587 -14.06 -19.11 5.32
C PHE A 587 -13.71 -17.78 4.68
N GLY A 588 -12.66 -17.14 5.16
CA GLY A 588 -12.23 -15.87 4.59
C GLY A 588 -11.77 -16.02 3.14
N SER A 589 -11.14 -17.14 2.81
CA SER A 589 -10.69 -17.36 1.44
C SER A 589 -11.88 -17.45 0.50
N LEU A 590 -13.04 -17.86 1.02
CA LEU A 590 -14.19 -18.10 0.14
C LEU A 590 -14.56 -16.85 -0.63
N GLY A 591 -14.79 -15.74 0.08
CA GLY A 591 -15.21 -14.52 -0.60
C GLY A 591 -14.18 -14.00 -1.58
N ILE A 592 -12.91 -14.01 -1.20
CA ILE A 592 -11.90 -13.44 -2.09
C ILE A 592 -11.74 -14.32 -3.33
N VAL A 593 -11.81 -15.64 -3.14
CA VAL A 593 -11.78 -16.56 -4.29
C VAL A 593 -12.94 -16.25 -5.22
N ILE A 594 -14.13 -16.07 -4.64
CA ILE A 594 -15.33 -15.80 -5.44
C ILE A 594 -15.18 -14.50 -6.21
N GLY A 595 -14.74 -13.45 -5.54
CA GLY A 595 -14.59 -12.17 -6.20
C GLY A 595 -13.56 -12.22 -7.32
N GLY A 596 -12.41 -12.84 -7.06
CA GLY A 596 -11.40 -12.92 -8.08
C GLY A 596 -11.81 -13.76 -9.28
N LEU A 597 -12.50 -14.88 -9.03
CA LEU A 597 -12.92 -15.75 -10.12
C LEU A 597 -14.04 -15.10 -10.92
N THR A 598 -14.97 -14.42 -10.24
CA THR A 598 -16.00 -13.65 -10.93
C THR A 598 -15.38 -12.53 -11.74
N SER A 599 -14.32 -11.94 -11.21
CA SER A 599 -13.59 -10.92 -11.94
C SER A 599 -12.99 -11.51 -13.21
N MET A 600 -12.35 -12.67 -13.10
CA MET A 600 -11.74 -13.29 -14.27
C MET A 600 -12.79 -13.72 -15.27
N ALA A 601 -13.92 -14.24 -14.78
CA ALA A 601 -15.01 -14.76 -15.61
C ALA A 601 -16.33 -14.14 -15.18
N PRO A 602 -16.60 -12.89 -15.57
CA PRO A 602 -17.86 -12.26 -15.12
C PRO A 602 -19.10 -13.05 -15.49
N SER A 603 -19.09 -13.72 -16.65
CA SER A 603 -20.30 -14.37 -17.14
C SER A 603 -20.69 -15.59 -16.31
N ARG A 604 -19.79 -16.11 -15.48
CA ARG A 604 -20.05 -17.31 -14.70
C ARG A 604 -20.30 -17.00 -13.23
N LYS A 605 -20.61 -15.75 -12.90
CA LYS A 605 -20.79 -15.37 -11.50
C LYS A 605 -21.83 -16.24 -10.80
N ARG A 606 -22.92 -16.56 -11.50
CA ARG A 606 -23.97 -17.37 -10.89
C ARG A 606 -23.46 -18.76 -10.54
N ASP A 607 -22.67 -19.36 -11.44
CA ASP A 607 -22.15 -20.71 -11.18
C ASP A 607 -21.04 -20.69 -10.15
N ILE A 608 -20.21 -19.65 -10.15
CA ILE A 608 -19.08 -19.59 -9.22
C ILE A 608 -19.57 -19.59 -7.78
N THR A 609 -20.59 -18.78 -7.48
CA THR A 609 -21.09 -18.65 -6.11
C THR A 609 -21.73 -19.94 -5.61
N ALA A 610 -22.14 -20.84 -6.50
CA ALA A 610 -22.90 -22.01 -6.08
C ALA A 610 -22.02 -23.14 -5.58
N GLY A 611 -20.79 -23.24 -6.08
CA GLY A 611 -19.93 -24.37 -5.75
C GLY A 611 -18.79 -24.07 -4.81
N ALA A 612 -18.69 -22.82 -4.34
CA ALA A 612 -17.52 -22.43 -3.56
C ALA A 612 -17.47 -23.17 -2.22
N MET A 613 -18.60 -23.30 -1.55
CA MET A 613 -18.61 -23.98 -0.24
C MET A 613 -18.28 -25.46 -0.40
N ARG A 614 -18.86 -26.11 -1.40
CA ARG A 614 -18.53 -27.51 -1.64
C ARG A 614 -17.06 -27.67 -2.00
N ALA A 615 -16.50 -26.73 -2.75
CA ALA A 615 -15.08 -26.78 -3.08
C ALA A 615 -14.23 -26.64 -1.82
N LEU A 616 -14.62 -25.74 -0.91
CA LEU A 616 -13.88 -25.59 0.34
C LEU A 616 -13.92 -26.89 1.16
N ILE A 617 -15.10 -27.49 1.28
CA ILE A 617 -15.23 -28.73 2.03
C ILE A 617 -14.43 -29.85 1.37
N ALA A 618 -14.44 -29.89 0.04
CA ALA A 618 -13.66 -30.89 -0.68
C ALA A 618 -12.17 -30.69 -0.46
N GLY A 619 -11.70 -29.45 -0.43
CA GLY A 619 -10.29 -29.20 -0.14
C GLY A 619 -9.92 -29.68 1.25
N THR A 620 -10.76 -29.40 2.23
CA THR A 620 -10.51 -29.90 3.58
C THR A 620 -10.45 -31.42 3.59
N ILE A 621 -11.39 -32.08 2.90
CA ILE A 621 -11.43 -33.54 2.89
C ILE A 621 -10.19 -34.10 2.20
N ALA A 622 -9.72 -33.43 1.15
CA ALA A 622 -8.51 -33.89 0.47
C ALA A 622 -7.29 -33.77 1.36
N CYS A 623 -7.17 -32.66 2.09
CA CYS A 623 -6.08 -32.53 3.05
C CYS A 623 -6.15 -33.64 4.09
N PHE A 624 -7.35 -33.93 4.58
CA PHE A 624 -7.49 -34.99 5.57
C PHE A 624 -7.15 -36.36 5.00
N LEU A 625 -7.47 -36.61 3.73
CA LEU A 625 -7.10 -37.88 3.11
C LEU A 625 -5.59 -38.01 2.97
N THR A 626 -4.92 -36.93 2.56
CA THR A 626 -3.46 -36.94 2.53
C THR A 626 -2.91 -37.26 3.92
N ALA A 627 -3.48 -36.65 4.95
CA ALA A 627 -3.05 -36.92 6.31
C ALA A 627 -3.29 -38.38 6.69
N CYS A 628 -4.42 -38.94 6.26
CA CYS A 628 -4.71 -40.34 6.57
C CYS A 628 -3.68 -41.27 5.94
N ILE A 629 -3.33 -41.02 4.67
CA ILE A 629 -2.33 -41.85 4.02
C ILE A 629 -0.98 -41.71 4.72
N ALA A 630 -0.58 -40.48 5.03
CA ALA A 630 0.67 -40.27 5.75
C ALA A 630 0.68 -41.01 7.08
N GLY A 631 -0.43 -40.96 7.81
CA GLY A 631 -0.50 -41.63 9.09
C GLY A 631 -0.45 -43.15 8.97
N MET A 632 -1.11 -43.70 7.96
CA MET A 632 -1.08 -45.15 7.78
C MET A 632 0.26 -45.63 7.27
N LEU A 633 1.08 -44.76 6.67
CA LEU A 633 2.40 -45.16 6.20
C LEU A 633 3.52 -44.84 7.17
N THR A 634 3.26 -44.09 8.24
CA THR A 634 4.29 -43.76 9.21
C THR A 634 4.21 -44.68 10.42
N ASN A 635 5.39 -45.03 10.96
CA ASN A 635 5.49 -45.90 12.11
C ASN A 635 5.48 -45.10 13.41
N THR A 636 5.25 -45.81 14.51
CA THR A 636 5.21 -45.18 15.83
C THR A 636 6.60 -45.24 16.47
N PRO A 637 7.20 -44.09 16.83
CA PRO A 637 8.51 -44.12 17.49
C PRO A 637 8.42 -44.47 18.97
N GLU B 105 -33.25 42.00 3.60
CA GLU B 105 -31.81 41.86 3.47
C GLU B 105 -31.25 42.85 2.45
N ARG B 106 -31.67 44.11 2.58
CA ARG B 106 -31.18 45.15 1.67
C ARG B 106 -29.68 45.34 1.81
N MET B 107 -29.17 45.23 3.05
CA MET B 107 -27.73 45.39 3.26
C MET B 107 -26.94 44.34 2.50
N CYS B 108 -27.43 43.09 2.49
CA CYS B 108 -26.73 42.03 1.76
C CYS B 108 -26.71 42.33 0.26
N GLY B 109 -27.82 42.80 -0.29
CA GLY B 109 -27.85 43.14 -1.71
C GLY B 109 -26.92 44.29 -2.03
N ARG B 110 -26.88 45.31 -1.17
CA ARG B 110 -25.96 46.42 -1.38
C ARG B 110 -24.51 45.94 -1.34
N MET B 111 -24.18 45.06 -0.39
CA MET B 111 -22.82 44.54 -0.30
C MET B 111 -22.47 43.74 -1.54
N SER B 112 -23.40 42.91 -2.03
CA SER B 112 -23.14 42.13 -3.23
C SER B 112 -22.93 43.05 -4.43
N ASP B 113 -23.75 44.09 -4.55
CA ASP B 113 -23.61 45.03 -5.66
C ASP B 113 -22.25 45.74 -5.60
N PHE B 114 -21.85 46.18 -4.39
CA PHE B 114 -20.56 46.83 -4.25
C PHE B 114 -19.41 45.89 -4.61
N CYS B 115 -19.50 44.64 -4.17
CA CYS B 115 -18.45 43.68 -4.49
C CYS B 115 -18.37 43.45 -6.00
N ARG B 116 -19.52 43.31 -6.66
CA ARG B 116 -19.51 43.04 -8.09
C ARG B 116 -19.04 44.25 -8.89
N GLU B 117 -19.38 45.47 -8.45
CA GLU B 117 -19.07 46.65 -9.24
C GLU B 117 -17.56 46.88 -9.35
N HIS B 118 -16.84 46.74 -8.24
CA HIS B 118 -15.40 47.05 -8.17
C HIS B 118 -14.62 45.86 -7.63
N LYS B 119 -14.89 44.67 -8.20
CA LYS B 119 -14.15 43.49 -7.78
C LYS B 119 -12.66 43.61 -8.10
N THR B 120 -12.35 44.14 -9.29
CA THR B 120 -10.94 44.26 -9.68
C THR B 120 -10.18 45.22 -8.79
N THR B 121 -10.80 46.36 -8.45
CA THR B 121 -10.11 47.38 -7.66
C THR B 121 -9.99 47.01 -6.18
N LEU B 122 -10.68 45.97 -5.73
CA LEU B 122 -10.64 45.55 -4.33
C LEU B 122 -9.53 44.54 -4.07
N ARG B 123 -9.49 43.47 -4.85
CA ARG B 123 -8.44 42.46 -4.68
C ARG B 123 -7.07 43.04 -4.99
N TYR B 124 -6.99 43.92 -5.99
CA TYR B 124 -5.73 44.57 -6.30
C TYR B 124 -5.26 45.43 -5.13
N ILE B 125 -6.18 46.15 -4.49
CA ILE B 125 -5.81 46.96 -3.34
C ILE B 125 -5.34 46.06 -2.19
N ILE B 126 -6.02 44.93 -1.97
CA ILE B 126 -5.62 44.02 -0.91
C ILE B 126 -4.20 43.51 -1.16
N TRP B 127 -3.93 43.10 -2.40
CA TRP B 127 -2.59 42.61 -2.75
C TRP B 127 -1.56 43.72 -2.58
N GLY B 128 -1.89 44.94 -2.99
CA GLY B 128 -0.99 46.06 -2.78
C GLY B 128 -0.68 46.29 -1.32
N ILE B 129 -1.70 46.17 -0.47
CA ILE B 129 -1.48 46.34 0.97
C ILE B 129 -0.56 45.26 1.50
N LEU B 130 -0.76 44.02 1.07
CA LEU B 130 0.12 42.94 1.51
C LEU B 130 1.56 43.19 1.06
N ILE B 131 1.74 43.62 -0.19
CA ILE B 131 3.09 43.90 -0.70
C ILE B 131 3.71 45.03 0.11
N ALA B 132 2.93 46.07 0.41
CA ALA B 132 3.45 47.18 1.20
C ALA B 132 3.86 46.72 2.59
N GLY B 133 3.07 45.83 3.20
CA GLY B 133 3.46 45.29 4.49
C GLY B 133 4.76 44.52 4.43
N TYR B 134 4.92 43.67 3.42
CA TYR B 134 6.16 42.93 3.27
C TYR B 134 7.35 43.87 3.09
N LEU B 135 7.19 44.88 2.23
CA LEU B 135 8.28 45.83 2.01
C LEU B 135 8.60 46.60 3.28
N ALA B 136 7.58 46.96 4.05
CA ALA B 136 7.81 47.64 5.33
C ALA B 136 8.61 46.75 6.27
N LEU B 137 8.26 45.47 6.35
CA LEU B 137 9.01 44.54 7.19
C LEU B 137 10.47 44.48 6.73
N VAL B 138 10.69 44.37 5.43
CA VAL B 138 12.06 44.24 4.91
C VAL B 138 12.87 45.49 5.23
N ILE B 139 12.29 46.66 4.98
CA ILE B 139 13.03 47.91 5.20
C ILE B 139 13.29 48.12 6.69
N ALA B 140 12.33 47.77 7.54
CA ALA B 140 12.55 47.89 8.99
C ALA B 140 13.67 46.97 9.43
N ALA B 141 13.68 45.72 8.94
CA ALA B 141 14.76 44.80 9.29
C ALA B 141 16.11 45.34 8.82
N CYS B 142 16.16 45.90 7.61
CA CYS B 142 17.41 46.49 7.13
C CYS B 142 17.84 47.66 8.00
N VAL B 143 16.89 48.51 8.40
CA VAL B 143 17.23 49.67 9.23
C VAL B 143 17.80 49.23 10.57
N MET B 144 17.16 48.25 11.21
CA MET B 144 17.64 47.80 12.52
C MET B 144 19.03 47.21 12.40
N ASN B 145 19.29 46.42 11.37
CA ASN B 145 20.61 45.86 11.13
C ASN B 145 20.67 45.37 9.69
N PHE B 146 21.63 45.90 8.92
CA PHE B 146 21.69 45.60 7.50
C PHE B 146 22.41 44.28 7.24
N HIS B 147 23.54 44.05 7.91
CA HIS B 147 24.30 42.83 7.68
C HIS B 147 23.48 41.60 8.02
N ARG B 148 22.70 41.66 9.10
CA ARG B 148 21.89 40.52 9.52
C ARG B 148 20.73 40.25 8.57
N ALA B 149 20.24 41.29 7.90
CA ALA B 149 19.09 41.18 7.02
C ALA B 149 19.47 41.12 5.54
N LEU B 150 20.76 40.93 5.23
CA LEU B 150 21.21 40.97 3.84
C LEU B 150 20.50 39.93 2.96
N PRO B 151 20.43 38.65 3.33
CA PRO B 151 19.81 37.68 2.42
C PRO B 151 18.36 37.99 2.08
N LEU B 152 17.59 38.51 3.04
CA LEU B 152 16.22 38.89 2.76
C LEU B 152 16.16 40.00 1.72
N PHE B 153 17.05 40.99 1.86
CA PHE B 153 17.12 42.07 0.88
C PHE B 153 17.48 41.54 -0.50
N VAL B 154 18.44 40.60 -0.56
CA VAL B 154 18.85 40.04 -1.85
C VAL B 154 17.69 39.30 -2.50
N ILE B 155 16.97 38.49 -1.70
CA ILE B 155 15.83 37.74 -2.24
C ILE B 155 14.77 38.70 -2.77
N THR B 156 14.46 39.75 -1.99
CA THR B 156 13.47 40.71 -2.44
C THR B 156 13.91 41.40 -3.72
N VAL B 157 15.18 41.78 -3.81
CA VAL B 157 15.68 42.47 -5.00
C VAL B 157 15.57 41.57 -6.22
N VAL B 158 15.99 40.32 -6.10
CA VAL B 158 15.95 39.42 -7.25
C VAL B 158 14.51 39.14 -7.66
N ALA B 159 13.61 38.97 -6.70
CA ALA B 159 12.21 38.75 -7.04
C ALA B 159 11.63 39.94 -7.77
N ILE B 160 11.91 41.15 -7.28
CA ILE B 160 11.41 42.36 -7.94
C ILE B 160 11.97 42.46 -9.35
N PHE B 161 13.27 42.20 -9.51
CA PHE B 161 13.88 42.29 -10.83
C PHE B 161 13.22 41.32 -11.79
N PHE B 162 13.01 40.06 -11.36
CA PHE B 162 12.41 39.08 -12.25
C PHE B 162 10.96 39.43 -12.58
N VAL B 163 10.21 39.93 -11.61
CA VAL B 163 8.82 40.31 -11.87
C VAL B 163 8.78 41.43 -12.92
N VAL B 164 9.61 42.45 -12.74
CA VAL B 164 9.63 43.56 -13.69
C VAL B 164 10.08 43.07 -15.06
N TRP B 165 11.10 42.20 -15.10
CA TRP B 165 11.57 41.68 -16.38
C TRP B 165 10.47 40.93 -17.11
N ASP B 166 9.76 40.05 -16.41
CA ASP B 166 8.68 39.30 -17.04
C ASP B 166 7.59 40.23 -17.54
N HIS B 167 7.23 41.23 -16.73
CA HIS B 167 6.21 42.18 -17.16
C HIS B 167 6.63 42.91 -18.43
N LEU B 168 7.88 43.38 -18.48
CA LEU B 168 8.36 44.12 -19.64
C LEU B 168 8.40 43.23 -20.87
N MET B 169 8.89 42.00 -20.72
CA MET B 169 8.96 41.11 -21.87
C MET B 169 7.58 40.74 -22.38
N ALA B 170 6.60 40.58 -21.49
CA ALA B 170 5.25 40.28 -21.94
C ALA B 170 4.61 41.49 -22.61
N LYS B 171 4.91 42.69 -22.13
CA LYS B 171 4.28 43.89 -22.67
C LYS B 171 4.90 44.30 -24.01
N TYR B 172 6.23 44.43 -24.05
CA TYR B 172 6.93 45.00 -25.19
C TYR B 172 7.61 43.93 -26.06
N GLU B 173 6.97 42.78 -26.25
CA GLU B 173 7.59 41.72 -27.05
C GLU B 173 7.73 42.15 -28.51
N SER B 174 6.66 42.68 -29.10
CA SER B 174 6.69 43.03 -30.51
C SER B 174 7.71 44.13 -30.78
N GLN B 175 7.76 45.15 -29.92
CA GLN B 175 8.72 46.24 -30.13
C GLN B 175 10.14 45.73 -30.07
N ILE B 176 10.44 44.85 -29.11
CA ILE B 176 11.79 44.29 -28.99
C ILE B 176 12.11 43.45 -30.22
N ALA B 177 11.16 42.65 -30.69
CA ALA B 177 11.41 41.84 -31.88
C ALA B 177 11.72 42.73 -33.08
N ARG B 178 10.93 43.78 -33.26
CA ARG B 178 11.16 44.69 -34.38
C ARG B 178 12.51 45.38 -34.24
N PHE B 179 12.90 45.73 -33.02
CA PHE B 179 14.19 46.38 -32.81
C PHE B 179 15.35 45.43 -33.09
N LEU B 180 15.17 44.14 -32.81
CA LEU B 180 16.21 43.15 -33.08
C LEU B 180 16.20 42.67 -34.52
N SER B 181 15.15 42.96 -35.29
CA SER B 181 15.09 42.44 -36.66
C SER B 181 16.25 42.90 -37.52
N PRO B 182 16.60 44.20 -37.59
CA PRO B 182 17.65 44.61 -38.54
C PRO B 182 18.97 43.90 -38.32
N GLY B 183 19.37 43.70 -37.07
CA GLY B 183 20.63 43.01 -36.81
C GLY B 183 20.62 41.59 -37.32
N GLN B 184 19.49 40.90 -37.17
CA GLN B 184 19.37 39.55 -37.69
C GLN B 184 19.51 39.54 -39.21
N ARG B 185 18.92 40.52 -39.88
CA ARG B 185 19.05 40.60 -41.34
C ARG B 185 20.49 40.84 -41.75
N LEU B 186 21.19 41.74 -41.07
CA LEU B 186 22.59 42.00 -41.40
C LEU B 186 23.44 40.75 -41.17
N LEU B 187 23.20 40.06 -40.05
CA LEU B 187 23.95 38.85 -39.76
C LEU B 187 23.67 37.77 -40.80
N ASP B 188 22.41 37.62 -41.20
CA ASP B 188 22.08 36.65 -42.25
C ASP B 188 22.72 37.03 -43.58
N SER B 189 22.89 38.32 -43.83
CA SER B 189 23.53 38.76 -45.08
C SER B 189 25.01 38.43 -45.07
N HIS B 190 25.69 38.64 -43.95
CA HIS B 190 27.14 38.42 -43.86
C HIS B 190 27.51 37.02 -43.37
N TRP B 191 26.53 36.16 -43.08
CA TRP B 191 26.83 34.86 -42.50
C TRP B 191 27.63 33.97 -43.43
N PHE B 192 27.34 34.02 -44.74
CA PHE B 192 27.97 33.07 -45.65
C PHE B 192 29.48 33.13 -45.58
N TRP B 193 30.04 34.27 -45.17
CA TRP B 193 31.47 34.40 -44.98
C TRP B 193 31.89 34.56 -43.52
N LEU B 194 30.99 34.99 -42.62
CA LEU B 194 31.34 35.10 -41.21
C LEU B 194 31.34 33.76 -40.49
N LYS B 195 30.64 32.75 -41.03
CA LYS B 195 30.56 31.47 -40.35
C LYS B 195 31.92 30.81 -40.25
N TRP B 196 32.72 30.88 -41.32
CA TRP B 196 34.05 30.27 -41.29
C TRP B 196 34.93 30.95 -40.25
N VAL B 197 34.86 32.28 -40.16
CA VAL B 197 35.66 33.00 -39.17
C VAL B 197 35.25 32.57 -37.76
N ILE B 198 33.94 32.51 -37.50
CA ILE B 198 33.49 32.14 -36.16
C ILE B 198 33.91 30.72 -35.82
N TRP B 199 33.75 29.78 -36.76
CA TRP B 199 34.11 28.40 -36.51
C TRP B 199 35.61 28.26 -36.27
N GLY B 200 36.43 28.97 -37.06
CA GLY B 200 37.86 28.93 -36.84
C GLY B 200 38.25 29.49 -35.49
N CYS B 201 37.60 30.58 -35.08
CA CYS B 201 37.88 31.13 -33.75
C CYS B 201 37.54 30.13 -32.66
N LEU B 202 36.39 29.45 -32.78
CA LEU B 202 36.02 28.45 -31.77
C LEU B 202 37.01 27.30 -31.74
N ILE B 203 37.43 26.82 -32.92
CA ILE B 203 38.37 25.70 -32.96
C ILE B 203 39.71 26.11 -32.36
N LEU B 204 40.17 27.32 -32.68
CA LEU B 204 41.42 27.80 -32.10
C LEU B 204 41.31 27.91 -30.59
N GLY B 205 40.17 28.37 -30.10
CA GLY B 205 39.97 28.44 -28.65
C GLY B 205 40.01 27.06 -28.01
N VAL B 206 39.39 26.07 -28.66
CA VAL B 206 39.43 24.71 -28.14
C VAL B 206 40.86 24.20 -28.08
N ILE B 207 41.61 24.42 -29.16
CA ILE B 207 42.99 23.94 -29.21
C ILE B 207 43.83 24.61 -28.14
N LEU B 208 43.69 25.92 -27.98
CA LEU B 208 44.45 26.64 -26.97
C LEU B 208 44.10 26.17 -25.57
N TRP B 209 42.80 25.98 -25.28
CA TRP B 209 42.41 25.49 -23.97
C TRP B 209 43.01 24.12 -23.71
N LEU B 210 42.93 23.21 -24.70
CA LEU B 210 43.57 21.92 -24.55
C LEU B 210 45.04 22.10 -24.18
N VAL B 211 45.80 22.73 -25.07
CA VAL B 211 47.25 22.79 -24.92
C VAL B 211 47.63 23.39 -23.58
N PHE B 212 46.97 24.47 -23.17
CA PHE B 212 47.45 25.26 -22.04
C PHE B 212 46.78 24.92 -20.71
N ASP B 213 45.74 24.09 -20.69
CA ASP B 213 45.16 23.63 -19.44
C ASP B 213 45.10 22.12 -19.31
N THR B 214 44.57 21.42 -20.32
CA THR B 214 44.32 19.99 -20.17
C THR B 214 45.63 19.22 -20.18
N ALA B 215 46.56 19.62 -21.04
CA ALA B 215 47.89 19.00 -21.04
C ALA B 215 48.62 19.28 -19.73
N LYS B 216 48.43 20.46 -19.15
CA LYS B 216 49.04 20.75 -17.86
C LYS B 216 48.47 19.88 -16.76
N LEU B 217 47.15 19.66 -16.78
CA LEU B 217 46.52 18.88 -15.72
C LEU B 217 47.04 17.45 -15.71
N GLY B 218 47.19 16.84 -16.87
CA GLY B 218 47.76 15.51 -16.97
C GLY B 218 47.22 14.76 -18.17
N GLN B 219 47.53 13.46 -18.19
CA GLN B 219 47.12 12.59 -19.29
C GLN B 219 45.65 12.23 -19.19
N GLN B 220 45.14 12.04 -17.97
CA GLN B 220 43.79 11.53 -17.81
C GLN B 220 42.75 12.50 -18.38
N GLN B 221 43.03 13.80 -18.34
CA GLN B 221 42.08 14.76 -18.90
C GLN B 221 42.05 14.68 -20.42
N LEU B 222 43.22 14.53 -21.05
CA LEU B 222 43.25 14.28 -22.49
C LEU B 222 42.53 12.99 -22.83
N VAL B 223 42.65 11.98 -21.98
CA VAL B 223 41.91 10.74 -22.20
C VAL B 223 40.41 10.98 -22.07
N SER B 224 40.01 11.85 -21.15
CA SER B 224 38.59 12.20 -21.05
C SER B 224 38.09 12.87 -22.31
N PHE B 225 38.88 13.79 -22.88
CA PHE B 225 38.50 14.44 -24.12
C PHE B 225 38.41 13.42 -25.26
N GLY B 226 39.39 12.52 -25.35
CA GLY B 226 39.33 11.47 -26.34
C GLY B 226 38.13 10.56 -26.16
N GLY B 227 37.76 10.28 -24.91
CA GLY B 227 36.58 9.48 -24.66
C GLY B 227 35.30 10.18 -25.08
N LEU B 228 35.23 11.49 -24.84
CA LEU B 228 34.10 12.27 -25.34
C LEU B 228 33.99 12.17 -26.85
N ILE B 229 35.11 12.35 -27.54
CA ILE B 229 35.12 12.24 -29.00
C ILE B 229 34.68 10.84 -29.42
N ILE B 230 35.17 9.81 -28.74
CA ILE B 230 34.86 8.44 -29.10
C ILE B 230 33.38 8.14 -28.89
N TYR B 231 32.82 8.60 -27.77
CA TYR B 231 31.40 8.38 -27.52
C TYR B 231 30.55 9.08 -28.58
N THR B 232 30.91 10.30 -28.95
CA THR B 232 30.15 10.99 -29.99
C THR B 232 30.26 10.25 -31.32
N SER B 233 31.46 9.78 -31.66
CA SER B 233 31.65 9.04 -32.91
C SER B 233 30.85 7.75 -32.93
N LEU B 234 30.84 7.01 -31.81
CA LEU B 234 30.07 5.78 -31.74
C LEU B 234 28.58 6.05 -31.83
N THR B 235 28.12 7.14 -31.21
CA THR B 235 26.71 7.51 -31.33
C THR B 235 26.35 7.84 -32.76
N PHE B 236 27.24 8.51 -33.48
CA PHE B 236 26.96 8.83 -34.89
C PHE B 236 26.99 7.59 -35.76
N LEU B 237 27.94 6.68 -35.52
CA LEU B 237 28.09 5.52 -36.38
C LEU B 237 26.86 4.62 -36.35
N PHE B 238 26.31 4.37 -35.16
CA PHE B 238 25.13 3.53 -35.01
C PHE B 238 23.84 4.34 -35.03
N SER B 239 23.83 5.48 -35.73
CA SER B 239 22.65 6.32 -35.75
C SER B 239 21.55 5.69 -36.59
N LYS B 240 20.31 6.06 -36.26
CA LYS B 240 19.16 5.56 -37.03
C LYS B 240 19.18 6.06 -38.46
N HIS B 241 19.48 7.35 -38.65
CA HIS B 241 19.56 7.98 -39.97
C HIS B 241 20.86 8.76 -40.04
N PRO B 242 21.98 8.08 -40.30
CA PRO B 242 23.28 8.78 -40.31
C PRO B 242 23.36 9.91 -41.33
N THR B 243 22.53 9.87 -42.37
CA THR B 243 22.58 10.88 -43.43
C THR B 243 21.62 12.03 -43.20
N LYS B 244 20.82 11.99 -42.13
CA LYS B 244 19.86 13.03 -41.81
C LYS B 244 20.24 13.75 -40.51
N VAL B 245 21.53 13.87 -40.23
CA VAL B 245 22.00 14.42 -38.97
C VAL B 245 22.04 15.94 -39.04
N TYR B 246 21.39 16.60 -38.09
CA TYR B 246 21.48 18.04 -37.91
C TYR B 246 22.51 18.30 -36.81
N TRP B 247 23.65 18.88 -37.18
CA TRP B 247 24.79 18.98 -36.28
C TRP B 247 24.76 20.18 -35.36
N ARG B 248 23.82 21.11 -35.57
CA ARG B 248 23.74 22.27 -34.68
C ARG B 248 23.45 21.86 -33.24
N PRO B 249 22.42 21.06 -32.95
CA PRO B 249 22.15 20.73 -31.53
C PRO B 249 23.26 19.97 -30.85
N VAL B 250 23.97 19.10 -31.57
CA VAL B 250 25.03 18.31 -30.94
C VAL B 250 26.15 19.22 -30.43
N PHE B 251 26.66 20.07 -31.32
CA PHE B 251 27.73 20.98 -30.93
C PHE B 251 27.26 21.97 -29.88
N TRP B 252 26.03 22.46 -30.01
CA TRP B 252 25.54 23.44 -29.04
C TRP B 252 25.36 22.82 -27.66
N GLY B 253 24.87 21.58 -27.60
CA GLY B 253 24.72 20.91 -26.31
C GLY B 253 26.06 20.62 -25.67
N ILE B 254 27.02 20.13 -26.45
CA ILE B 254 28.36 19.89 -25.91
C ILE B 254 28.97 21.19 -25.40
N GLY B 255 28.78 22.27 -26.17
CA GLY B 255 29.33 23.56 -25.75
C GLY B 255 28.67 24.10 -24.50
N LEU B 256 27.35 23.93 -24.37
CA LEU B 256 26.67 24.35 -23.15
C LEU B 256 27.16 23.55 -21.95
N GLN B 257 27.37 22.24 -22.12
CA GLN B 257 27.96 21.45 -21.05
C GLN B 257 29.33 21.98 -20.66
N PHE B 258 30.17 22.28 -21.66
CA PHE B 258 31.51 22.77 -21.36
C PHE B 258 31.46 24.11 -20.65
N LEU B 259 30.56 25.00 -21.07
CA LEU B 259 30.44 26.30 -20.42
C LEU B 259 29.96 26.16 -18.97
N LEU B 260 28.97 25.29 -18.74
CA LEU B 260 28.53 25.04 -17.37
C LEU B 260 29.66 24.49 -16.53
N GLY B 261 30.43 23.55 -17.08
CA GLY B 261 31.56 23.02 -16.34
C GLY B 261 32.58 24.09 -15.98
N LEU B 262 32.91 24.94 -16.95
CA LEU B 262 33.84 26.03 -16.68
C LEU B 262 33.31 26.94 -15.59
N LEU B 263 32.03 27.31 -15.68
CA LEU B 263 31.46 28.25 -14.72
C LEU B 263 31.45 27.67 -13.31
N ILE B 264 31.09 26.39 -13.18
CA ILE B 264 30.82 25.82 -11.86
C ILE B 264 32.08 25.23 -11.23
N LEU B 265 32.93 24.56 -12.01
CA LEU B 265 34.07 23.85 -11.48
C LEU B 265 35.36 24.65 -11.52
N ARG B 266 35.42 25.72 -12.33
CA ARG B 266 36.67 26.43 -12.57
C ARG B 266 36.59 27.91 -12.21
N THR B 267 35.53 28.34 -11.54
CA THR B 267 35.40 29.72 -11.10
C THR B 267 34.91 29.76 -9.67
N GLU B 268 35.45 30.68 -8.88
CA GLU B 268 35.03 30.81 -7.49
C GLU B 268 33.56 31.17 -7.36
N PRO B 269 33.01 32.11 -8.14
CA PRO B 269 31.57 32.41 -7.99
C PRO B 269 30.68 31.18 -8.12
N GLY B 270 30.80 30.44 -9.20
CA GLY B 270 29.94 29.27 -9.40
C GLY B 270 30.20 28.18 -8.38
N PHE B 271 31.47 27.94 -8.06
CA PHE B 271 31.80 26.94 -7.06
C PHE B 271 31.16 27.26 -5.72
N MET B 272 31.30 28.51 -5.27
CA MET B 272 30.68 28.92 -4.01
C MET B 272 29.17 28.83 -4.09
N ALA B 273 28.59 29.26 -5.21
CA ALA B 273 27.13 29.24 -5.34
C ALA B 273 26.58 27.84 -5.22
N PHE B 274 27.20 26.87 -5.92
CA PHE B 274 26.70 25.51 -5.88
C PHE B 274 27.04 24.79 -4.59
N ASP B 275 28.16 25.12 -3.94
CA ASP B 275 28.42 24.58 -2.62
C ASP B 275 27.38 25.06 -1.63
N TRP B 276 27.03 26.35 -1.68
CA TRP B 276 25.97 26.88 -0.83
C TRP B 276 24.64 26.20 -1.13
N LEU B 277 24.33 26.03 -2.42
CA LEU B 277 23.07 25.41 -2.80
C LEU B 277 22.98 23.98 -2.28
N GLY B 278 24.07 23.23 -2.37
CA GLY B 278 24.07 21.88 -1.83
C GLY B 278 23.97 21.87 -0.31
N LYS B 279 24.65 22.80 0.35
CA LYS B 279 24.56 22.88 1.81
C LYS B 279 23.16 23.22 2.27
N GLN B 280 22.39 23.96 1.46
CA GLN B 280 21.01 24.24 1.83
C GLN B 280 20.14 23.00 1.77
N VAL B 281 20.43 22.08 0.84
CA VAL B 281 19.65 20.84 0.74
C VAL B 281 19.90 19.95 1.95
N GLN B 282 21.15 19.90 2.42
CA GLN B 282 21.46 19.11 3.60
C GLN B 282 20.69 19.60 4.82
N THR B 283 20.60 20.91 5.00
CA THR B 283 19.79 21.46 6.07
C THR B 283 18.30 21.15 5.85
N PHE B 284 17.86 21.17 4.60
CA PHE B 284 16.44 20.99 4.31
C PHE B 284 15.98 19.55 4.52
N LEU B 285 16.87 18.58 4.32
CA LEU B 285 16.49 17.18 4.47
C LEU B 285 16.48 16.72 5.93
N GLY B 286 16.87 17.58 6.86
CA GLY B 286 16.84 17.25 8.28
C GLY B 286 15.50 17.48 8.94
N TYR B 287 14.58 18.16 8.26
CA TYR B 287 13.27 18.46 8.84
C TYR B 287 12.35 17.25 8.90
N SER B 288 12.55 16.27 8.02
CA SER B 288 11.73 15.06 8.04
C SER B 288 11.96 14.25 9.30
N ASP B 289 13.07 14.48 10.00
CA ASP B 289 13.32 13.78 11.26
C ASP B 289 12.24 14.08 12.28
N ALA B 290 11.64 15.27 12.22
CA ALA B 290 10.60 15.62 13.17
C ALA B 290 9.42 14.67 13.09
N GLY B 291 8.97 14.35 11.87
CA GLY B 291 7.89 13.41 11.68
C GLY B 291 8.32 11.97 11.87
N ALA B 292 9.55 11.66 11.45
CA ALA B 292 10.06 10.30 11.57
C ALA B 292 10.23 9.89 13.03
N SER B 293 10.56 10.85 13.91
CA SER B 293 10.74 10.54 15.32
C SER B 293 9.42 10.36 16.06
N PHE B 294 8.32 10.88 15.51
CA PHE B 294 7.01 10.67 16.13
C PHE B 294 6.32 9.43 15.59
N VAL B 295 6.31 9.25 14.27
CA VAL B 295 5.64 8.08 13.70
C VAL B 295 6.37 6.80 14.08
N PHE B 296 7.70 6.85 14.13
CA PHE B 296 8.51 5.67 14.41
C PHE B 296 9.24 5.74 15.75
N GLY B 297 9.12 6.85 16.47
CA GLY B 297 9.71 6.97 17.79
C GLY B 297 11.15 7.43 17.78
N GLU B 298 11.69 7.65 18.98
CA GLU B 298 13.08 8.06 19.12
C GLU B 298 14.05 6.99 18.63
N LYS B 299 13.60 5.73 18.56
CA LYS B 299 14.41 4.64 18.07
C LYS B 299 14.30 4.45 16.55
N TYR B 300 13.84 5.49 15.84
CA TYR B 300 13.73 5.39 14.40
C TYR B 300 15.08 5.22 13.72
N THR B 301 16.17 5.53 14.42
CA THR B 301 17.52 5.34 13.88
C THR B 301 17.98 3.90 13.96
N ASP B 302 17.29 3.04 14.70
CA ASP B 302 17.62 1.62 14.71
C ASP B 302 17.42 0.97 13.35
N HIS B 303 16.56 1.55 12.52
CA HIS B 303 16.35 1.11 11.14
C HIS B 303 16.58 2.35 10.28
N PHE B 304 17.84 2.55 9.89
CA PHE B 304 18.22 3.83 9.27
C PHE B 304 17.47 4.05 7.96
N PHE B 305 17.60 3.13 7.01
CA PHE B 305 17.06 3.36 5.68
C PHE B 305 15.56 3.56 5.73
N ALA B 306 14.82 2.56 6.23
CA ALA B 306 13.37 2.57 6.10
C ALA B 306 12.74 3.73 6.86
N PHE B 307 13.26 4.03 8.05
CA PHE B 307 12.61 4.99 8.94
C PHE B 307 13.25 6.37 8.94
N LYS B 308 14.31 6.60 8.16
CA LYS B 308 14.91 7.92 8.10
C LYS B 308 15.07 8.42 6.67
N VAL B 309 15.31 7.52 5.72
CA VAL B 309 15.63 7.93 4.35
C VAL B 309 14.39 8.09 3.49
N LEU B 310 13.42 7.18 3.63
CA LEU B 310 12.20 7.25 2.85
C LEU B 310 11.32 8.43 3.27
N PRO B 311 11.29 8.78 4.57
CA PRO B 311 10.62 10.03 4.94
C PRO B 311 11.18 11.25 4.24
N ILE B 312 12.47 11.25 3.93
CA ILE B 312 13.04 12.34 3.14
C ILE B 312 12.39 12.38 1.76
N VAL B 313 12.20 11.21 1.15
CA VAL B 313 11.53 11.15 -0.14
C VAL B 313 10.11 11.69 -0.03
N ILE B 314 9.40 11.30 1.02
CA ILE B 314 8.03 11.78 1.21
C ILE B 314 8.00 13.30 1.32
N PHE B 315 8.88 13.85 2.17
CA PHE B 315 8.91 15.29 2.38
C PHE B 315 9.27 16.03 1.10
N PHE B 316 10.25 15.53 0.36
CA PHE B 316 10.65 16.19 -0.87
C PHE B 316 9.54 16.12 -1.92
N SER B 317 8.84 14.99 -2.00
CA SER B 317 7.69 14.90 -2.91
C SER B 317 6.62 15.91 -2.53
N THR B 318 6.33 16.04 -1.24
CA THR B 318 5.36 17.02 -0.78
C THR B 318 5.78 18.43 -1.17
N VAL B 319 7.05 18.76 -0.96
CA VAL B 319 7.54 20.11 -1.26
C VAL B 319 7.47 20.37 -2.77
N MET B 320 7.82 19.37 -3.58
CA MET B 320 7.75 19.54 -5.03
C MET B 320 6.31 19.74 -5.49
N SER B 321 5.36 19.00 -4.90
CA SER B 321 3.96 19.22 -5.23
C SER B 321 3.51 20.63 -4.87
N MET B 322 3.91 21.11 -3.69
CA MET B 322 3.56 22.46 -3.29
C MET B 322 4.15 23.49 -4.25
N LEU B 323 5.42 23.30 -4.65
CA LEU B 323 6.04 24.24 -5.58
C LEU B 323 5.37 24.21 -6.95
N TYR B 324 4.96 23.02 -7.40
CA TYR B 324 4.25 22.95 -8.68
C TYR B 324 2.90 23.65 -8.59
N TYR B 325 2.23 23.53 -7.44
CA TYR B 325 0.98 24.28 -7.24
C TYR B 325 1.24 25.78 -7.29
N LEU B 326 2.31 26.24 -6.64
CA LEU B 326 2.63 27.67 -6.64
C LEU B 326 3.09 28.17 -7.99
N GLY B 327 3.43 27.28 -8.92
CA GLY B 327 3.87 27.71 -10.24
C GLY B 327 5.31 28.14 -10.32
N LEU B 328 6.13 27.85 -9.31
CA LEU B 328 7.53 28.25 -9.31
C LEU B 328 8.39 27.32 -10.16
N MET B 329 8.00 26.05 -10.27
CA MET B 329 8.79 25.09 -11.04
C MET B 329 8.69 25.37 -12.53
N GLN B 330 7.47 25.63 -13.01
CA GLN B 330 7.27 25.93 -14.42
C GLN B 330 8.00 27.20 -14.83
N TRP B 331 8.13 28.15 -13.90
CA TRP B 331 8.82 29.39 -14.22
C TRP B 331 10.27 29.14 -14.59
N ILE B 332 10.96 28.28 -13.83
CA ILE B 332 12.35 27.95 -14.14
C ILE B 332 12.41 27.05 -15.37
N ILE B 333 11.47 26.12 -15.49
CA ILE B 333 11.47 25.20 -16.62
C ILE B 333 11.36 25.97 -17.93
N ARG B 334 10.48 26.97 -17.98
CA ARG B 334 10.31 27.74 -19.21
C ARG B 334 11.59 28.48 -19.58
N LYS B 335 12.27 29.06 -18.60
CA LYS B 335 13.51 29.78 -18.89
C LYS B 335 14.57 28.82 -19.45
N VAL B 336 14.76 27.68 -18.79
CA VAL B 336 15.79 26.74 -19.25
C VAL B 336 15.44 26.22 -20.65
N GLY B 337 14.17 25.87 -20.87
CA GLY B 337 13.76 25.37 -22.16
C GLY B 337 13.88 26.41 -23.26
N TRP B 338 13.60 27.68 -22.94
CA TRP B 338 13.79 28.72 -23.93
C TRP B 338 15.26 28.88 -24.29
N VAL B 339 16.14 28.79 -23.30
CA VAL B 339 17.57 28.89 -23.59
C VAL B 339 17.99 27.75 -24.53
N MET B 340 17.63 26.52 -24.17
CA MET B 340 18.04 25.38 -24.99
C MET B 340 17.37 25.40 -26.35
N LEU B 341 16.18 25.98 -26.46
CA LEU B 341 15.48 26.04 -27.74
C LEU B 341 16.10 27.11 -28.65
N VAL B 342 16.49 28.25 -28.08
CA VAL B 342 17.06 29.31 -28.89
C VAL B 342 18.51 29.03 -29.26
N THR B 343 19.21 28.22 -28.48
CA THR B 343 20.59 27.87 -28.82
C THR B 343 20.67 26.63 -29.70
N MET B 344 20.11 25.52 -29.22
CA MET B 344 20.25 24.24 -29.91
C MET B 344 19.28 24.08 -31.07
N GLY B 345 18.22 24.89 -31.13
CA GLY B 345 17.26 24.77 -32.21
C GLY B 345 16.37 23.55 -32.10
N THR B 346 16.13 23.06 -30.89
CA THR B 346 15.29 21.89 -30.67
C THR B 346 13.82 22.27 -30.62
N SER B 347 12.97 21.26 -30.75
CA SER B 347 11.53 21.49 -30.74
C SER B 347 11.07 21.93 -29.36
N PRO B 348 10.01 22.76 -29.27
CA PRO B 348 9.57 23.23 -27.95
C PRO B 348 9.19 22.12 -27.00
N VAL B 349 8.55 21.06 -27.49
CA VAL B 349 8.07 20.00 -26.59
C VAL B 349 9.24 19.27 -25.96
N GLU B 350 10.21 18.86 -26.78
CA GLU B 350 11.35 18.12 -26.24
C GLU B 350 12.22 19.00 -25.36
N SER B 351 12.35 20.28 -25.71
CA SER B 351 13.09 21.21 -24.85
C SER B 351 12.42 21.36 -23.49
N VAL B 352 11.09 21.50 -23.49
CA VAL B 352 10.36 21.63 -22.23
C VAL B 352 10.51 20.37 -21.39
N VAL B 353 10.40 19.19 -22.02
CA VAL B 353 10.50 17.95 -21.26
C VAL B 353 11.90 17.76 -20.73
N ALA B 354 12.93 18.12 -21.50
CA ALA B 354 14.30 18.01 -21.01
C ALA B 354 14.55 18.95 -19.84
N SER B 355 14.05 20.18 -19.93
CA SER B 355 14.21 21.11 -18.82
C SER B 355 13.45 20.66 -17.59
N GLY B 356 12.30 20.01 -17.77
CA GLY B 356 11.54 19.51 -16.64
C GLY B 356 12.09 18.25 -16.02
N ASN B 357 12.82 17.44 -16.77
CA ASN B 357 13.39 16.22 -16.23
C ASN B 357 14.52 16.49 -15.25
N ILE B 358 15.03 17.72 -15.19
CA ILE B 358 16.04 18.06 -14.19
C ILE B 358 15.45 17.91 -12.78
N PHE B 359 14.20 18.34 -12.60
CA PHE B 359 13.55 18.33 -11.30
C PHE B 359 12.50 17.25 -11.14
N ILE B 360 11.99 16.69 -12.23
CA ILE B 360 10.86 15.78 -12.20
C ILE B 360 11.30 14.42 -12.76
N GLY B 361 10.61 13.37 -12.33
CA GLY B 361 10.92 12.04 -12.77
C GLY B 361 10.50 11.78 -14.21
N GLN B 362 10.91 10.61 -14.71
CA GLN B 362 10.62 10.23 -16.09
C GLN B 362 9.16 9.86 -16.29
N THR B 363 8.49 9.38 -15.25
CA THR B 363 7.10 8.97 -15.35
C THR B 363 6.12 10.10 -15.14
N GLU B 364 6.59 11.28 -14.71
CA GLU B 364 5.73 12.43 -14.49
C GLU B 364 6.09 13.63 -15.36
N SER B 365 7.29 13.68 -15.93
CA SER B 365 7.71 14.80 -16.77
C SER B 365 6.83 14.90 -18.01
N PRO B 366 6.49 13.80 -18.67
CA PRO B 366 5.65 13.89 -19.88
C PRO B 366 4.30 14.50 -19.64
N LEU B 367 3.81 14.51 -18.39
CA LEU B 367 2.52 15.12 -18.10
C LEU B 367 2.51 16.61 -18.41
N LEU B 368 3.68 17.24 -18.51
CA LEU B 368 3.74 18.66 -18.83
C LEU B 368 3.17 18.94 -20.22
N VAL B 369 3.26 17.96 -21.12
CA VAL B 369 2.80 18.13 -22.50
C VAL B 369 1.83 17.01 -22.84
N ARG B 370 1.09 16.52 -21.84
CA ARG B 370 0.20 15.39 -22.04
C ARG B 370 -0.77 15.57 -23.20
N PRO B 371 -1.45 16.71 -23.35
CA PRO B 371 -2.42 16.84 -24.45
C PRO B 371 -1.80 16.66 -25.83
N TYR B 372 -0.53 17.05 -26.00
CA TYR B 372 0.09 17.09 -27.32
C TYR B 372 0.95 15.88 -27.62
N LEU B 373 0.96 14.88 -26.74
CA LEU B 373 1.76 13.68 -26.95
C LEU B 373 1.35 12.92 -28.20
N PRO B 374 0.04 12.76 -28.46
CA PRO B 374 -0.38 11.95 -29.62
C PRO B 374 0.11 12.50 -30.95
N TYR B 375 0.56 13.74 -31.01
CA TYR B 375 0.95 14.37 -32.27
C TYR B 375 2.45 14.60 -32.39
N VAL B 376 3.24 14.11 -31.45
CA VAL B 376 4.69 14.28 -31.51
C VAL B 376 5.29 13.29 -32.50
N THR B 377 6.43 13.66 -33.08
CA THR B 377 7.12 12.79 -34.02
C THR B 377 7.83 11.66 -33.28
N LYS B 378 8.50 10.80 -34.04
CA LYS B 378 9.28 9.72 -33.43
C LYS B 378 10.54 10.26 -32.77
N SER B 379 11.18 11.24 -33.40
CA SER B 379 12.39 11.82 -32.82
C SER B 379 12.09 12.52 -31.50
N GLU B 380 10.98 13.25 -31.43
CA GLU B 380 10.62 13.92 -30.19
C GLU B 380 10.31 12.92 -29.08
N LEU B 381 9.63 11.83 -29.42
CA LEU B 381 9.35 10.79 -28.42
C LEU B 381 10.63 10.12 -27.94
N HIS B 382 11.56 9.84 -28.86
CA HIS B 382 12.84 9.29 -28.47
C HIS B 382 13.61 10.25 -27.58
N ALA B 383 13.58 11.54 -27.90
CA ALA B 383 14.22 12.53 -27.06
C ALA B 383 13.58 12.60 -25.68
N ILE B 384 12.26 12.50 -25.61
CA ILE B 384 11.59 12.50 -24.32
C ILE B 384 12.07 11.31 -23.49
N MET B 385 12.12 10.13 -24.09
CA MET B 385 12.51 8.94 -23.32
C MET B 385 13.99 9.01 -22.91
N THR B 386 14.85 9.52 -23.79
CA THR B 386 16.25 9.72 -23.43
C THR B 386 16.39 10.70 -22.28
N ALA B 387 15.67 11.81 -22.32
CA ALA B 387 15.73 12.78 -21.23
C ALA B 387 15.19 12.19 -19.95
N GLY B 388 14.21 11.30 -20.05
CA GLY B 388 13.71 10.63 -18.87
C GLY B 388 14.70 9.62 -18.29
N PHE B 389 15.55 9.05 -19.14
CA PHE B 389 16.54 8.09 -18.67
C PHE B 389 17.83 8.75 -18.19
N SER B 390 18.12 9.96 -18.63
CA SER B 390 19.42 10.58 -18.38
C SER B 390 19.46 11.47 -17.14
N THR B 391 18.36 11.58 -16.40
CA THR B 391 18.28 12.47 -15.25
C THR B 391 17.70 11.72 -14.06
N ILE B 392 17.63 12.42 -12.93
CA ILE B 392 17.02 11.90 -11.71
C ILE B 392 15.90 12.84 -11.29
N ALA B 393 15.25 12.54 -10.18
CA ALA B 393 14.16 13.36 -9.65
C ALA B 393 14.58 13.95 -8.31
N GLY B 394 14.02 15.13 -8.01
CA GLY B 394 14.35 15.78 -6.75
C GLY B 394 13.91 14.99 -5.54
N SER B 395 12.91 14.11 -5.71
CA SER B 395 12.42 13.34 -4.57
C SER B 395 13.49 12.42 -4.01
N VAL B 396 14.33 11.85 -4.88
CA VAL B 396 15.36 10.90 -4.45
C VAL B 396 16.73 11.56 -4.29
N LEU B 397 16.83 12.86 -4.51
CA LEU B 397 18.10 13.55 -4.30
C LEU B 397 18.52 13.49 -2.84
N GLY B 398 17.57 13.66 -1.92
CA GLY B 398 17.90 13.67 -0.51
C GLY B 398 18.41 12.33 0.00
N ALA B 399 17.91 11.24 -0.56
CA ALA B 399 18.42 9.92 -0.17
C ALA B 399 19.89 9.77 -0.57
N TYR B 400 20.21 10.13 -1.82
CA TYR B 400 21.60 10.03 -2.26
C TYR B 400 22.50 10.96 -1.46
N ILE B 401 22.01 12.15 -1.09
CA ILE B 401 22.82 13.02 -0.24
C ILE B 401 23.00 12.42 1.13
N SER B 402 21.97 11.73 1.66
CA SER B 402 22.09 11.09 2.96
C SER B 402 23.10 9.96 2.93
N PHE B 403 23.19 9.23 1.81
CA PHE B 403 24.20 8.18 1.70
C PHE B 403 25.60 8.75 1.91
N GLY B 404 25.86 9.95 1.40
CA GLY B 404 27.16 10.57 1.52
C GLY B 404 27.70 11.09 0.21
N VAL B 405 26.84 11.13 -0.81
CA VAL B 405 27.24 11.60 -2.13
C VAL B 405 27.17 13.12 -2.17
N SER B 406 28.15 13.74 -2.82
CA SER B 406 28.22 15.19 -2.87
C SER B 406 26.96 15.77 -3.51
N SER B 407 26.40 16.78 -2.85
CA SER B 407 25.20 17.43 -3.38
C SER B 407 25.54 18.35 -4.55
N SER B 408 26.66 19.05 -4.47
CA SER B 408 27.05 19.96 -5.55
C SER B 408 27.24 19.20 -6.86
N HIS B 409 27.93 18.05 -6.80
CA HIS B 409 28.13 17.25 -7.99
C HIS B 409 26.80 16.74 -8.54
N LEU B 410 25.89 16.32 -7.66
CA LEU B 410 24.60 15.83 -8.11
C LEU B 410 23.81 16.92 -8.82
N LEU B 411 23.78 18.11 -8.25
CA LEU B 411 23.08 19.23 -8.88
C LEU B 411 23.72 19.59 -10.22
N THR B 412 25.05 19.64 -10.27
CA THR B 412 25.74 19.97 -11.50
C THR B 412 25.45 18.95 -12.60
N ALA B 413 25.49 17.67 -12.25
CA ALA B 413 25.21 16.63 -13.23
C ALA B 413 23.75 16.69 -13.70
N SER B 414 22.82 16.94 -12.77
CA SER B 414 21.42 17.07 -13.17
C SER B 414 21.23 18.22 -14.13
N VAL B 415 21.91 19.35 -13.88
CA VAL B 415 21.78 20.50 -14.78
C VAL B 415 22.41 20.21 -16.13
N MET B 416 23.56 19.52 -16.14
CA MET B 416 24.30 19.26 -17.36
C MET B 416 23.73 18.10 -18.18
N SER B 417 22.83 17.30 -17.61
CA SER B 417 22.34 16.12 -18.30
C SER B 417 21.28 16.43 -19.36
N ALA B 418 20.71 17.64 -19.34
CA ALA B 418 19.64 17.96 -20.27
C ALA B 418 20.17 18.23 -21.68
N PRO B 419 21.09 19.19 -21.85
CA PRO B 419 21.66 19.40 -23.19
C PRO B 419 22.36 18.16 -23.72
N ALA B 420 23.03 17.40 -22.85
CA ALA B 420 23.66 16.17 -23.29
C ALA B 420 22.63 15.19 -23.81
N ALA B 421 21.52 15.04 -23.08
CA ALA B 421 20.45 14.15 -23.52
C ALA B 421 19.90 14.58 -24.88
N LEU B 422 19.64 15.87 -25.04
CA LEU B 422 19.09 16.34 -26.32
C LEU B 422 20.07 16.12 -27.46
N ALA B 423 21.36 16.41 -27.24
CA ALA B 423 22.35 16.22 -28.28
C ALA B 423 22.46 14.75 -28.68
N ILE B 424 22.55 13.86 -27.70
CA ILE B 424 22.69 12.44 -28.01
C ILE B 424 21.41 11.93 -28.69
N SER B 425 20.25 12.45 -28.29
CA SER B 425 19.01 12.03 -28.94
C SER B 425 18.99 12.47 -30.40
N LYS B 426 19.32 13.73 -30.67
CA LYS B 426 19.31 14.23 -32.04
C LYS B 426 20.40 13.61 -32.90
N LEU B 427 21.44 13.05 -32.29
CA LEU B 427 22.48 12.35 -33.05
C LEU B 427 22.17 10.88 -33.23
N PHE B 428 21.40 10.28 -32.31
CA PHE B 428 21.07 8.88 -32.37
C PHE B 428 19.75 8.61 -33.08
N TRP B 429 18.92 9.64 -33.26
CA TRP B 429 17.64 9.53 -33.95
C TRP B 429 17.23 10.91 -34.44
N PRO B 430 17.82 11.40 -35.52
CA PRO B 430 17.51 12.75 -36.00
C PRO B 430 16.09 12.84 -36.55
N GLU B 431 15.63 14.08 -36.71
CA GLU B 431 14.26 14.35 -37.12
C GLU B 431 14.16 14.31 -38.63
N THR B 432 13.25 13.49 -39.14
CA THR B 432 12.98 13.40 -40.58
C THR B 432 11.56 13.83 -40.92
N GLU B 433 10.77 14.25 -39.94
CA GLU B 433 9.40 14.70 -40.15
C GLU B 433 9.30 16.18 -39.80
N THR B 434 8.07 16.70 -39.88
CA THR B 434 7.79 18.09 -39.59
C THR B 434 7.04 18.22 -38.26
N PRO B 435 7.54 18.99 -37.30
CA PRO B 435 6.83 19.11 -36.03
C PRO B 435 5.57 19.96 -36.16
N LYS B 436 4.54 19.57 -35.41
CA LYS B 436 3.25 20.25 -35.44
C LYS B 436 3.06 21.22 -34.28
N ILE B 437 3.50 20.85 -33.09
CA ILE B 437 3.25 21.65 -31.88
C ILE B 437 4.14 22.88 -31.89
N ASN B 438 3.58 24.00 -31.43
CA ASN B 438 4.27 25.28 -31.42
C ASN B 438 4.78 25.60 -30.02
N LEU B 439 5.42 26.77 -29.89
CA LEU B 439 6.02 27.15 -28.62
C LEU B 439 4.97 27.47 -27.57
N LYS B 440 3.91 28.19 -27.96
CA LYS B 440 2.90 28.61 -26.99
C LYS B 440 2.21 27.41 -26.35
N ASN B 441 1.85 26.42 -27.18
CA ASN B 441 1.18 25.24 -26.64
C ASN B 441 2.13 24.39 -25.80
N ALA B 442 3.41 24.36 -26.16
CA ALA B 442 4.37 23.57 -25.40
C ALA B 442 4.67 24.19 -24.05
N MET B 443 4.75 25.53 -23.99
CA MET B 443 5.15 26.20 -22.76
C MET B 443 4.03 26.30 -21.74
N LYS B 444 2.79 26.10 -22.13
CA LYS B 444 1.69 26.08 -21.17
C LYS B 444 1.61 24.70 -20.52
N MET B 445 1.57 24.67 -19.20
CA MET B 445 1.55 23.43 -18.43
C MET B 445 0.29 23.42 -17.58
N GLU B 446 -0.67 22.56 -17.95
CA GLU B 446 -1.91 22.45 -17.19
C GLU B 446 -1.59 22.02 -15.76
N SER B 447 -1.82 22.91 -14.80
CA SER B 447 -1.53 22.61 -13.42
C SER B 447 -2.53 21.59 -12.86
N GLY B 448 -2.14 20.94 -11.78
CA GLY B 448 -2.97 19.92 -11.18
C GLY B 448 -4.28 20.48 -10.66
N ASP B 449 -4.99 19.64 -9.93
CA ASP B 449 -6.29 19.97 -9.36
C ASP B 449 -6.12 20.05 -7.85
N SER B 450 -5.68 21.21 -7.38
CA SER B 450 -5.54 21.49 -5.95
C SER B 450 -6.13 22.87 -5.66
N ARG B 451 -7.06 22.92 -4.71
CA ARG B 451 -7.74 24.18 -4.40
C ARG B 451 -6.91 25.10 -3.51
N ASN B 452 -5.92 24.56 -2.79
CA ASN B 452 -5.09 25.37 -1.92
C ASN B 452 -3.74 24.68 -1.74
N LEU B 453 -2.87 25.30 -0.95
CA LEU B 453 -1.52 24.78 -0.76
C LEU B 453 -1.51 23.49 0.06
N LEU B 454 -2.37 23.41 1.07
CA LEU B 454 -2.39 22.23 1.94
C LEU B 454 -2.95 21.01 1.23
N GLU B 455 -3.93 21.20 0.33
CA GLU B 455 -4.40 20.09 -0.48
C GLU B 455 -3.29 19.58 -1.39
N ALA B 456 -2.49 20.49 -1.95
CA ALA B 456 -1.35 20.07 -2.77
C ALA B 456 -0.35 19.29 -1.93
N ALA B 457 -0.11 19.74 -0.69
CA ALA B 457 0.80 19.02 0.18
C ALA B 457 0.29 17.62 0.47
N THR B 458 -1.01 17.48 0.76
CA THR B 458 -1.56 16.17 1.04
C THR B 458 -1.49 15.26 -0.19
N GLN B 459 -1.78 15.82 -1.38
CA GLN B 459 -1.70 15.03 -2.60
C GLN B 459 -0.28 14.56 -2.87
N GLY B 460 0.71 15.43 -2.65
CA GLY B 460 2.09 15.03 -2.83
C GLY B 460 2.50 13.96 -1.82
N ALA B 461 2.02 14.09 -0.58
CA ALA B 461 2.31 13.08 0.42
C ALA B 461 1.73 11.72 0.04
N SER B 462 0.48 11.70 -0.43
CA SER B 462 -0.17 10.43 -0.74
C SER B 462 0.52 9.71 -1.89
N SER B 463 0.98 10.44 -2.90
CA SER B 463 1.59 9.81 -4.07
C SER B 463 2.91 9.13 -3.75
N SER B 464 3.54 9.47 -2.63
CA SER B 464 4.85 8.94 -2.27
C SER B 464 4.79 7.53 -1.67
N ILE B 465 3.59 7.02 -1.38
CA ILE B 465 3.49 5.70 -0.75
C ILE B 465 4.01 4.62 -1.69
N SER B 466 3.50 4.61 -2.92
CA SER B 466 3.91 3.58 -3.87
C SER B 466 5.37 3.71 -4.25
N LEU B 467 5.87 4.95 -4.34
CA LEU B 467 7.27 5.16 -4.67
C LEU B 467 8.18 4.48 -3.65
N VAL B 468 7.98 4.77 -2.36
CA VAL B 468 8.84 4.20 -1.33
C VAL B 468 8.62 2.70 -1.21
N ALA B 469 7.38 2.24 -1.36
CA ALA B 469 7.11 0.81 -1.30
C ALA B 469 7.87 0.08 -2.40
N ASN B 470 7.78 0.57 -3.63
CA ASN B 470 8.49 -0.06 -4.74
C ASN B 470 10.00 0.01 -4.54
N ILE B 471 10.50 1.14 -4.06
CA ILE B 471 11.94 1.25 -3.81
C ILE B 471 12.39 0.17 -2.85
N ALA B 472 11.70 0.04 -1.72
CA ALA B 472 12.12 -0.93 -0.71
C ALA B 472 12.02 -2.36 -1.24
N VAL B 473 10.92 -2.70 -1.89
CA VAL B 473 10.74 -4.08 -2.35
C VAL B 473 11.75 -4.41 -3.44
N ASN B 474 11.98 -3.49 -4.37
CA ASN B 474 12.95 -3.72 -5.43
C ASN B 474 14.36 -3.87 -4.85
N LEU B 475 14.72 -3.05 -3.86
CA LEU B 475 16.02 -3.22 -3.24
C LEU B 475 16.15 -4.58 -2.58
N ILE B 476 15.12 -5.02 -1.87
CA ILE B 476 15.17 -6.33 -1.23
C ILE B 476 15.41 -7.41 -2.28
N ALA B 477 14.60 -7.40 -3.34
CA ALA B 477 14.70 -8.45 -4.35
C ALA B 477 16.05 -8.42 -5.04
N PHE B 478 16.53 -7.22 -5.41
CA PHE B 478 17.80 -7.12 -6.11
C PHE B 478 18.96 -7.60 -5.24
N LEU B 479 18.96 -7.24 -3.96
CA LEU B 479 20.06 -7.67 -3.10
C LEU B 479 20.02 -9.17 -2.84
N ALA B 480 18.82 -9.75 -2.69
CA ALA B 480 18.73 -11.19 -2.57
C ALA B 480 19.23 -11.89 -3.83
N LEU B 481 18.86 -11.38 -5.00
CA LEU B 481 19.35 -11.95 -6.25
C LEU B 481 20.86 -11.83 -6.35
N LEU B 482 21.40 -10.69 -5.94
CA LEU B 482 22.86 -10.51 -5.99
C LEU B 482 23.56 -11.53 -5.10
N SER B 483 23.05 -11.73 -3.88
CA SER B 483 23.65 -12.72 -2.99
C SER B 483 23.59 -14.11 -3.60
N PHE B 484 22.42 -14.48 -4.14
CA PHE B 484 22.29 -15.81 -4.74
C PHE B 484 23.23 -15.99 -5.92
N MET B 485 23.32 -14.98 -6.79
CA MET B 485 24.18 -15.09 -7.96
C MET B 485 25.65 -15.17 -7.57
N ASN B 486 26.06 -14.39 -6.57
CA ASN B 486 27.45 -14.48 -6.12
C ASN B 486 27.75 -15.85 -5.53
N SER B 487 26.81 -16.41 -4.76
CA SER B 487 27.02 -17.74 -4.21
C SER B 487 27.12 -18.78 -5.32
N ALA B 488 26.25 -18.69 -6.32
CA ALA B 488 26.28 -19.65 -7.42
C ALA B 488 27.58 -19.54 -8.21
N LEU B 489 28.05 -18.31 -8.45
CA LEU B 489 29.30 -18.12 -9.18
C LEU B 489 30.49 -18.64 -8.38
N SER B 490 30.47 -18.46 -7.06
CA SER B 490 31.55 -19.04 -6.25
C SER B 490 31.50 -20.55 -6.31
N TRP B 491 30.30 -21.13 -6.30
CA TRP B 491 30.16 -22.58 -6.45
C TRP B 491 30.75 -23.04 -7.77
N LEU B 492 30.43 -22.34 -8.86
CA LEU B 492 31.00 -22.68 -10.16
C LEU B 492 32.51 -22.44 -10.18
N GLY B 493 32.95 -21.31 -9.62
CA GLY B 493 34.36 -20.98 -9.67
C GLY B 493 35.24 -22.00 -8.96
N ASN B 494 34.76 -22.55 -7.86
CA ASN B 494 35.56 -23.50 -7.09
C ASN B 494 35.95 -24.73 -7.91
N MET B 495 35.20 -25.04 -8.98
CA MET B 495 35.54 -26.16 -9.83
C MET B 495 36.79 -25.91 -10.66
N PHE B 496 37.29 -24.68 -10.68
CA PHE B 496 38.53 -24.34 -11.37
C PHE B 496 39.55 -23.75 -10.41
N ASP B 497 39.40 -24.00 -9.11
CA ASP B 497 40.28 -23.47 -8.08
C ASP B 497 40.26 -21.95 -8.05
N TYR B 498 39.12 -21.37 -8.41
CA TYR B 498 38.93 -19.91 -8.39
C TYR B 498 37.59 -19.61 -7.72
N PRO B 499 37.48 -19.85 -6.42
CA PRO B 499 36.23 -19.55 -5.71
C PRO B 499 35.97 -18.06 -5.52
N GLN B 500 36.87 -17.20 -5.96
CA GLN B 500 36.69 -15.76 -5.84
C GLN B 500 35.81 -15.19 -6.95
N LEU B 501 35.39 -16.01 -7.90
CA LEU B 501 34.54 -15.54 -8.98
C LEU B 501 33.26 -14.92 -8.43
N SER B 502 32.88 -13.76 -8.98
CA SER B 502 31.72 -13.05 -8.50
C SER B 502 31.23 -12.09 -9.58
N PHE B 503 30.04 -11.53 -9.34
CA PHE B 503 29.49 -10.52 -10.24
C PHE B 503 30.40 -9.31 -10.34
N GLU B 504 30.94 -8.86 -9.20
CA GLU B 504 31.82 -7.70 -9.20
C GLU B 504 33.07 -7.96 -10.03
N VAL B 505 33.64 -9.17 -9.93
CA VAL B 505 34.85 -9.47 -10.68
C VAL B 505 34.59 -9.40 -12.18
N ILE B 506 33.47 -9.96 -12.63
CA ILE B 506 33.16 -9.93 -14.05
C ILE B 506 32.92 -8.50 -14.51
N CYS B 507 32.17 -7.72 -13.73
CA CYS B 507 31.89 -6.35 -14.13
C CYS B 507 33.14 -5.50 -14.14
N SER B 508 34.12 -5.80 -13.28
CA SER B 508 35.36 -5.02 -13.25
C SER B 508 36.14 -5.13 -14.54
N TYR B 509 35.89 -6.18 -15.34
CA TYR B 509 36.54 -6.33 -16.63
C TYR B 509 35.62 -6.00 -17.80
N VAL B 510 34.31 -6.22 -17.66
CA VAL B 510 33.41 -5.96 -18.77
C VAL B 510 33.28 -4.46 -19.02
N PHE B 511 33.12 -3.66 -17.96
CA PHE B 511 32.86 -2.24 -18.07
C PHE B 511 34.09 -1.37 -17.84
N MET B 512 35.28 -1.97 -17.78
CA MET B 512 36.50 -1.21 -17.51
C MET B 512 36.79 -0.21 -18.64
N PRO B 513 36.68 -0.62 -19.91
CA PRO B 513 36.99 0.32 -20.99
C PRO B 513 36.16 1.59 -20.95
N PHE B 514 34.88 1.48 -20.59
CA PHE B 514 34.03 2.68 -20.51
C PHE B 514 34.54 3.64 -19.46
N ALA B 515 34.96 3.12 -18.30
CA ALA B 515 35.50 3.97 -17.26
C ALA B 515 36.83 4.58 -17.67
N PHE B 516 37.66 3.81 -18.38
CA PHE B 516 38.96 4.33 -18.79
C PHE B 516 38.81 5.51 -19.74
N MET B 517 37.89 5.42 -20.69
CA MET B 517 37.70 6.53 -21.63
C MET B 517 37.15 7.77 -20.93
N MET B 518 36.52 7.60 -19.77
CA MET B 518 36.02 8.74 -19.01
C MET B 518 37.11 9.46 -18.23
N GLY B 519 38.35 8.98 -18.29
CA GLY B 519 39.46 9.63 -17.62
C GLY B 519 39.82 9.08 -16.27
N VAL B 520 39.29 7.93 -15.89
CA VAL B 520 39.66 7.29 -14.64
C VAL B 520 40.97 6.53 -14.84
N ASP B 521 41.87 6.67 -13.88
CA ASP B 521 43.18 6.02 -14.01
C ASP B 521 43.01 4.50 -14.08
N TRP B 522 44.11 3.84 -14.41
CA TRP B 522 44.07 2.39 -14.64
C TRP B 522 43.55 1.64 -13.43
N GLN B 523 44.07 1.96 -12.24
CA GLN B 523 43.71 1.22 -11.04
C GLN B 523 42.24 1.37 -10.71
N ASP B 524 41.73 2.60 -10.68
CA ASP B 524 40.37 2.88 -10.24
C ASP B 524 39.33 2.58 -11.31
N SER B 525 39.74 2.32 -12.55
CA SER B 525 38.78 1.98 -13.59
C SER B 525 38.07 0.66 -13.29
N PHE B 526 38.81 -0.32 -12.77
CA PHE B 526 38.22 -1.59 -12.39
C PHE B 526 37.23 -1.44 -11.24
N MET B 527 37.38 -0.41 -10.41
CA MET B 527 36.45 -0.16 -9.33
C MET B 527 35.23 0.63 -9.78
N VAL B 528 35.41 1.56 -10.72
CA VAL B 528 34.28 2.28 -11.28
C VAL B 528 33.44 1.34 -12.14
N ALA B 529 34.05 0.35 -12.76
CA ALA B 529 33.30 -0.60 -13.58
C ALA B 529 32.28 -1.37 -12.74
N LYS B 530 32.63 -1.70 -11.50
CA LYS B 530 31.68 -2.39 -10.63
C LYS B 530 30.44 -1.53 -10.38
N LEU B 531 30.65 -0.23 -10.14
CA LEU B 531 29.52 0.68 -9.96
C LEU B 531 28.70 0.81 -11.23
N ILE B 532 29.38 0.85 -12.38
CA ILE B 532 28.67 0.92 -13.65
C ILE B 532 27.79 -0.31 -13.83
N GLY B 533 28.31 -1.49 -13.51
CA GLY B 533 27.51 -2.70 -13.59
C GLY B 533 26.34 -2.69 -12.63
N TYR B 534 26.58 -2.25 -11.39
CA TYR B 534 25.50 -2.14 -10.41
C TYR B 534 24.38 -1.27 -10.94
N LYS B 535 24.73 -0.10 -11.49
CA LYS B 535 23.71 0.80 -12.02
C LYS B 535 22.99 0.17 -13.21
N THR B 536 23.76 -0.42 -14.13
CA THR B 536 23.16 -0.98 -15.34
C THR B 536 22.17 -2.10 -15.02
N PHE B 537 22.51 -2.97 -14.07
CA PHE B 537 21.74 -4.20 -13.91
C PHE B 537 20.66 -4.12 -12.85
N PHE B 538 20.84 -3.36 -11.77
CA PHE B 538 19.80 -3.26 -10.75
C PHE B 538 19.21 -1.85 -10.64
N ASN B 539 20.00 -0.86 -10.27
CA ASN B 539 19.53 0.52 -10.20
C ASN B 539 20.64 1.46 -9.74
N GLU B 540 20.35 2.75 -9.63
CA GLU B 540 21.33 3.71 -9.16
C GLU B 540 21.38 3.81 -7.64
N PHE B 541 20.44 3.19 -6.93
CA PHE B 541 20.50 3.20 -5.47
C PHE B 541 21.67 2.36 -4.96
N VAL B 542 21.81 1.14 -5.50
CA VAL B 542 22.89 0.26 -5.06
C VAL B 542 24.25 0.86 -5.39
N ALA B 543 24.38 1.39 -6.61
CA ALA B 543 25.65 1.98 -7.02
C ALA B 543 26.04 3.13 -6.10
N TYR B 544 25.07 3.98 -5.75
CA TYR B 544 25.36 5.09 -4.85
C TYR B 544 25.64 4.61 -3.43
N GLN B 545 25.00 3.53 -2.99
CA GLN B 545 25.34 2.95 -1.70
C GLN B 545 26.79 2.48 -1.67
N GLN B 546 27.22 1.77 -2.71
CA GLN B 546 28.60 1.31 -2.78
C GLN B 546 29.57 2.49 -2.86
N LEU B 547 29.20 3.52 -3.64
CA LEU B 547 30.04 4.71 -3.72
C LEU B 547 30.16 5.40 -2.37
N SER B 548 29.07 5.44 -1.61
CA SER B 548 29.14 6.01 -0.26
C SER B 548 30.04 5.19 0.64
N LYS B 549 29.97 3.86 0.52
CA LYS B 549 30.91 3.00 1.24
C LYS B 549 32.35 3.39 0.93
N LEU B 550 32.65 3.52 -0.37
CA LEU B 550 34.01 3.87 -0.77
C LEU B 550 34.42 5.25 -0.26
N ILE B 551 33.50 6.22 -0.33
CA ILE B 551 33.80 7.56 0.13
C ILE B 551 34.10 7.56 1.62
N SER B 552 33.30 6.83 2.40
CA SER B 552 33.54 6.73 3.83
C SER B 552 34.89 6.07 4.11
N LEU B 553 35.20 5.00 3.37
CA LEU B 553 36.50 4.35 3.56
C LEU B 553 37.65 5.31 3.29
N ARG B 554 37.54 6.09 2.20
CA ARG B 554 38.57 7.08 1.92
C ARG B 554 38.66 8.12 3.03
N GLN B 555 37.50 8.59 3.52
CA GLN B 555 37.50 9.62 4.55
C GLN B 555 38.13 9.13 5.84
N VAL B 556 37.92 7.86 6.18
CA VAL B 556 38.48 7.33 7.43
C VAL B 556 39.99 7.49 7.44
N GLY B 557 40.64 7.14 6.34
CA GLY B 557 42.08 7.30 6.21
C GLY B 557 42.90 6.04 6.39
N GLY B 558 42.26 4.88 6.49
CA GLY B 558 42.97 3.65 6.68
C GLY B 558 43.85 3.30 5.49
N PRO B 559 44.41 2.09 5.48
CA PRO B 559 45.29 1.70 4.37
C PRO B 559 44.53 1.61 3.06
N LYS B 560 45.20 2.01 1.98
CA LYS B 560 44.60 1.95 0.66
C LYS B 560 44.58 0.53 0.10
N PHE B 561 45.53 -0.30 0.53
CA PHE B 561 45.60 -1.69 0.10
C PHE B 561 45.75 -2.59 1.31
N VAL B 562 44.99 -3.69 1.32
CA VAL B 562 45.12 -4.73 2.34
C VAL B 562 45.15 -6.07 1.62
N ASP B 563 46.23 -6.83 1.82
CA ASP B 563 46.40 -8.14 1.18
C ASP B 563 46.28 -8.03 -0.32
N GLY B 564 46.76 -6.92 -0.89
CA GLY B 564 46.75 -6.73 -2.33
C GLY B 564 45.41 -6.30 -2.91
N VAL B 565 44.44 -5.96 -2.07
CA VAL B 565 43.11 -5.56 -2.53
C VAL B 565 42.94 -4.08 -2.25
N GLN B 566 42.59 -3.32 -3.30
CA GLN B 566 42.38 -1.90 -3.16
C GLN B 566 41.06 -1.63 -2.44
N GLN B 567 41.11 -0.77 -1.44
CA GLN B 567 39.94 -0.48 -0.60
C GLN B 567 39.18 0.77 -1.02
N TYR B 568 39.88 1.82 -1.45
CA TYR B 568 39.23 3.04 -1.89
C TYR B 568 40.07 3.68 -2.98
N MET B 569 39.48 4.64 -3.67
CA MET B 569 40.10 5.31 -4.81
C MET B 569 40.12 6.82 -4.59
N SER B 570 40.61 7.54 -5.59
CA SER B 570 40.82 8.97 -5.47
C SER B 570 39.49 9.72 -5.46
N MET B 571 39.57 11.02 -5.15
CA MET B 571 38.38 11.86 -5.12
C MET B 571 37.91 12.23 -6.52
N ARG B 572 38.83 12.40 -7.47
CA ARG B 572 38.44 12.67 -8.85
C ARG B 572 37.66 11.49 -9.43
N SER B 573 38.09 10.26 -9.13
CA SER B 573 37.34 9.10 -9.56
C SER B 573 35.96 9.06 -8.93
N GLU B 574 35.85 9.45 -7.65
CA GLU B 574 34.54 9.52 -7.01
C GLU B 574 33.64 10.55 -7.69
N ALA B 575 34.19 11.70 -8.06
CA ALA B 575 33.40 12.71 -8.78
C ALA B 575 32.94 12.18 -10.13
N ILE B 576 33.85 11.55 -10.87
CA ILE B 576 33.49 11.00 -12.17
C ILE B 576 32.39 9.96 -12.03
N SER B 577 32.49 9.10 -11.01
CA SER B 577 31.44 8.11 -10.78
C SER B 577 30.12 8.78 -10.41
N THR B 578 30.18 9.85 -9.62
CA THR B 578 28.95 10.56 -9.27
C THR B 578 28.27 11.13 -10.50
N TYR B 579 29.07 11.68 -11.43
CA TYR B 579 28.50 12.21 -12.67
C TYR B 579 27.94 11.09 -13.54
N ALA B 580 28.64 9.95 -13.59
CA ALA B 580 28.24 8.87 -14.48
C ALA B 580 27.00 8.13 -13.98
N LEU B 581 26.80 8.04 -12.67
CA LEU B 581 25.73 7.24 -12.09
C LEU B 581 24.43 8.01 -11.92
N CYS B 582 24.36 9.26 -12.34
CA CYS B 582 23.17 10.09 -12.15
C CYS B 582 22.21 9.83 -13.31
N GLY B 583 21.34 8.85 -13.14
CA GLY B 583 20.35 8.53 -14.15
C GLY B 583 19.46 7.37 -13.78
N PHE B 584 18.24 7.36 -14.33
CA PHE B 584 17.29 6.26 -14.14
C PHE B 584 17.37 5.23 -15.25
N ALA B 585 18.54 5.04 -15.85
CA ALA B 585 18.70 4.14 -16.98
C ALA B 585 19.02 2.74 -16.46
N ASN B 586 18.03 1.85 -16.55
CA ASN B 586 18.25 0.45 -16.24
C ASN B 586 17.21 -0.34 -17.03
N PHE B 587 17.46 -1.64 -17.16
CA PHE B 587 16.57 -2.48 -17.95
C PHE B 587 15.18 -2.53 -17.34
N GLY B 588 15.12 -2.52 -16.01
CA GLY B 588 13.82 -2.52 -15.34
C GLY B 588 13.01 -1.28 -15.63
N SER B 589 13.67 -0.13 -15.76
CA SER B 589 12.97 1.11 -16.05
C SER B 589 12.32 1.04 -17.42
N LEU B 590 12.87 0.22 -18.33
CA LEU B 590 12.38 0.20 -19.70
C LEU B 590 10.89 -0.15 -19.75
N GLY B 591 10.53 -1.28 -19.15
CA GLY B 591 9.15 -1.71 -19.21
C GLY B 591 8.18 -0.74 -18.57
N ILE B 592 8.54 -0.23 -17.39
CA ILE B 592 7.62 0.67 -16.69
C ILE B 592 7.45 1.98 -17.46
N VAL B 593 8.56 2.48 -18.04
CA VAL B 593 8.49 3.67 -18.88
C VAL B 593 7.54 3.41 -20.05
N ILE B 594 7.70 2.25 -20.68
CA ILE B 594 6.88 1.89 -21.85
C ILE B 594 5.41 1.82 -21.46
N GLY B 595 5.10 1.14 -20.37
CA GLY B 595 3.73 1.01 -19.94
C GLY B 595 3.11 2.35 -19.60
N GLY B 596 3.84 3.18 -18.86
CA GLY B 596 3.29 4.49 -18.49
C GLY B 596 3.09 5.40 -19.68
N LEU B 597 4.03 5.39 -20.62
CA LEU B 597 3.92 6.25 -21.80
C LEU B 597 2.82 5.77 -22.73
N THR B 598 2.69 4.45 -22.88
CA THR B 598 1.58 3.88 -23.64
C THR B 598 0.26 4.20 -22.98
N SER B 599 0.26 4.21 -21.65
CA SER B 599 -0.93 4.61 -20.91
C SER B 599 -1.29 6.05 -21.21
N MET B 600 -0.29 6.94 -21.17
CA MET B 600 -0.57 8.36 -21.44
C MET B 600 -0.99 8.56 -22.89
N ALA B 601 -0.37 7.84 -23.81
CA ALA B 601 -0.62 7.97 -25.24
C ALA B 601 -0.90 6.60 -25.85
N PRO B 602 -2.11 6.07 -25.67
CA PRO B 602 -2.39 4.72 -26.21
C PRO B 602 -2.14 4.60 -27.69
N SER B 603 -2.41 5.66 -28.45
CA SER B 603 -2.34 5.58 -29.91
C SER B 603 -0.93 5.42 -30.44
N ARG B 604 0.09 5.70 -29.62
CA ARG B 604 1.48 5.65 -30.04
C ARG B 604 2.21 4.43 -29.50
N LYS B 605 1.47 3.40 -29.06
CA LYS B 605 2.10 2.23 -28.46
C LYS B 605 3.13 1.60 -29.40
N ARG B 606 2.81 1.55 -30.70
CA ARG B 606 3.74 0.94 -31.64
C ARG B 606 5.04 1.72 -31.71
N ASP B 607 4.97 3.05 -31.72
CA ASP B 607 6.18 3.86 -31.81
C ASP B 607 6.94 3.88 -30.49
N ILE B 608 6.23 3.85 -29.36
CA ILE B 608 6.89 3.91 -28.06
C ILE B 608 7.80 2.71 -27.87
N THR B 609 7.32 1.52 -28.21
CA THR B 609 8.09 0.30 -27.98
C THR B 609 9.33 0.22 -28.87
N ALA B 610 9.37 0.99 -29.96
CA ALA B 610 10.47 0.85 -30.92
C ALA B 610 11.71 1.63 -30.51
N GLY B 611 11.55 2.72 -29.78
CA GLY B 611 12.68 3.59 -29.47
C GLY B 611 13.17 3.54 -28.04
N ALA B 612 12.56 2.68 -27.21
CA ALA B 612 12.88 2.68 -25.79
C ALA B 612 14.32 2.25 -25.54
N MET B 613 14.79 1.21 -26.23
CA MET B 613 16.14 0.73 -26.00
C MET B 613 17.18 1.75 -26.47
N ARG B 614 16.95 2.36 -27.63
CA ARG B 614 17.85 3.41 -28.09
C ARG B 614 17.85 4.59 -27.14
N ALA B 615 16.69 4.92 -26.57
CA ALA B 615 16.63 6.01 -25.59
C ALA B 615 17.43 5.66 -24.34
N LEU B 616 17.34 4.41 -23.88
CA LEU B 616 18.12 3.98 -22.72
C LEU B 616 19.61 4.09 -23.00
N ILE B 617 20.04 3.60 -24.16
CA ILE B 617 21.46 3.67 -24.51
C ILE B 617 21.91 5.12 -24.63
N ALA B 618 21.06 5.98 -25.21
CA ALA B 618 21.39 7.39 -25.32
C ALA B 618 21.52 8.05 -23.95
N GLY B 619 20.63 7.69 -23.02
CA GLY B 619 20.77 8.22 -21.67
C GLY B 619 22.07 7.82 -21.01
N THR B 620 22.45 6.54 -21.17
CA THR B 620 23.74 6.10 -20.65
C THR B 620 24.88 6.89 -21.28
N ILE B 621 24.84 7.07 -22.59
CA ILE B 621 25.91 7.79 -23.28
C ILE B 621 25.98 9.24 -22.82
N ALA B 622 24.81 9.85 -22.58
CA ALA B 622 24.79 11.24 -22.09
C ALA B 622 25.40 11.34 -20.70
N CYS B 623 25.07 10.41 -19.81
CA CYS B 623 25.69 10.39 -18.50
C CYS B 623 27.21 10.24 -18.62
N PHE B 624 27.65 9.36 -19.52
CA PHE B 624 29.08 9.18 -19.70
C PHE B 624 29.75 10.42 -20.27
N LEU B 625 29.07 11.15 -21.15
CA LEU B 625 29.63 12.39 -21.69
C LEU B 625 29.75 13.45 -20.58
N THR B 626 28.74 13.57 -19.74
CA THR B 626 28.85 14.46 -18.59
C THR B 626 30.04 14.09 -17.73
N ALA B 627 30.23 12.78 -17.49
CA ALA B 627 31.37 12.33 -16.72
C ALA B 627 32.68 12.66 -17.41
N CYS B 628 32.73 12.54 -18.74
CA CYS B 628 33.96 12.87 -19.46
C CYS B 628 34.31 14.34 -19.32
N ILE B 629 33.30 15.22 -19.44
CA ILE B 629 33.58 16.64 -19.27
C ILE B 629 34.04 16.94 -17.85
N ALA B 630 33.37 16.37 -16.86
CA ALA B 630 33.79 16.56 -15.47
C ALA B 630 35.22 16.10 -15.27
N GLY B 631 35.57 14.94 -15.82
CA GLY B 631 36.92 14.44 -15.66
C GLY B 631 37.97 15.30 -16.34
N MET B 632 37.67 15.80 -17.54
CA MET B 632 38.62 16.66 -18.22
C MET B 632 38.75 18.03 -17.58
N LEU B 633 37.78 18.45 -16.78
CA LEU B 633 37.87 19.74 -16.10
C LEU B 633 38.36 19.65 -14.66
N THR B 634 38.49 18.44 -14.10
CA THR B 634 38.97 18.27 -12.74
C THR B 634 40.45 17.93 -12.72
N ASN B 635 41.15 18.47 -11.73
CA ASN B 635 42.58 18.24 -11.57
C ASN B 635 42.84 17.02 -10.69
N THR B 636 44.08 16.54 -10.74
CA THR B 636 44.48 15.37 -9.96
C THR B 636 45.06 15.82 -8.62
N PRO B 637 44.50 15.39 -7.48
CA PRO B 637 45.07 15.78 -6.19
C PRO B 637 46.30 14.96 -5.81
N GLU C 105 -31.77 -42.87 -5.72
CA GLU C 105 -31.63 -41.84 -4.69
C GLU C 105 -32.99 -41.36 -4.21
N ARG C 106 -33.88 -42.30 -3.92
CA ARG C 106 -35.21 -41.95 -3.44
C ARG C 106 -35.12 -41.24 -2.09
N MET C 107 -34.19 -41.65 -1.24
CA MET C 107 -34.04 -41.00 0.06
C MET C 107 -33.68 -39.53 -0.09
N CYS C 108 -32.81 -39.20 -1.05
CA CYS C 108 -32.44 -37.81 -1.27
C CYS C 108 -33.65 -36.99 -1.72
N GLY C 109 -34.46 -37.55 -2.62
CA GLY C 109 -35.65 -36.83 -3.05
C GLY C 109 -36.64 -36.64 -1.93
N ARG C 110 -36.83 -37.66 -1.09
CA ARG C 110 -37.71 -37.51 0.07
C ARG C 110 -37.20 -36.43 1.01
N MET C 111 -35.90 -36.41 1.27
CA MET C 111 -35.34 -35.39 2.15
C MET C 111 -35.52 -34.00 1.56
N SER C 112 -35.29 -33.85 0.26
CA SER C 112 -35.49 -32.55 -0.38
C SER C 112 -36.95 -32.12 -0.28
N ASP C 113 -37.88 -33.04 -0.51
CA ASP C 113 -39.30 -32.71 -0.42
C ASP C 113 -39.66 -32.29 1.00
N PHE C 114 -39.15 -33.02 2.00
CA PHE C 114 -39.45 -32.65 3.39
C PHE C 114 -38.89 -31.29 3.73
N CYS C 115 -37.66 -31.00 3.27
CA CYS C 115 -37.06 -29.70 3.53
C CYS C 115 -37.88 -28.58 2.89
N ARG C 116 -38.31 -28.79 1.64
CA ARG C 116 -39.06 -27.74 0.95
C ARG C 116 -40.45 -27.55 1.55
N GLU C 117 -41.09 -28.62 2.01
CA GLU C 117 -42.48 -28.52 2.47
C GLU C 117 -42.58 -27.65 3.72
N HIS C 118 -41.69 -27.86 4.68
CA HIS C 118 -41.75 -27.19 5.99
C HIS C 118 -40.44 -26.48 6.29
N LYS C 119 -39.94 -25.70 5.32
CA LYS C 119 -38.71 -24.94 5.54
C LYS C 119 -38.90 -23.91 6.65
N THR C 120 -40.04 -23.23 6.67
CA THR C 120 -40.27 -22.20 7.67
C THR C 120 -40.33 -22.78 9.07
N THR C 121 -41.01 -23.92 9.24
CA THR C 121 -41.19 -24.51 10.56
C THR C 121 -39.93 -25.18 11.09
N LEU C 122 -38.91 -25.38 10.26
CA LEU C 122 -37.67 -26.03 10.66
C LEU C 122 -36.65 -25.03 11.20
N ARG C 123 -36.36 -23.99 10.42
CA ARG C 123 -35.40 -22.98 10.88
C ARG C 123 -35.92 -22.25 12.11
N TYR C 124 -37.23 -22.00 12.15
CA TYR C 124 -37.81 -21.35 13.33
C TYR C 124 -37.63 -22.23 14.56
N ILE C 125 -37.84 -23.54 14.41
CA ILE C 125 -37.64 -24.45 15.54
C ILE C 125 -36.18 -24.46 15.97
N ILE C 126 -35.25 -24.45 15.00
CA ILE C 126 -33.83 -24.44 15.35
C ILE C 126 -33.49 -23.17 16.13
N TRP C 127 -33.98 -22.02 15.67
CA TRP C 127 -33.73 -20.76 16.38
C TRP C 127 -34.36 -20.78 17.76
N GLY C 128 -35.57 -21.34 17.88
CA GLY C 128 -36.19 -21.47 19.20
C GLY C 128 -35.37 -22.33 20.14
N ILE C 129 -34.80 -23.42 19.62
CA ILE C 129 -33.96 -24.28 20.44
C ILE C 129 -32.72 -23.54 20.90
N LEU C 130 -32.09 -22.77 20.01
CA LEU C 130 -30.92 -21.99 20.40
C LEU C 130 -31.28 -20.97 21.48
N ILE C 131 -32.41 -20.28 21.30
CA ILE C 131 -32.84 -19.29 22.30
C ILE C 131 -33.10 -19.98 23.63
N ALA C 132 -33.74 -21.15 23.61
CA ALA C 132 -34.00 -21.88 24.84
C ALA C 132 -32.70 -22.28 25.52
N GLY C 133 -31.71 -22.70 24.74
CA GLY C 133 -30.42 -23.04 25.32
C GLY C 133 -29.76 -21.84 26.00
N TYR C 134 -29.79 -20.69 25.32
CA TYR C 134 -29.22 -19.48 25.91
C TYR C 134 -29.93 -19.11 27.21
N LEU C 135 -31.26 -19.16 27.20
CA LEU C 135 -32.03 -18.83 28.39
C LEU C 135 -31.74 -19.82 29.52
N ALA C 136 -31.59 -21.10 29.18
CA ALA C 136 -31.22 -22.09 30.18
C ALA C 136 -29.87 -21.79 30.80
N LEU C 137 -28.89 -21.42 29.97
CA LEU C 137 -27.58 -21.03 30.50
C LEU C 137 -27.71 -19.85 31.44
N VAL C 138 -28.48 -18.83 31.04
CA VAL C 138 -28.59 -17.62 31.86
C VAL C 138 -29.25 -17.95 33.20
N ILE C 139 -30.34 -18.71 33.17
CA ILE C 139 -31.05 -19.02 34.40
C ILE C 139 -30.20 -19.91 35.31
N ALA C 140 -29.47 -20.86 34.73
CA ALA C 140 -28.58 -21.68 35.55
C ALA C 140 -27.49 -20.85 36.21
N ALA C 141 -26.90 -19.92 35.45
CA ALA C 141 -25.89 -19.04 36.03
C ALA C 141 -26.48 -18.21 37.16
N CYS C 142 -27.69 -17.68 36.97
CA CYS C 142 -28.34 -16.92 38.02
C CYS C 142 -28.60 -17.78 39.25
N VAL C 143 -29.04 -19.02 39.05
CA VAL C 143 -29.35 -19.91 40.17
C VAL C 143 -28.08 -20.21 40.96
N MET C 144 -26.98 -20.52 40.28
CA MET C 144 -25.75 -20.83 40.97
C MET C 144 -25.25 -19.63 41.77
N ASN C 145 -25.32 -18.44 41.19
CA ASN C 145 -24.94 -17.22 41.91
C ASN C 145 -25.52 -16.03 41.16
N PHE C 146 -26.35 -15.24 41.84
CA PHE C 146 -27.06 -14.15 41.18
C PHE C 146 -26.18 -12.91 41.05
N HIS C 147 -25.46 -12.54 42.12
CA HIS C 147 -24.64 -11.34 42.08
C HIS C 147 -23.56 -11.44 41.00
N ARG C 148 -22.98 -12.63 40.85
CA ARG C 148 -21.91 -12.82 39.87
C ARG C 148 -22.44 -12.78 38.44
N ALA C 149 -23.71 -13.16 38.24
CA ALA C 149 -24.31 -13.23 36.91
C ALA C 149 -25.20 -12.04 36.60
N LEU C 150 -25.15 -10.98 37.42
CA LEU C 150 -26.06 -9.86 37.22
C LEU C 150 -25.93 -9.22 35.84
N PRO C 151 -24.74 -8.87 35.35
CA PRO C 151 -24.67 -8.19 34.05
C PRO C 151 -25.26 -8.99 32.91
N LEU C 152 -25.07 -10.31 32.92
CA LEU C 152 -25.67 -11.14 31.88
C LEU C 152 -27.18 -11.06 31.92
N PHE C 153 -27.75 -11.10 33.12
CA PHE C 153 -29.20 -10.97 33.27
C PHE C 153 -29.67 -9.62 32.76
N VAL C 154 -28.93 -8.55 33.08
CA VAL C 154 -29.34 -7.21 32.63
C VAL C 154 -29.31 -7.15 31.10
N ILE C 155 -28.25 -7.68 30.49
CA ILE C 155 -28.14 -7.65 29.04
C ILE C 155 -29.30 -8.42 28.41
N THR C 156 -29.59 -9.61 28.95
CA THR C 156 -30.70 -10.40 28.42
C THR C 156 -32.02 -9.66 28.56
N VAL C 157 -32.25 -9.03 29.71
CA VAL C 157 -33.50 -8.32 29.94
C VAL C 157 -33.65 -7.17 28.95
N VAL C 158 -32.59 -6.38 28.77
CA VAL C 158 -32.69 -5.24 27.86
C VAL C 158 -32.88 -5.70 26.43
N ALA C 159 -32.19 -6.77 26.02
CA ALA C 159 -32.38 -7.27 24.67
C ALA C 159 -33.80 -7.76 24.45
N ILE C 160 -34.36 -8.49 25.42
CA ILE C 160 -35.73 -8.96 25.29
C ILE C 160 -36.70 -7.79 25.21
N PHE C 161 -36.50 -6.78 26.07
CA PHE C 161 -37.38 -5.61 26.06
C PHE C 161 -37.34 -4.92 24.71
N PHE C 162 -36.14 -4.72 24.16
CA PHE C 162 -36.05 -4.03 22.87
C PHE C 162 -36.66 -4.86 21.75
N VAL C 163 -36.46 -6.17 21.76
CA VAL C 163 -37.05 -7.02 20.73
C VAL C 163 -38.57 -6.93 20.77
N VAL C 164 -39.14 -7.05 21.97
CA VAL C 164 -40.59 -6.98 22.10
C VAL C 164 -41.10 -5.60 21.69
N TRP C 165 -40.39 -4.54 22.08
CA TRP C 165 -40.79 -3.19 21.71
C TRP C 165 -40.82 -3.03 20.20
N ASP C 166 -39.75 -3.46 19.53
CA ASP C 166 -39.71 -3.34 18.07
C ASP C 166 -40.83 -4.13 17.42
N HIS C 167 -41.07 -5.36 17.91
CA HIS C 167 -42.15 -6.16 17.35
C HIS C 167 -43.49 -5.46 17.51
N LEU C 168 -43.77 -4.91 18.69
CA LEU C 168 -45.05 -4.26 18.94
C LEU C 168 -45.20 -3.01 18.08
N MET C 169 -44.14 -2.21 17.97
CA MET C 169 -44.22 -0.99 17.16
C MET C 169 -44.42 -1.32 15.68
N ALA C 170 -43.79 -2.39 15.20
CA ALA C 170 -43.98 -2.78 13.80
C ALA C 170 -45.38 -3.33 13.56
N LYS C 171 -45.94 -4.05 14.55
CA LYS C 171 -47.24 -4.67 14.36
C LYS C 171 -48.37 -3.65 14.51
N TYR C 172 -48.37 -2.89 15.60
CA TYR C 172 -49.50 -2.02 15.95
C TYR C 172 -49.22 -0.54 15.67
N GLU C 173 -48.53 -0.24 14.56
CA GLU C 173 -48.22 1.15 14.25
C GLU C 173 -49.49 1.95 13.97
N SER C 174 -50.38 1.42 13.11
CA SER C 174 -51.57 2.16 12.72
C SER C 174 -52.48 2.40 13.93
N GLN C 175 -52.66 1.39 14.78
CA GLN C 175 -53.53 1.56 15.94
C GLN C 175 -52.98 2.64 16.87
N ILE C 176 -51.67 2.63 17.09
CA ILE C 176 -51.06 3.63 17.96
C ILE C 176 -51.21 5.03 17.35
N ALA C 177 -51.00 5.15 16.04
CA ALA C 177 -51.17 6.44 15.39
C ALA C 177 -52.60 6.95 15.55
N ARG C 178 -53.58 6.07 15.32
CA ARG C 178 -54.97 6.47 15.47
C ARG C 178 -55.28 6.86 16.91
N PHE C 179 -54.70 6.15 17.88
CA PHE C 179 -54.93 6.47 19.27
C PHE C 179 -54.30 7.81 19.66
N LEU C 180 -53.16 8.15 19.05
CA LEU C 180 -52.52 9.43 19.31
C LEU C 180 -53.11 10.59 18.50
N SER C 181 -53.92 10.30 17.49
CA SER C 181 -54.45 11.38 16.65
C SER C 181 -55.27 12.39 17.43
N PRO C 182 -56.24 12.01 18.27
CA PRO C 182 -57.09 13.04 18.92
C PRO C 182 -56.29 14.05 19.73
N GLY C 183 -55.28 13.60 20.47
CA GLY C 183 -54.49 14.52 21.26
C GLY C 183 -53.76 15.53 20.40
N GLN C 184 -53.25 15.09 19.25
CA GLN C 184 -52.60 16.02 18.34
C GLN C 184 -53.58 17.07 17.83
N ARG C 185 -54.81 16.65 17.53
CA ARG C 185 -55.82 17.62 17.08
C ARG C 185 -56.14 18.63 18.17
N LEU C 186 -56.31 18.17 19.41
CA LEU C 186 -56.59 19.10 20.50
C LEU C 186 -55.44 20.07 20.71
N LEU C 187 -54.20 19.56 20.66
CA LEU C 187 -53.03 20.42 20.83
C LEU C 187 -52.94 21.43 19.69
N ASP C 188 -53.22 21.01 18.46
CA ASP C 188 -53.21 21.94 17.35
C ASP C 188 -54.32 22.99 17.48
N SER C 189 -55.43 22.61 18.10
CA SER C 189 -56.52 23.56 18.30
C SER C 189 -56.14 24.62 19.34
N HIS C 190 -55.50 24.22 20.43
CA HIS C 190 -55.15 25.14 21.50
C HIS C 190 -53.75 25.73 21.38
N TRP C 191 -53.00 25.38 20.32
CA TRP C 191 -51.62 25.82 20.21
C TRP C 191 -51.51 27.33 20.06
N PHE C 192 -52.43 27.97 19.33
CA PHE C 192 -52.27 29.39 19.02
C PHE C 192 -52.13 30.21 20.29
N TRP C 193 -52.66 29.72 21.41
CA TRP C 193 -52.51 30.40 22.69
C TRP C 193 -51.63 29.65 23.69
N LEU C 194 -51.43 28.34 23.52
CA LEU C 194 -50.56 27.61 24.43
C LEU C 194 -49.08 27.80 24.12
N LYS C 195 -48.75 28.21 22.88
CA LYS C 195 -47.35 28.36 22.51
C LYS C 195 -46.68 29.45 23.34
N TRP C 196 -47.36 30.56 23.57
CA TRP C 196 -46.78 31.64 24.37
C TRP C 196 -46.51 31.18 25.80
N VAL C 197 -47.45 30.42 26.38
CA VAL C 197 -47.25 29.93 27.74
C VAL C 197 -46.04 29.00 27.79
N ILE C 198 -45.94 28.08 26.83
CA ILE C 198 -44.82 27.14 26.83
C ILE C 198 -43.50 27.88 26.67
N TRP C 199 -43.44 28.83 25.74
CA TRP C 199 -42.20 29.57 25.51
C TRP C 199 -41.81 30.39 26.73
N GLY C 200 -42.79 31.03 27.38
CA GLY C 200 -42.49 31.77 28.59
C GLY C 200 -41.99 30.88 29.71
N CYS C 201 -42.58 29.68 29.84
CA CYS C 201 -42.10 28.75 30.84
C CYS C 201 -40.65 28.35 30.56
N LEU C 202 -40.33 28.06 29.31
CA LEU C 202 -38.96 27.69 28.96
C LEU C 202 -37.98 28.83 29.23
N ILE C 203 -38.36 30.06 28.87
CA ILE C 203 -37.48 31.21 29.10
C ILE C 203 -37.27 31.42 30.59
N LEU C 204 -38.34 31.32 31.38
CA LEU C 204 -38.20 31.46 32.83
C LEU C 204 -37.30 30.38 33.40
N GLY C 205 -37.42 29.15 32.90
CA GLY C 205 -36.53 28.10 33.36
C GLY C 205 -35.08 28.39 33.02
N VAL C 206 -34.83 28.90 31.82
CA VAL C 206 -33.46 29.26 31.45
C VAL C 206 -32.92 30.34 32.38
N ILE C 207 -33.73 31.37 32.64
CA ILE C 207 -33.28 32.47 33.49
C ILE C 207 -33.00 31.96 34.91
N LEU C 208 -33.89 31.13 35.45
CA LEU C 208 -33.69 30.59 36.79
C LEU C 208 -32.43 29.73 36.86
N TRP C 209 -32.24 28.87 35.86
CA TRP C 209 -31.04 28.04 35.85
C TRP C 209 -29.79 28.91 35.82
N LEU C 210 -29.77 29.92 34.95
CA LEU C 210 -28.64 30.85 34.93
C LEU C 210 -28.40 31.41 36.32
N VAL C 211 -29.40 32.12 36.86
CA VAL C 211 -29.22 32.87 38.10
C VAL C 211 -28.75 31.95 39.22
N PHE C 212 -29.34 30.77 39.35
CA PHE C 212 -29.14 29.95 40.53
C PHE C 212 -28.06 28.89 40.40
N ASP C 213 -27.52 28.65 39.19
CA ASP C 213 -26.41 27.72 39.03
C ASP C 213 -25.20 28.37 38.36
N THR C 214 -25.40 29.01 37.21
CA THR C 214 -24.26 29.48 36.43
C THR C 214 -23.57 30.65 37.11
N ALA C 215 -24.36 31.55 37.69
CA ALA C 215 -23.77 32.65 38.47
C ALA C 215 -23.05 32.13 39.70
N LYS C 216 -23.57 31.06 40.32
CA LYS C 216 -22.89 30.48 41.47
C LYS C 216 -21.55 29.85 41.06
N LEU C 217 -21.52 29.18 39.91
CA LEU C 217 -20.30 28.53 39.47
C LEU C 217 -19.17 29.53 39.24
N GLY C 218 -19.47 30.65 38.61
CA GLY C 218 -18.49 31.71 38.44
C GLY C 218 -18.77 32.51 37.18
N GLN C 219 -17.79 33.35 36.83
CA GLN C 219 -17.90 34.22 35.67
C GLN C 219 -17.70 33.46 34.37
N GLN C 220 -16.80 32.47 34.38
CA GLN C 220 -16.43 31.79 33.14
C GLN C 220 -17.62 31.07 32.52
N GLN C 221 -18.55 30.58 33.34
CA GLN C 221 -19.72 29.89 32.80
C GLN C 221 -20.66 30.88 32.12
N LEU C 222 -20.86 32.05 32.72
CA LEU C 222 -21.62 33.09 32.06
C LEU C 222 -20.95 33.52 30.76
N VAL C 223 -19.62 33.55 30.75
CA VAL C 223 -18.91 33.85 29.52
C VAL C 223 -19.13 32.75 28.48
N SER C 224 -19.21 31.49 28.93
CA SER C 224 -19.53 30.41 28.00
C SER C 224 -20.90 30.59 27.39
N PHE C 225 -21.89 30.96 28.21
CA PHE C 225 -23.23 31.21 27.70
C PHE C 225 -23.23 32.37 26.70
N GLY C 226 -22.53 33.46 27.03
CA GLY C 226 -22.42 34.57 26.11
C GLY C 226 -21.73 34.17 24.82
N GLY C 227 -20.73 33.29 24.91
CA GLY C 227 -20.07 32.82 23.71
C GLY C 227 -20.98 31.98 22.84
N LEU C 228 -21.80 31.14 23.47
CA LEU C 228 -22.80 30.39 22.73
C LEU C 228 -23.74 31.33 21.98
N ILE C 229 -24.24 32.35 22.68
CA ILE C 229 -25.11 33.34 22.03
C ILE C 229 -24.39 34.03 20.89
N ILE C 230 -23.13 34.40 21.10
CA ILE C 230 -22.36 35.12 20.08
C ILE C 230 -22.14 34.24 18.85
N TYR C 231 -21.79 32.97 19.06
CA TYR C 231 -21.59 32.06 17.93
C TYR C 231 -22.88 31.88 17.15
N THR C 232 -24.01 31.72 17.84
CA THR C 232 -25.28 31.60 17.12
C THR C 232 -25.58 32.87 16.34
N SER C 233 -25.36 34.04 16.94
CA SER C 233 -25.62 35.30 16.26
C SER C 233 -24.73 35.46 15.03
N LEU C 234 -23.45 35.11 15.15
CA LEU C 234 -22.54 35.22 14.00
C LEU C 234 -22.94 34.23 12.91
N THR C 235 -23.39 33.03 13.28
CA THR C 235 -23.86 32.09 12.27
C THR C 235 -25.09 32.61 11.55
N PHE C 236 -25.99 33.29 12.27
CA PHE C 236 -27.18 33.84 11.63
C PHE C 236 -26.83 35.02 10.74
N LEU C 237 -25.90 35.88 11.18
CA LEU C 237 -25.60 37.09 10.43
C LEU C 237 -25.02 36.77 9.06
N PHE C 238 -24.09 35.81 8.99
CA PHE C 238 -23.46 35.42 7.74
C PHE C 238 -24.19 34.26 7.06
N SER C 239 -25.50 34.13 7.29
CA SER C 239 -26.26 33.03 6.72
C SER C 239 -26.44 33.21 5.23
N LYS C 240 -26.61 32.09 4.54
CA LYS C 240 -26.83 32.11 3.10
C LYS C 240 -28.16 32.79 2.76
N HIS C 241 -29.22 32.46 3.49
CA HIS C 241 -30.55 33.03 3.31
C HIS C 241 -31.06 33.48 4.67
N PRO C 242 -30.63 34.65 5.14
CA PRO C 242 -31.05 35.09 6.48
C PRO C 242 -32.55 35.24 6.64
N THR C 243 -33.29 35.41 5.55
CA THR C 243 -34.73 35.62 5.61
C THR C 243 -35.52 34.33 5.47
N LYS C 244 -34.85 33.20 5.24
CA LYS C 244 -35.51 31.91 5.09
C LYS C 244 -35.16 30.95 6.23
N VAL C 245 -34.94 31.50 7.42
CA VAL C 245 -34.47 30.71 8.56
C VAL C 245 -35.66 30.04 9.25
N TYR C 246 -35.57 28.72 9.41
CA TYR C 246 -36.52 27.95 10.22
C TYR C 246 -35.89 27.75 11.59
N TRP C 247 -36.47 28.39 12.60
CA TRP C 247 -35.85 28.45 13.93
C TRP C 247 -36.15 27.25 14.81
N ARG C 248 -37.06 26.37 14.41
CA ARG C 248 -37.34 25.20 15.23
C ARG C 248 -36.11 24.31 15.40
N PRO C 249 -35.41 23.89 14.34
CA PRO C 249 -34.26 23.00 14.53
C PRO C 249 -33.14 23.62 15.35
N VAL C 250 -32.90 24.92 15.24
CA VAL C 250 -31.80 25.54 15.97
C VAL C 250 -32.04 25.44 17.47
N PHE C 251 -33.22 25.90 17.91
CA PHE C 251 -33.54 25.86 19.33
C PHE C 251 -33.63 24.42 19.83
N TRP C 252 -34.20 23.52 19.01
CA TRP C 252 -34.33 22.14 19.47
C TRP C 252 -32.97 21.46 19.59
N GLY C 253 -32.05 21.72 18.66
CA GLY C 253 -30.72 21.16 18.78
C GLY C 253 -29.95 21.70 19.97
N ILE C 254 -30.03 23.01 20.20
CA ILE C 254 -29.36 23.58 21.38
C ILE C 254 -29.95 22.99 22.64
N GLY C 255 -31.28 22.83 22.68
CA GLY C 255 -31.92 22.26 23.86
C GLY C 255 -31.54 20.82 24.08
N LEU C 256 -31.45 20.03 23.01
CA LEU C 256 -31.02 18.64 23.15
C LEU C 256 -29.59 18.56 23.67
N GLN C 257 -28.71 19.44 23.18
CA GLN C 257 -27.36 19.50 23.72
C GLN C 257 -27.38 19.83 25.21
N PHE C 258 -28.18 20.81 25.60
CA PHE C 258 -28.24 21.19 27.01
C PHE C 258 -28.77 20.04 27.87
N LEU C 259 -29.79 19.33 27.38
CA LEU C 259 -30.34 18.21 28.14
C LEU C 259 -29.32 17.09 28.27
N LEU C 260 -28.61 16.77 27.19
CA LEU C 260 -27.55 15.76 27.28
C LEU C 260 -26.48 16.17 28.27
N GLY C 261 -26.08 17.44 28.24
CA GLY C 261 -25.09 17.91 29.19
C GLY C 261 -25.57 17.78 30.63
N LEU C 262 -26.81 18.17 30.88
CA LEU C 262 -27.37 18.03 32.23
C LEU C 262 -27.38 16.57 32.66
N LEU C 263 -27.82 15.68 31.78
CA LEU C 263 -27.94 14.27 32.13
C LEU C 263 -26.58 13.66 32.43
N ILE C 264 -25.56 13.98 31.62
CA ILE C 264 -24.29 13.27 31.69
C ILE C 264 -23.32 13.91 32.68
N LEU C 265 -23.28 15.24 32.72
CA LEU C 265 -22.29 15.94 33.52
C LEU C 265 -22.80 16.36 34.90
N ARG C 266 -24.12 16.36 35.10
CA ARG C 266 -24.70 16.93 36.32
C ARG C 266 -25.58 15.93 37.07
N THR C 267 -25.55 14.65 36.70
CA THR C 267 -26.30 13.62 37.40
C THR C 267 -25.42 12.40 37.59
N GLU C 268 -25.54 11.78 38.77
CA GLU C 268 -24.76 10.58 39.05
C GLU C 268 -25.07 9.44 38.10
N PRO C 269 -26.33 9.14 37.76
CA PRO C 269 -26.58 8.04 36.82
C PRO C 269 -25.83 8.19 35.51
N GLY C 270 -25.98 9.32 34.82
CA GLY C 270 -25.32 9.49 33.54
C GLY C 270 -23.81 9.54 33.66
N PHE C 271 -23.31 10.21 34.69
CA PHE C 271 -21.86 10.27 34.91
C PHE C 271 -21.28 8.88 35.07
N MET C 272 -21.90 8.06 35.94
CA MET C 272 -21.43 6.70 36.15
C MET C 272 -21.55 5.88 34.87
N ALA C 273 -22.66 6.03 34.15
CA ALA C 273 -22.86 5.24 32.93
C ALA C 273 -21.78 5.53 31.90
N PHE C 274 -21.47 6.82 31.68
CA PHE C 274 -20.48 7.16 30.68
C PHE C 274 -19.05 6.91 31.15
N ASP C 275 -18.78 7.01 32.45
CA ASP C 275 -17.47 6.59 32.95
C ASP C 275 -17.27 5.10 32.74
N TRP C 276 -18.29 4.29 33.02
CA TRP C 276 -18.23 2.86 32.76
C TRP C 276 -18.03 2.58 31.27
N LEU C 277 -18.78 3.29 30.43
CA LEU C 277 -18.69 3.09 28.99
C LEU C 277 -17.28 3.40 28.49
N GLY C 278 -16.69 4.48 28.97
CA GLY C 278 -15.32 4.80 28.60
C GLY C 278 -14.32 3.79 29.12
N LYS C 279 -14.52 3.32 30.35
CA LYS C 279 -13.62 2.30 30.90
C LYS C 279 -13.69 1.00 30.12
N GLN C 280 -14.84 0.70 29.53
CA GLN C 280 -14.94 -0.51 28.71
C GLN C 280 -14.11 -0.38 27.42
N VAL C 281 -14.03 0.82 26.87
CA VAL C 281 -13.25 1.03 25.65
C VAL C 281 -11.75 0.85 25.93
N GLN C 282 -11.30 1.33 27.10
CA GLN C 282 -9.90 1.16 27.46
C GLN C 282 -9.52 -0.32 27.55
N THR C 283 -10.40 -1.12 28.15
CA THR C 283 -10.17 -2.57 28.18
C THR C 283 -10.21 -3.16 26.78
N PHE C 284 -11.09 -2.64 25.92
CA PHE C 284 -11.28 -3.23 24.60
C PHE C 284 -10.10 -2.93 23.67
N LEU C 285 -9.43 -1.79 23.85
CA LEU C 285 -8.32 -1.43 22.99
C LEU C 285 -7.02 -2.14 23.36
N GLY C 286 -7.01 -2.91 24.44
CA GLY C 286 -5.84 -3.67 24.82
C GLY C 286 -5.68 -5.00 24.14
N TYR C 287 -6.71 -5.45 23.43
CA TYR C 287 -6.67 -6.75 22.77
C TYR C 287 -5.81 -6.74 21.51
N SER C 288 -5.65 -5.58 20.87
CA SER C 288 -4.80 -5.50 19.69
C SER C 288 -3.34 -5.77 20.00
N ASP C 289 -2.95 -5.65 21.27
CA ASP C 289 -1.57 -5.96 21.67
C ASP C 289 -1.22 -7.41 21.36
N ALA C 290 -2.21 -8.30 21.39
CA ALA C 290 -1.93 -9.71 21.10
C ALA C 290 -1.38 -9.89 19.69
N GLY C 291 -1.98 -9.24 18.71
CA GLY C 291 -1.50 -9.30 17.35
C GLY C 291 -0.27 -8.45 17.12
N ALA C 292 -0.21 -7.30 17.79
CA ALA C 292 0.94 -6.41 17.63
C ALA C 292 2.22 -7.03 18.17
N SER C 293 2.12 -7.85 19.22
CA SER C 293 3.28 -8.49 19.80
C SER C 293 3.79 -9.65 18.96
N PHE C 294 2.95 -10.22 18.10
CA PHE C 294 3.40 -11.30 17.22
C PHE C 294 3.91 -10.76 15.89
N VAL C 295 3.17 -9.85 15.26
CA VAL C 295 3.61 -9.32 13.97
C VAL C 295 4.88 -8.50 14.13
N PHE C 296 4.99 -7.75 15.22
CA PHE C 296 6.13 -6.87 15.45
C PHE C 296 7.02 -7.32 16.61
N GLY C 297 6.66 -8.38 17.31
CA GLY C 297 7.50 -8.92 18.36
C GLY C 297 7.26 -8.28 19.71
N GLU C 298 7.95 -8.82 20.72
CA GLU C 298 7.85 -8.27 22.07
C GLU C 298 8.42 -6.87 22.16
N LYS C 299 9.27 -6.47 21.21
CA LYS C 299 9.83 -5.13 21.16
C LYS C 299 8.95 -4.16 20.38
N TYR C 300 7.67 -4.49 20.19
CA TYR C 300 6.77 -3.59 19.48
C TYR C 300 6.58 -2.26 20.20
N THR C 301 6.91 -2.21 21.49
CA THR C 301 6.81 -0.97 22.25
C THR C 301 7.98 -0.02 22.00
N ASP C 302 9.05 -0.49 21.37
CA ASP C 302 10.15 0.39 20.99
C ASP C 302 9.70 1.45 20.00
N HIS C 303 8.65 1.18 19.24
CA HIS C 303 8.05 2.13 18.31
C HIS C 303 6.58 2.22 18.70
N PHE C 304 6.28 3.11 19.64
CA PHE C 304 4.96 3.11 20.26
C PHE C 304 3.86 3.38 19.24
N PHE C 305 3.93 4.52 18.55
CA PHE C 305 2.84 4.92 17.68
C PHE C 305 2.59 3.87 16.59
N ALA C 306 3.60 3.62 15.77
CA ALA C 306 3.37 2.82 14.56
C ALA C 306 2.96 1.40 14.90
N PHE C 307 3.55 0.80 15.92
CA PHE C 307 3.38 -0.61 16.20
C PHE C 307 2.41 -0.90 17.33
N LYS C 308 1.81 0.11 17.95
CA LYS C 308 0.84 -0.14 19.01
C LYS C 308 -0.46 0.62 18.79
N VAL C 309 -0.40 1.81 18.18
CA VAL C 309 -1.58 2.67 18.07
C VAL C 309 -2.37 2.38 16.81
N LEU C 310 -1.69 2.15 15.69
CA LEU C 310 -2.36 1.89 14.42
C LEU C 310 -3.05 0.52 14.44
N PRO C 311 -2.45 -0.48 15.09
CA PRO C 311 -3.19 -1.75 15.27
C PRO C 311 -4.51 -1.56 15.98
N ILE C 312 -4.61 -0.59 16.89
CA ILE C 312 -5.89 -0.29 17.51
C ILE C 312 -6.89 0.18 16.47
N VAL C 313 -6.44 1.02 15.53
CA VAL C 313 -7.31 1.47 14.45
C VAL C 313 -7.76 0.28 13.61
N ILE C 314 -6.83 -0.62 13.30
CA ILE C 314 -7.18 -1.80 12.49
C ILE C 314 -8.25 -2.63 13.21
N PHE C 315 -8.02 -2.90 14.49
CA PHE C 315 -8.96 -3.73 15.24
C PHE C 315 -10.33 -3.07 15.36
N PHE C 316 -10.35 -1.76 15.61
CA PHE C 316 -11.63 -1.07 15.72
C PHE C 316 -12.36 -1.04 14.39
N SER C 317 -11.64 -0.85 13.29
CA SER C 317 -12.27 -0.92 11.97
C SER C 317 -12.87 -2.30 11.73
N THR C 318 -12.13 -3.35 12.08
CA THR C 318 -12.65 -4.70 11.93
C THR C 318 -13.93 -4.90 12.75
N VAL C 319 -13.91 -4.43 13.99
CA VAL C 319 -15.08 -4.60 14.87
C VAL C 319 -16.27 -3.82 14.32
N MET C 320 -16.02 -2.61 13.82
CA MET C 320 -17.12 -1.82 13.26
C MET C 320 -17.71 -2.49 12.02
N SER C 321 -16.85 -3.07 11.18
CA SER C 321 -17.35 -3.80 10.02
C SER C 321 -18.20 -4.99 10.44
N MET C 322 -17.75 -5.73 11.45
CA MET C 322 -18.52 -6.86 11.95
C MET C 322 -19.87 -6.40 12.50
N LEU C 323 -19.88 -5.30 13.25
CA LEU C 323 -21.14 -4.80 13.80
C LEU C 323 -22.08 -4.31 12.70
N TYR C 324 -21.53 -3.70 11.65
CA TYR C 324 -22.38 -3.28 10.53
C TYR C 324 -22.96 -4.49 9.82
N TYR C 325 -22.18 -5.57 9.69
CA TYR C 325 -22.72 -6.80 9.12
C TYR C 325 -23.84 -7.34 9.99
N LEU C 326 -23.66 -7.35 11.30
CA LEU C 326 -24.70 -7.86 12.20
C LEU C 326 -25.92 -6.96 12.25
N GLY C 327 -25.85 -5.74 11.75
CA GLY C 327 -26.99 -4.84 11.75
C GLY C 327 -27.24 -4.13 13.06
N LEU C 328 -26.28 -4.16 13.99
CA LEU C 328 -26.47 -3.51 15.28
C LEU C 328 -26.25 -2.01 15.21
N MET C 329 -25.42 -1.54 14.28
CA MET C 329 -25.15 -0.11 14.17
C MET C 329 -26.35 0.64 13.60
N GLN C 330 -26.96 0.09 12.56
CA GLN C 330 -28.13 0.71 11.96
C GLN C 330 -29.28 0.77 12.96
N TRP C 331 -29.37 -0.19 13.87
CA TRP C 331 -30.45 -0.19 14.85
C TRP C 331 -30.38 1.04 15.74
N ILE C 332 -29.18 1.40 16.20
CA ILE C 332 -29.01 2.58 17.03
C ILE C 332 -29.15 3.85 16.18
N ILE C 333 -28.61 3.81 14.95
CA ILE C 333 -28.67 4.98 14.09
C ILE C 333 -30.12 5.36 13.81
N ARG C 334 -30.98 4.37 13.54
CA ARG C 334 -32.38 4.66 13.27
C ARG C 334 -33.05 5.32 14.46
N LYS C 335 -32.79 4.82 15.67
CA LYS C 335 -33.40 5.40 16.87
C LYS C 335 -32.98 6.85 17.05
N VAL C 336 -31.67 7.11 16.96
CA VAL C 336 -31.19 8.47 17.15
C VAL C 336 -31.74 9.40 16.08
N GLY C 337 -31.74 8.95 14.82
CA GLY C 337 -32.26 9.76 13.75
C GLY C 337 -33.75 10.02 13.87
N TRP C 338 -34.51 9.04 14.34
CA TRP C 338 -35.93 9.26 14.56
C TRP C 338 -36.15 10.29 15.66
N VAL C 339 -35.36 10.24 16.73
CA VAL C 339 -35.50 11.24 17.79
C VAL C 339 -35.23 12.64 17.23
N MET C 340 -34.11 12.79 16.53
CA MET C 340 -33.76 14.12 16.02
C MET C 340 -34.73 14.58 14.94
N LEU C 341 -35.34 13.65 14.21
CA LEU C 341 -36.30 14.01 13.17
C LEU C 341 -37.64 14.43 13.77
N VAL C 342 -38.08 13.74 14.83
CA VAL C 342 -39.35 14.08 15.43
C VAL C 342 -39.27 15.32 16.31
N THR C 343 -38.08 15.65 16.82
CA THR C 343 -37.93 16.85 17.63
C THR C 343 -37.58 18.07 16.77
N MET C 344 -36.48 17.98 16.01
CA MET C 344 -35.97 19.12 15.27
C MET C 344 -36.69 19.35 13.95
N GLY C 345 -37.43 18.36 13.46
CA GLY C 345 -38.14 18.52 12.20
C GLY C 345 -37.24 18.52 10.98
N THR C 346 -36.10 17.84 11.06
CA THR C 346 -35.15 17.78 9.96
C THR C 346 -35.53 16.68 8.98
N SER C 347 -34.94 16.74 7.79
CA SER C 347 -35.24 15.77 6.75
C SER C 347 -34.69 14.39 7.15
N PRO C 348 -35.34 13.31 6.72
CA PRO C 348 -34.86 11.97 7.11
C PRO C 348 -33.43 11.69 6.69
N VAL C 349 -33.02 12.13 5.50
CA VAL C 349 -31.69 11.80 5.00
C VAL C 349 -30.62 12.45 5.86
N GLU C 350 -30.76 13.75 6.12
CA GLU C 350 -29.76 14.46 6.90
C GLU C 350 -29.76 13.98 8.35
N SER C 351 -30.93 13.66 8.90
CA SER C 351 -30.99 13.12 10.25
C SER C 351 -30.26 11.78 10.32
N VAL C 352 -30.49 10.90 9.34
CA VAL C 352 -29.82 9.61 9.32
C VAL C 352 -28.31 9.79 9.21
N VAL C 353 -27.86 10.70 8.34
CA VAL C 353 -26.42 10.88 8.17
C VAL C 353 -25.80 11.48 9.41
N ALA C 354 -26.49 12.40 10.08
CA ALA C 354 -25.97 12.98 11.31
C ALA C 354 -25.87 11.92 12.40
N SER C 355 -26.89 11.07 12.54
CA SER C 355 -26.84 10.01 13.53
C SER C 355 -25.76 9.00 13.22
N GLY C 356 -25.49 8.74 11.94
CA GLY C 356 -24.45 7.81 11.56
C GLY C 356 -23.04 8.37 11.68
N ASN C 357 -22.88 9.68 11.59
CA ASN C 357 -21.55 10.27 11.71
C ASN C 357 -21.01 10.21 13.14
N ILE C 358 -21.84 9.87 14.12
CA ILE C 358 -21.34 9.67 15.48
C ILE C 358 -20.36 8.51 15.51
N PHE C 359 -20.67 7.44 14.79
CA PHE C 359 -19.86 6.22 14.79
C PHE C 359 -19.04 6.02 13.52
N ILE C 360 -19.39 6.68 12.43
CA ILE C 360 -18.78 6.43 11.13
C ILE C 360 -18.10 7.70 10.64
N GLY C 361 -17.10 7.54 9.80
CA GLY C 361 -16.36 8.66 9.26
C GLY C 361 -17.16 9.44 8.23
N GLN C 362 -16.57 10.57 7.82
CA GLN C 362 -17.24 11.45 6.87
C GLN C 362 -17.21 10.90 5.46
N THR C 363 -16.23 10.07 5.12
CA THR C 363 -16.11 9.51 3.78
C THR C 363 -16.90 8.22 3.61
N GLU C 364 -17.46 7.66 4.69
CA GLU C 364 -18.26 6.45 4.62
C GLU C 364 -19.70 6.62 5.09
N SER C 365 -20.00 7.68 5.84
CA SER C 365 -21.35 7.91 6.33
C SER C 365 -22.32 8.11 5.18
N PRO C 366 -21.96 8.88 4.14
CA PRO C 366 -22.91 9.09 3.04
C PRO C 366 -23.32 7.81 2.34
N LEU C 367 -22.54 6.73 2.45
CA LEU C 367 -22.93 5.48 1.82
C LEU C 367 -24.24 4.94 2.36
N LEU C 368 -24.67 5.40 3.54
CA LEU C 368 -25.93 4.94 4.09
C LEU C 368 -27.10 5.34 3.21
N VAL C 369 -26.97 6.44 2.47
CA VAL C 369 -28.05 6.95 1.62
C VAL C 369 -27.52 7.15 0.21
N ARG C 370 -26.57 6.30 -0.20
CA ARG C 370 -25.92 6.45 -1.50
C ARG C 370 -26.92 6.51 -2.65
N PRO C 371 -27.92 5.65 -2.74
CA PRO C 371 -28.82 5.69 -3.90
C PRO C 371 -29.55 7.03 -4.04
N TYR C 372 -29.85 7.71 -2.94
CA TYR C 372 -30.69 8.88 -2.95
C TYR C 372 -29.91 10.19 -2.94
N LEU C 373 -28.59 10.13 -3.03
CA LEU C 373 -27.75 11.33 -3.00
C LEU C 373 -28.05 12.24 -4.19
N PRO C 374 -28.21 11.71 -5.41
CA PRO C 374 -28.42 12.59 -6.57
C PRO C 374 -29.66 13.45 -6.48
N TYR C 375 -30.60 13.16 -5.57
CA TYR C 375 -31.86 13.87 -5.50
C TYR C 375 -31.98 14.74 -4.25
N VAL C 376 -30.92 14.87 -3.45
CA VAL C 376 -30.96 15.68 -2.26
C VAL C 376 -30.83 17.16 -2.63
N THR C 377 -31.38 18.02 -1.79
CA THR C 377 -31.30 19.45 -2.01
C THR C 377 -29.90 19.96 -1.67
N LYS C 378 -29.71 21.27 -1.82
CA LYS C 378 -28.43 21.88 -1.45
C LYS C 378 -28.29 21.95 0.07
N SER C 379 -29.38 22.26 0.77
CA SER C 379 -29.31 22.34 2.23
C SER C 379 -29.00 20.97 2.84
N GLU C 380 -29.59 19.91 2.31
CA GLU C 380 -29.30 18.57 2.83
C GLU C 380 -27.85 18.19 2.59
N LEU C 381 -27.32 18.53 1.41
CA LEU C 381 -25.91 18.23 1.12
C LEU C 381 -24.99 19.02 2.04
N HIS C 382 -25.30 20.30 2.27
CA HIS C 382 -24.51 21.10 3.20
C HIS C 382 -24.57 20.52 4.61
N ALA C 383 -25.76 20.07 5.03
CA ALA C 383 -25.89 19.44 6.34
C ALA C 383 -25.08 18.14 6.41
N ILE C 384 -25.08 17.35 5.34
CA ILE C 384 -24.28 16.14 5.34
C ILE C 384 -22.81 16.48 5.51
N MET C 385 -22.31 17.48 4.77
CA MET C 385 -20.89 17.80 4.87
C MET C 385 -20.54 18.40 6.23
N THR C 386 -21.42 19.21 6.79
CA THR C 386 -21.22 19.73 8.14
C THR C 386 -21.16 18.61 9.16
N ALA C 387 -22.10 17.66 9.08
CA ALA C 387 -22.09 16.53 10.01
C ALA C 387 -20.85 15.69 9.83
N GLY C 388 -20.33 15.59 8.61
CA GLY C 388 -19.09 14.89 8.37
C GLY C 388 -17.89 15.60 8.94
N PHE C 389 -17.94 16.93 9.02
CA PHE C 389 -16.83 17.70 9.56
C PHE C 389 -16.88 17.84 11.07
N SER C 390 -18.06 17.70 11.68
CA SER C 390 -18.24 18.02 13.09
C SER C 390 -18.09 16.82 14.02
N THR C 391 -17.77 15.64 13.50
CA THR C 391 -17.68 14.43 14.30
C THR C 391 -16.38 13.69 13.99
N ILE C 392 -16.17 12.59 14.70
CA ILE C 392 -15.03 11.71 14.48
C ILE C 392 -15.55 10.31 14.18
N ALA C 393 -14.65 9.37 13.98
CA ALA C 393 -15.01 7.98 13.70
C ALA C 393 -14.53 7.10 14.84
N GLY C 394 -15.24 5.99 15.04
CA GLY C 394 -14.89 5.08 16.11
C GLY C 394 -13.53 4.42 15.89
N SER C 395 -13.08 4.37 14.64
CA SER C 395 -11.79 3.73 14.35
C SER C 395 -10.63 4.47 15.02
N VAL C 396 -10.71 5.80 15.08
CA VAL C 396 -9.63 6.61 15.64
C VAL C 396 -9.90 7.02 17.08
N LEU C 397 -11.00 6.56 17.67
CA LEU C 397 -11.27 6.85 19.08
C LEU C 397 -10.21 6.22 19.98
N GLY C 398 -9.82 4.98 19.67
CA GLY C 398 -8.87 4.28 20.50
C GLY C 398 -7.50 4.93 20.52
N ALA C 399 -7.08 5.51 19.39
CA ALA C 399 -5.81 6.23 19.36
C ALA C 399 -5.83 7.43 20.30
N TYR C 400 -6.88 8.24 20.21
CA TYR C 400 -7.00 9.39 21.09
C TYR C 400 -7.07 8.97 22.55
N ILE C 401 -7.76 7.87 22.86
CA ILE C 401 -7.78 7.38 24.23
C ILE C 401 -6.40 6.92 24.66
N SER C 402 -5.64 6.31 23.75
CA SER C 402 -4.29 5.87 24.08
C SER C 402 -3.38 7.05 24.35
N PHE C 403 -3.57 8.17 23.65
CA PHE C 403 -2.76 9.35 23.93
C PHE C 403 -2.92 9.78 25.38
N GLY C 404 -4.13 9.67 25.92
CA GLY C 404 -4.40 10.07 27.29
C GLY C 404 -5.61 10.97 27.43
N VAL C 405 -6.39 11.10 26.35
CA VAL C 405 -7.57 11.93 26.35
C VAL C 405 -8.74 11.17 26.96
N SER C 406 -9.55 11.86 27.76
CA SER C 406 -10.66 11.23 28.45
C SER C 406 -11.62 10.59 27.45
N SER C 407 -11.99 9.34 27.73
CA SER C 407 -12.93 8.64 26.85
C SER C 407 -14.36 9.14 27.05
N SER C 408 -14.74 9.41 28.30
CA SER C 408 -16.08 9.88 28.59
C SER C 408 -16.36 11.19 27.86
N HIS C 409 -15.42 12.13 27.92
CA HIS C 409 -15.58 13.41 27.23
C HIS C 409 -15.69 13.20 25.72
N LEU C 410 -14.86 12.31 25.17
CA LEU C 410 -14.91 12.06 23.73
C LEU C 410 -16.27 11.51 23.32
N LEU C 411 -16.79 10.53 24.06
CA LEU C 411 -18.09 9.97 23.74
C LEU C 411 -19.19 11.02 23.88
N THR C 412 -19.13 11.83 24.94
CA THR C 412 -20.15 12.85 25.14
C THR C 412 -20.12 13.87 24.01
N ALA C 413 -18.94 14.31 23.60
CA ALA C 413 -18.84 15.27 22.51
C ALA C 413 -19.32 14.67 21.20
N SER C 414 -18.98 13.40 20.94
CA SER C 414 -19.46 12.74 19.73
C SER C 414 -20.98 12.66 19.70
N VAL C 415 -21.59 12.36 20.85
CA VAL C 415 -23.05 12.30 20.91
C VAL C 415 -23.66 13.68 20.74
N MET C 416 -23.05 14.70 21.34
CA MET C 416 -23.61 16.04 21.31
C MET C 416 -23.34 16.79 20.00
N SER C 417 -22.43 16.28 19.16
CA SER C 417 -22.06 17.01 17.95
C SER C 417 -23.08 16.89 16.82
N ALA C 418 -24.02 15.95 16.91
CA ALA C 418 -24.98 15.73 15.83
C ALA C 418 -26.06 16.81 15.82
N PRO C 419 -26.81 16.99 16.91
CA PRO C 419 -27.79 18.08 16.92
C PRO C 419 -27.15 19.45 16.70
N ALA C 420 -25.96 19.67 17.24
CA ALA C 420 -25.27 20.93 17.00
C ALA C 420 -24.97 21.12 15.53
N ALA C 421 -24.48 20.07 14.87
CA ALA C 421 -24.20 20.15 13.46
C ALA C 421 -25.46 20.46 12.66
N LEU C 422 -26.57 19.78 12.97
CA LEU C 422 -27.80 20.02 12.22
C LEU C 422 -28.32 21.44 12.45
N ALA C 423 -28.26 21.92 13.69
CA ALA C 423 -28.72 23.28 13.97
C ALA C 423 -27.89 24.32 13.23
N ILE C 424 -26.56 24.19 13.30
CA ILE C 424 -25.71 25.16 12.64
C ILE C 424 -25.88 25.07 11.13
N SER C 425 -26.10 23.88 10.59
CA SER C 425 -26.34 23.74 9.16
C SER C 425 -27.63 24.43 8.75
N LYS C 426 -28.72 24.19 9.47
CA LYS C 426 -29.99 24.80 9.14
C LYS C 426 -30.00 26.31 9.38
N LEU C 427 -29.08 26.82 10.20
CA LEU C 427 -28.99 28.26 10.40
C LEU C 427 -28.03 28.92 9.41
N PHE C 428 -27.05 28.18 8.91
CA PHE C 428 -26.06 28.69 7.98
C PHE C 428 -26.46 28.49 6.53
N TRP C 429 -27.40 27.59 6.26
CA TRP C 429 -27.90 27.32 4.92
C TRP C 429 -29.28 26.71 5.01
N PRO C 430 -30.32 27.50 5.27
CA PRO C 430 -31.66 26.94 5.44
C PRO C 430 -32.22 26.41 4.13
N GLU C 431 -33.28 25.62 4.25
CA GLU C 431 -33.88 24.93 3.12
C GLU C 431 -34.87 25.85 2.41
N THR C 432 -34.66 26.03 1.11
CA THR C 432 -35.57 26.81 0.28
C THR C 432 -36.25 25.97 -0.80
N GLU C 433 -35.97 24.67 -0.85
CA GLU C 433 -36.57 23.77 -1.81
C GLU C 433 -37.46 22.75 -1.08
N THR C 434 -38.00 21.82 -1.86
CA THR C 434 -38.88 20.78 -1.33
C THR C 434 -38.16 19.44 -1.34
N PRO C 435 -38.04 18.75 -0.20
CA PRO C 435 -37.36 17.45 -0.20
C PRO C 435 -38.20 16.37 -0.87
N LYS C 436 -37.50 15.47 -1.56
CA LYS C 436 -38.13 14.38 -2.29
C LYS C 436 -38.11 13.06 -1.54
N ILE C 437 -37.01 12.75 -0.86
CA ILE C 437 -36.83 11.44 -0.23
C ILE C 437 -37.68 11.38 1.04
N ASN C 438 -38.26 10.21 1.29
CA ASN C 438 -39.14 9.99 2.42
C ASN C 438 -38.42 9.25 3.54
N LEU C 439 -39.15 8.98 4.63
CA LEU C 439 -38.54 8.34 5.79
C LEU C 439 -38.17 6.89 5.51
N LYS C 440 -39.06 6.15 4.84
CA LYS C 440 -38.82 4.72 4.63
C LYS C 440 -37.57 4.50 3.78
N ASN C 441 -37.40 5.28 2.72
CA ASN C 441 -36.23 5.12 1.87
C ASN C 441 -34.95 5.58 2.59
N ALA C 442 -35.05 6.59 3.44
CA ALA C 442 -33.88 7.07 4.15
C ALA C 442 -33.43 6.08 5.22
N MET C 443 -34.38 5.44 5.91
CA MET C 443 -34.03 4.58 7.03
C MET C 443 -33.53 3.21 6.61
N LYS C 444 -33.75 2.81 5.36
CA LYS C 444 -33.19 1.55 4.87
C LYS C 444 -31.75 1.78 4.44
N MET C 445 -30.85 0.93 4.93
CA MET C 445 -29.42 1.04 4.66
C MET C 445 -28.96 -0.25 4.01
N GLU C 446 -28.66 -0.17 2.71
CA GLU C 446 -28.17 -1.34 1.98
C GLU C 446 -26.89 -1.84 2.61
N SER C 447 -26.94 -3.03 3.22
CA SER C 447 -25.76 -3.57 3.88
C SER C 447 -24.74 -4.03 2.84
N GLY C 448 -23.49 -4.16 3.29
CA GLY C 448 -22.41 -4.54 2.41
C GLY C 448 -22.61 -5.93 1.84
N ASP C 449 -21.54 -6.40 1.19
CA ASP C 449 -21.53 -7.70 0.53
C ASP C 449 -20.58 -8.60 1.31
N SER C 450 -21.10 -9.21 2.38
CA SER C 450 -20.36 -10.17 3.19
C SER C 450 -21.24 -11.37 3.46
N ARG C 451 -20.74 -12.55 3.13
CA ARG C 451 -21.52 -13.77 3.29
C ARG C 451 -21.55 -14.29 4.72
N ASN C 452 -20.58 -13.89 5.55
CA ASN C 452 -20.54 -14.34 6.94
C ASN C 452 -19.79 -13.30 7.77
N LEU C 453 -19.66 -13.59 9.06
CA LEU C 453 -19.03 -12.65 9.98
C LEU C 453 -17.53 -12.53 9.73
N LEU C 454 -16.86 -13.64 9.42
CA LEU C 454 -15.42 -13.63 9.22
C LEU C 454 -15.03 -12.92 7.93
N GLU C 455 -15.85 -13.03 6.89
CA GLU C 455 -15.60 -12.26 5.68
C GLU C 455 -15.72 -10.76 5.97
N ALA C 456 -16.70 -10.37 6.78
CA ALA C 456 -16.82 -8.98 7.17
C ALA C 456 -15.60 -8.51 7.96
N ALA C 457 -15.10 -9.38 8.86
CA ALA C 457 -13.90 -9.03 9.60
C ALA C 457 -12.70 -8.82 8.68
N THR C 458 -12.54 -9.72 7.71
CA THR C 458 -11.42 -9.59 6.78
C THR C 458 -11.55 -8.33 5.93
N GLN C 459 -12.77 -8.01 5.48
CA GLN C 459 -12.98 -6.81 4.68
C GLN C 459 -12.68 -5.56 5.50
N GLY C 460 -13.11 -5.54 6.76
CA GLY C 460 -12.80 -4.40 7.60
C GLY C 460 -11.31 -4.26 7.86
N ALA C 461 -10.63 -5.39 8.03
CA ALA C 461 -9.18 -5.36 8.22
C ALA C 461 -8.48 -4.81 6.98
N SER C 462 -8.88 -5.25 5.79
CA SER C 462 -8.20 -4.82 4.58
C SER C 462 -8.35 -3.32 4.33
N SER C 463 -9.53 -2.77 4.62
CA SER C 463 -9.78 -1.36 4.35
C SER C 463 -8.94 -0.43 5.22
N SER C 464 -8.40 -0.93 6.33
CA SER C 464 -7.65 -0.11 7.27
C SER C 464 -6.22 0.17 6.83
N ILE C 465 -5.74 -0.49 5.77
CA ILE C 465 -4.35 -0.30 5.35
C ILE C 465 -4.12 1.13 4.90
N SER C 466 -4.97 1.62 3.98
CA SER C 466 -4.80 2.97 3.45
C SER C 466 -5.02 4.02 4.52
N LEU C 467 -5.95 3.76 5.45
CA LEU C 467 -6.21 4.72 6.53
C LEU C 467 -4.95 4.95 7.36
N VAL C 468 -4.33 3.87 7.84
CA VAL C 468 -3.15 4.01 8.68
C VAL C 468 -1.97 4.55 7.89
N ALA C 469 -1.83 4.11 6.64
CA ALA C 469 -0.75 4.61 5.80
C ALA C 469 -0.86 6.13 5.63
N ASN C 470 -2.05 6.61 5.27
CA ASN C 470 -2.26 8.05 5.11
C ASN C 470 -2.04 8.78 6.42
N ILE C 471 -2.52 8.23 7.53
CA ILE C 471 -2.31 8.89 8.82
C ILE C 471 -0.83 9.08 9.09
N ALA C 472 -0.05 8.01 8.93
CA ALA C 472 1.38 8.09 9.23
C ALA C 472 2.08 9.07 8.30
N VAL C 473 1.81 8.99 6.99
CA VAL C 473 2.52 9.85 6.05
C VAL C 473 2.14 11.32 6.26
N ASN C 474 0.85 11.59 6.49
CA ASN C 474 0.42 12.95 6.73
C ASN C 474 1.03 13.51 8.00
N LEU C 475 1.10 12.69 9.06
CA LEU C 475 1.75 13.16 10.28
C LEU C 475 3.22 13.49 10.04
N ILE C 476 3.92 12.63 9.30
CA ILE C 476 5.33 12.90 9.01
C ILE C 476 5.47 14.24 8.29
N ALA C 477 4.68 14.42 7.22
CA ALA C 477 4.80 15.63 6.41
C ALA C 477 4.44 16.87 7.23
N PHE C 478 3.36 16.80 8.00
CA PHE C 478 2.93 17.96 8.77
C PHE C 478 3.95 18.34 9.82
N LEU C 479 4.54 17.35 10.52
CA LEU C 479 5.52 17.68 11.54
C LEU C 479 6.80 18.22 10.93
N ALA C 480 7.22 17.69 9.78
CA ALA C 480 8.39 18.27 9.10
C ALA C 480 8.11 19.71 8.68
N LEU C 481 6.93 19.97 8.14
CA LEU C 481 6.57 21.34 7.76
C LEU C 481 6.54 22.26 8.98
N LEU C 482 6.01 21.76 10.10
CA LEU C 482 5.98 22.57 11.31
C LEU C 482 7.38 22.93 11.77
N SER C 483 8.29 21.95 11.77
CA SER C 483 9.67 22.23 12.16
C SER C 483 10.30 23.26 11.22
N PHE C 484 10.11 23.09 9.92
CA PHE C 484 10.70 24.03 8.96
C PHE C 484 10.14 25.43 9.16
N MET C 485 8.83 25.55 9.33
CA MET C 485 8.20 26.86 9.49
C MET C 485 8.66 27.54 10.79
N ASN C 486 8.76 26.77 11.88
CA ASN C 486 9.24 27.35 13.12
C ASN C 486 10.69 27.84 12.98
N SER C 487 11.53 27.05 12.29
CA SER C 487 12.91 27.49 12.07
C SER C 487 12.95 28.76 11.24
N ALA C 488 12.15 28.82 10.18
CA ALA C 488 12.15 30.01 9.33
C ALA C 488 11.65 31.23 10.08
N LEU C 489 10.62 31.06 10.93
CA LEU C 489 10.11 32.18 11.70
C LEU C 489 11.12 32.64 12.74
N SER C 490 11.86 31.72 13.35
CA SER C 490 12.92 32.13 14.27
C SER C 490 14.01 32.88 13.52
N TRP C 491 14.35 32.43 12.30
CA TRP C 491 15.30 33.16 11.49
C TRP C 491 14.83 34.58 11.21
N LEU C 492 13.57 34.74 10.83
CA LEU C 492 13.01 36.06 10.60
C LEU C 492 12.95 36.86 11.90
N GLY C 493 12.52 36.21 12.99
CA GLY C 493 12.36 36.93 14.25
C GLY C 493 13.66 37.51 14.76
N ASN C 494 14.77 36.79 14.58
CA ASN C 494 16.05 37.26 15.10
C ASN C 494 16.45 38.61 14.53
N MET C 495 15.92 38.98 13.36
CA MET C 495 16.23 40.28 12.77
C MET C 495 15.59 41.43 13.54
N PHE C 496 14.70 41.14 14.49
CA PHE C 496 14.11 42.15 15.36
C PHE C 496 14.39 41.86 16.83
N ASP C 497 15.43 41.08 17.11
CA ASP C 497 15.79 40.70 18.47
C ASP C 497 14.67 39.92 19.15
N TYR C 498 13.89 39.18 18.37
CA TYR C 498 12.81 38.33 18.88
C TYR C 498 12.90 36.96 18.22
N PRO C 499 13.94 36.19 18.56
CA PRO C 499 14.07 34.84 17.98
C PRO C 499 13.07 33.84 18.52
N GLN C 500 12.20 34.24 19.45
CA GLN C 500 11.19 33.35 20.00
C GLN C 500 9.97 33.24 19.11
N LEU C 501 9.91 33.99 18.02
CA LEU C 501 8.77 33.94 17.12
C LEU C 501 8.56 32.51 16.60
N SER C 502 7.30 32.07 16.61
CA SER C 502 6.99 30.71 16.20
C SER C 502 5.52 30.65 15.80
N PHE C 503 5.16 29.50 15.22
CA PHE C 503 3.76 29.25 14.86
C PHE C 503 2.87 29.25 16.09
N GLU C 504 3.33 28.64 17.19
CA GLU C 504 2.55 28.60 18.41
C GLU C 504 2.30 30.00 18.95
N VAL C 505 3.31 30.87 18.90
CA VAL C 505 3.15 32.23 19.42
C VAL C 505 2.09 32.98 18.64
N ILE C 506 2.11 32.88 17.31
CA ILE C 506 1.12 33.57 16.50
C ILE C 506 -0.27 33.01 16.76
N CYS C 507 -0.40 31.69 16.85
CA CYS C 507 -1.71 31.09 17.09
C CYS C 507 -2.24 31.44 18.47
N SER C 508 -1.36 31.63 19.45
CA SER C 508 -1.80 31.97 20.80
C SER C 508 -2.52 33.31 20.85
N TYR C 509 -2.29 34.18 19.86
CA TYR C 509 -2.97 35.46 19.78
C TYR C 509 -4.07 35.50 18.73
N VAL C 510 -3.93 34.73 17.64
CA VAL C 510 -4.94 34.75 16.59
C VAL C 510 -6.23 34.09 17.07
N PHE C 511 -6.14 32.95 17.73
CA PHE C 511 -7.31 32.16 18.12
C PHE C 511 -7.68 32.34 19.59
N MET C 512 -7.09 33.29 20.29
CA MET C 512 -7.37 33.49 21.70
C MET C 512 -8.84 33.88 21.93
N PRO C 513 -9.38 34.82 21.15
CA PRO C 513 -10.78 35.23 21.39
C PRO C 513 -11.77 34.08 21.30
N PHE C 514 -11.56 33.14 20.38
CA PHE C 514 -12.47 32.00 20.28
C PHE C 514 -12.44 31.17 21.55
N ALA C 515 -11.25 30.94 22.11
CA ALA C 515 -11.15 30.18 23.35
C ALA C 515 -11.77 30.94 24.52
N PHE C 516 -11.59 32.27 24.55
CA PHE C 516 -12.13 33.05 25.65
C PHE C 516 -13.65 33.00 25.68
N MET C 517 -14.30 33.08 24.52
CA MET C 517 -15.76 33.02 24.48
C MET C 517 -16.26 31.65 24.89
N MET C 518 -15.43 30.62 24.79
CA MET C 518 -15.82 29.28 25.21
C MET C 518 -15.75 29.09 26.73
N GLY C 519 -15.33 30.10 27.46
CA GLY C 519 -15.28 30.02 28.91
C GLY C 519 -13.94 29.65 29.50
N VAL C 520 -12.87 29.66 28.71
CA VAL C 520 -11.54 29.40 29.22
C VAL C 520 -10.99 30.68 29.84
N ASP C 521 -10.38 30.56 31.00
CA ASP C 521 -9.87 31.73 31.70
C ASP C 521 -8.80 32.42 30.85
N TRP C 522 -8.41 33.62 31.30
CA TRP C 522 -7.51 34.45 30.52
C TRP C 522 -6.18 33.74 30.25
N GLN C 523 -5.60 33.14 31.29
CA GLN C 523 -4.28 32.53 31.16
C GLN C 523 -4.30 31.36 30.18
N ASP C 524 -5.25 30.43 30.36
CA ASP C 524 -5.28 29.21 29.57
C ASP C 524 -5.86 29.40 28.17
N SER C 525 -6.45 30.56 27.88
CA SER C 525 -6.96 30.81 26.54
C SER C 525 -5.84 30.85 25.51
N PHE C 526 -4.71 31.44 25.86
CA PHE C 526 -3.56 31.46 24.96
C PHE C 526 -2.99 30.08 24.72
N MET C 527 -3.20 29.14 25.64
CA MET C 527 -2.76 27.77 25.45
C MET C 527 -3.75 26.93 24.65
N VAL C 528 -5.05 27.18 24.84
CA VAL C 528 -6.06 26.50 24.03
C VAL C 528 -6.00 27.00 22.59
N ALA C 529 -5.61 28.26 22.38
CA ALA C 529 -5.51 28.79 21.02
C ALA C 529 -4.47 28.02 20.21
N LYS C 530 -3.37 27.61 20.83
CA LYS C 530 -2.38 26.82 20.12
C LYS C 530 -2.96 25.51 19.63
N LEU C 531 -3.74 24.83 20.47
CA LEU C 531 -4.40 23.59 20.06
C LEU C 531 -5.41 23.86 18.95
N ILE C 532 -6.15 24.96 19.05
CA ILE C 532 -7.10 25.31 18.00
C ILE C 532 -6.37 25.49 16.67
N GLY C 533 -5.23 26.19 16.69
CA GLY C 533 -4.45 26.35 15.47
C GLY C 533 -3.94 25.03 14.94
N TYR C 534 -3.42 24.18 15.83
CA TYR C 534 -2.96 22.86 15.41
C TYR C 534 -4.06 22.10 14.70
N LYS C 535 -5.26 22.07 15.28
CA LYS C 535 -6.36 21.36 14.66
C LYS C 535 -6.74 21.98 13.33
N THR C 536 -6.85 23.32 13.29
CA THR C 536 -7.28 24.00 12.08
C THR C 536 -6.33 23.75 10.91
N PHE C 537 -5.02 23.78 11.17
CA PHE C 537 -4.07 23.82 10.07
C PHE C 537 -3.52 22.46 9.67
N PHE C 538 -3.35 21.51 10.60
CA PHE C 538 -2.84 20.21 10.23
C PHE C 538 -3.88 19.08 10.44
N ASN C 539 -4.30 18.84 11.67
CA ASN C 539 -5.33 17.84 11.94
C ASN C 539 -5.61 17.76 13.44
N GLU C 540 -6.54 16.87 13.83
CA GLU C 540 -6.86 16.70 15.24
C GLU C 540 -5.92 15.72 15.94
N PHE C 541 -5.08 15.01 15.20
CA PHE C 541 -4.11 14.11 15.84
C PHE C 541 -3.05 14.90 16.60
N VAL C 542 -2.48 15.93 15.94
CA VAL C 542 -1.44 16.73 16.57
C VAL C 542 -1.99 17.46 17.79
N ALA C 543 -3.18 18.05 17.65
CA ALA C 543 -3.77 18.78 18.76
C ALA C 543 -3.99 17.87 19.95
N TYR C 544 -4.47 16.65 19.71
CA TYR C 544 -4.68 15.71 20.81
C TYR C 544 -3.37 15.22 21.39
N GLN C 545 -2.33 15.09 20.57
CA GLN C 545 -1.02 14.75 21.10
C GLN C 545 -0.51 15.84 22.05
N GLN C 546 -0.64 17.11 21.65
CA GLN C 546 -0.22 18.20 22.52
C GLN C 546 -1.07 18.25 23.78
N LEU C 547 -2.37 18.01 23.65
CA LEU C 547 -3.24 18.00 24.81
C LEU C 547 -2.85 16.87 25.76
N SER C 548 -2.48 15.71 25.23
CA SER C 548 -2.01 14.62 26.07
C SER C 548 -0.72 14.99 26.79
N LYS C 549 0.19 15.68 26.09
CA LYS C 549 1.38 16.20 26.74
C LYS C 549 1.01 17.08 27.94
N LEU C 550 0.09 18.02 27.72
CA LEU C 550 -0.33 18.92 28.79
C LEU C 550 -0.98 18.17 29.94
N ILE C 551 -1.83 17.19 29.62
CA ILE C 551 -2.50 16.42 30.66
C ILE C 551 -1.48 15.65 31.49
N SER C 552 -0.50 15.02 30.83
CA SER C 552 0.54 14.31 31.57
C SER C 552 1.34 15.27 32.45
N LEU C 553 1.68 16.45 31.93
CA LEU C 553 2.40 17.43 32.73
C LEU C 553 1.59 17.82 33.97
N ARG C 554 0.29 18.06 33.80
CA ARG C 554 -0.54 18.37 34.95
C ARG C 554 -0.57 17.21 35.94
N GLN C 555 -0.70 15.98 35.44
CA GLN C 555 -0.79 14.82 36.32
C GLN C 555 0.49 14.62 37.12
N VAL C 556 1.64 14.90 36.51
CA VAL C 556 2.91 14.72 37.21
C VAL C 556 2.93 15.54 38.50
N GLY C 557 2.52 16.79 38.41
CA GLY C 557 2.44 17.66 39.57
C GLY C 557 3.57 18.64 39.74
N GLY C 558 4.45 18.78 38.73
CA GLY C 558 5.56 19.69 38.83
C GLY C 558 5.10 21.14 38.89
N PRO C 559 6.05 22.07 38.78
CA PRO C 559 5.69 23.48 38.86
C PRO C 559 4.82 23.91 37.68
N LYS C 560 3.86 24.79 37.96
CA LYS C 560 2.97 25.30 36.91
C LYS C 560 3.67 26.34 36.04
N PHE C 561 4.66 27.05 36.59
CA PHE C 561 5.42 28.04 35.85
C PHE C 561 6.90 27.81 36.04
N VAL C 562 7.67 27.89 34.96
CA VAL C 562 9.12 27.83 34.99
C VAL C 562 9.66 28.95 34.12
N ASP C 563 10.44 29.85 34.72
CA ASP C 563 11.01 30.98 34.01
C ASP C 563 9.92 31.83 33.35
N GLY C 564 8.76 31.92 34.01
CA GLY C 564 7.67 32.72 33.50
C GLY C 564 6.85 32.09 32.40
N VAL C 565 7.06 30.81 32.11
CA VAL C 565 6.35 30.10 31.05
C VAL C 565 5.40 29.11 31.70
N GLN C 566 4.12 29.19 31.33
CA GLN C 566 3.13 28.26 31.88
C GLN C 566 3.29 26.89 31.23
N GLN C 567 3.31 25.85 32.07
CA GLN C 567 3.56 24.49 31.62
C GLN C 567 2.28 23.69 31.40
N TYR C 568 1.27 23.88 32.25
CA TYR C 568 0.02 23.15 32.12
C TYR C 568 -1.11 24.05 32.63
N MET C 569 -2.33 23.65 32.32
CA MET C 569 -3.53 24.42 32.65
C MET C 569 -4.50 23.54 33.44
N SER C 570 -5.66 24.12 33.74
CA SER C 570 -6.63 23.47 34.60
C SER C 570 -7.30 22.30 33.89
N MET C 571 -8.06 21.51 34.67
CA MET C 571 -8.78 20.37 34.12
C MET C 571 -10.01 20.80 33.34
N ARG C 572 -10.68 21.86 33.77
CA ARG C 572 -11.82 22.38 33.03
C ARG C 572 -11.40 22.85 31.64
N SER C 573 -10.25 23.52 31.55
CA SER C 573 -9.74 23.91 30.24
C SER C 573 -9.40 22.70 29.38
N GLU C 574 -8.87 21.63 29.99
CA GLU C 574 -8.62 20.41 29.24
C GLU C 574 -9.91 19.80 28.70
N ALA C 575 -10.96 19.80 29.52
CA ALA C 575 -12.24 19.29 29.06
C ALA C 575 -12.79 20.13 27.91
N ILE C 576 -12.73 21.45 28.04
CA ILE C 576 -13.21 22.33 26.99
C ILE C 576 -12.44 22.08 25.70
N SER C 577 -11.12 21.92 25.79
CA SER C 577 -10.32 21.63 24.61
C SER C 577 -10.70 20.28 24.01
N THR C 578 -10.96 19.29 24.86
CA THR C 578 -11.37 17.97 24.35
C THR C 578 -12.67 18.08 23.57
N TYR C 579 -13.62 18.87 24.08
CA TYR C 579 -14.88 19.05 23.36
C TYR C 579 -14.67 19.83 22.06
N ALA C 580 -13.79 20.83 22.08
CA ALA C 580 -13.61 21.68 20.91
C ALA C 580 -12.84 20.98 19.79
N LEU C 581 -11.93 20.07 20.13
CA LEU C 581 -11.04 19.47 19.16
C LEU C 581 -11.61 18.20 18.53
N CYS C 582 -12.84 17.80 18.87
CA CYS C 582 -13.43 16.57 18.37
C CYS C 582 -14.09 16.85 17.03
N GLY C 583 -13.32 16.70 15.96
CA GLY C 583 -13.84 16.90 14.62
C GLY C 583 -12.80 16.71 13.53
N PHE C 584 -13.25 16.33 12.33
CA PHE C 584 -12.40 16.18 11.16
C PHE C 584 -12.36 17.43 10.32
N ALA C 585 -12.52 18.60 10.92
CA ALA C 585 -12.57 19.86 10.18
C ALA C 585 -11.16 20.40 10.01
N ASN C 586 -10.65 20.30 8.80
CA ASN C 586 -9.38 20.93 8.45
C ASN C 586 -9.39 21.19 6.95
N PHE C 587 -8.49 22.06 6.51
CA PHE C 587 -8.48 22.43 5.10
C PHE C 587 -8.15 21.23 4.23
N GLY C 588 -7.28 20.35 4.71
CA GLY C 588 -6.95 19.15 3.95
C GLY C 588 -8.15 18.25 3.76
N SER C 589 -9.03 18.17 4.75
CA SER C 589 -10.20 17.32 4.63
C SER C 589 -11.12 17.83 3.52
N LEU C 590 -11.05 19.12 3.23
CA LEU C 590 -11.99 19.72 2.28
C LEU C 590 -11.89 19.03 0.93
N GLY C 591 -10.69 18.99 0.35
CA GLY C 591 -10.53 18.41 -0.97
C GLY C 591 -10.90 16.94 -1.03
N ILE C 592 -10.49 16.16 -0.04
CA ILE C 592 -10.78 14.72 -0.09
C ILE C 592 -12.27 14.49 0.07
N VAL C 593 -12.92 15.26 0.93
CA VAL C 593 -14.38 15.17 1.08
C VAL C 593 -15.04 15.46 -0.26
N ILE C 594 -14.57 16.52 -0.92
CA ILE C 594 -15.15 16.94 -2.20
C ILE C 594 -14.97 15.85 -3.25
N GLY C 595 -13.77 15.31 -3.35
CA GLY C 595 -13.51 14.28 -4.34
C GLY C 595 -14.35 13.04 -4.08
N GLY C 596 -14.41 12.60 -2.83
CA GLY C 596 -15.18 11.40 -2.53
C GLY C 596 -16.66 11.58 -2.76
N LEU C 597 -17.21 12.76 -2.39
CA LEU C 597 -18.63 13.01 -2.57
C LEU C 597 -18.98 13.17 -4.05
N THR C 598 -18.11 13.85 -4.80
CA THR C 598 -18.29 13.94 -6.25
C THR C 598 -18.21 12.56 -6.88
N SER C 599 -17.33 11.71 -6.35
CA SER C 599 -17.25 10.35 -6.81
C SER C 599 -18.55 9.61 -6.56
N MET C 600 -19.10 9.75 -5.36
CA MET C 600 -20.35 9.05 -5.05
C MET C 600 -21.51 9.62 -5.86
N ALA C 601 -21.52 10.92 -6.07
CA ALA C 601 -22.59 11.62 -6.79
C ALA C 601 -21.99 12.51 -7.88
N PRO C 602 -21.57 11.93 -9.01
CA PRO C 602 -20.95 12.76 -10.06
C PRO C 602 -21.83 13.91 -10.51
N SER C 603 -23.15 13.71 -10.56
CA SER C 603 -24.04 14.71 -11.14
C SER C 603 -24.15 15.97 -10.29
N ARG C 604 -23.72 15.93 -9.02
CA ARG C 604 -23.84 17.05 -8.10
C ARG C 604 -22.51 17.75 -7.87
N LYS C 605 -21.52 17.53 -8.73
CA LYS C 605 -20.19 18.10 -8.52
C LYS C 605 -20.25 19.62 -8.38
N ARG C 606 -21.09 20.28 -9.18
CA ARG C 606 -21.19 21.73 -9.10
C ARG C 606 -21.70 22.18 -7.72
N ASP C 607 -22.70 21.48 -7.19
CA ASP C 607 -23.26 21.86 -5.90
C ASP C 607 -22.34 21.48 -4.75
N ILE C 608 -21.64 20.35 -4.87
CA ILE C 608 -20.77 19.89 -3.79
C ILE C 608 -19.66 20.91 -3.53
N THR C 609 -19.03 21.42 -4.60
CA THR C 609 -17.91 22.33 -4.44
C THR C 609 -18.33 23.68 -3.85
N ALA C 610 -19.61 24.02 -3.91
CA ALA C 610 -20.05 25.35 -3.49
C ALA C 610 -20.25 25.46 -1.99
N GLY C 611 -20.61 24.36 -1.32
CA GLY C 611 -20.95 24.42 0.10
C GLY C 611 -19.92 23.83 1.04
N ALA C 612 -18.78 23.37 0.50
CA ALA C 612 -17.82 22.66 1.34
C ALA C 612 -17.20 23.57 2.39
N MET C 613 -16.84 24.80 2.00
CA MET C 613 -16.22 25.71 2.95
C MET C 613 -17.19 26.11 4.05
N ARG C 614 -18.43 26.41 3.68
CA ARG C 614 -19.44 26.73 4.68
C ARG C 614 -19.69 25.56 5.61
N ALA C 615 -19.67 24.33 5.07
CA ALA C 615 -19.84 23.15 5.91
C ALA C 615 -18.68 23.00 6.88
N LEU C 616 -17.45 23.28 6.43
CA LEU C 616 -16.30 23.22 7.32
C LEU C 616 -16.43 24.24 8.45
N ILE C 617 -16.80 25.47 8.11
CA ILE C 617 -16.95 26.51 9.12
C ILE C 617 -18.08 26.14 10.08
N ALA C 618 -19.17 25.58 9.56
CA ALA C 618 -20.27 25.16 10.42
C ALA C 618 -19.84 24.05 11.37
N GLY C 619 -19.03 23.09 10.89
CA GLY C 619 -18.53 22.06 11.77
C GLY C 619 -17.68 22.63 12.88
N THR C 620 -16.81 23.58 12.56
CA THR C 620 -16.01 24.24 13.59
C THR C 620 -16.92 24.93 14.60
N ILE C 621 -17.93 25.65 14.11
CA ILE C 621 -18.83 26.38 15.01
C ILE C 621 -19.59 25.42 15.90
N ALA C 622 -19.99 24.26 15.37
CA ALA C 622 -20.70 23.27 16.16
C ALA C 622 -19.82 22.71 17.26
N CYS C 623 -18.55 22.39 16.93
CA CYS C 623 -17.62 21.94 17.95
C CYS C 623 -17.46 23.01 19.04
N PHE C 624 -17.35 24.27 18.64
CA PHE C 624 -17.21 25.34 19.61
C PHE C 624 -18.47 25.49 20.47
N LEU C 625 -19.65 25.29 19.90
CA LEU C 625 -20.88 25.34 20.70
C LEU C 625 -20.93 24.21 21.72
N THR C 626 -20.54 23.00 21.31
CA THR C 626 -20.44 21.90 22.26
C THR C 626 -19.49 22.26 23.39
N ALA C 627 -18.35 22.86 23.04
CA ALA C 627 -17.39 23.27 24.06
C ALA C 627 -17.99 24.33 24.99
N CYS C 628 -18.76 25.27 24.43
CA CYS C 628 -19.38 26.30 25.25
C CYS C 628 -20.36 25.69 26.25
N ILE C 629 -21.17 24.74 25.81
CA ILE C 629 -22.11 24.10 26.74
C ILE C 629 -21.34 23.33 27.82
N ALA C 630 -20.32 22.59 27.42
CA ALA C 630 -19.51 21.86 28.40
C ALA C 630 -18.92 22.82 29.42
N GLY C 631 -18.39 23.95 28.95
CA GLY C 631 -17.78 24.91 29.85
C GLY C 631 -18.78 25.54 30.80
N MET C 632 -19.97 25.87 30.30
CA MET C 632 -20.98 26.46 31.18
C MET C 632 -21.57 25.45 32.16
N LEU C 633 -21.44 24.16 31.90
CA LEU C 633 -21.95 23.16 32.83
C LEU C 633 -20.89 22.59 33.76
N THR C 634 -19.60 22.90 33.54
CA THR C 634 -18.54 22.41 34.39
C THR C 634 -18.14 23.45 35.43
N ASN C 635 -17.82 22.98 36.63
CA ASN C 635 -17.42 23.85 37.72
C ASN C 635 -15.90 24.05 37.74
N THR C 636 -15.47 25.06 38.49
CA THR C 636 -14.05 25.37 38.60
C THR C 636 -13.46 24.65 39.80
N PRO C 637 -12.43 23.81 39.62
CA PRO C 637 -11.81 23.14 40.76
C PRO C 637 -10.84 24.03 41.53
C10 U56 D . -4.13 -16.12 1.35
C02 U56 D . -3.73 -16.34 -1.14
C04 U56 D . -1.37 -16.62 -2.03
C07 U56 D . -0.86 -16.55 -0.64
C08 U56 D . -1.80 -16.38 0.50
C12 U56 D . -3.90 -16.58 3.53
C13 U56 D . -2.82 -16.86 4.40
C15 U56 D . -4.37 -17.91 2.85
C17 U56 D . -4.80 -17.58 1.72
N03 U56 D . -2.80 -16.51 -2.28
N05 U56 D . -0.46 -16.78 -3.11
N09 U56 D . -3.22 -16.28 0.25
O01 U56 D . -4.89 -16.27 -1.35
O06 U56 D . 0.91 -16.87 -2.86
O11 U56 D . -3.47 -15.70 2.39
O14 U56 D . -1.76 -17.32 3.64
O16 U56 D . -5.47 -18.56 3.65
O18 U56 D . -6.27 -17.45 1.75
H101 U56 D . -4.91 -15.41 1.10
H071 U56 D . 0.20 -16.63 -0.45
H081 U56 D . -1.42 -16.33 1.52
H121 U56 D . -4.72 -16.13 4.06
H131 U56 D . -3.12 -17.63 5.12
H132 U56 D . -2.54 -15.96 4.93
H151 U56 D . -3.53 -18.59 2.75
H171 U56 D . -4.49 -18.32 0.98
H051 U56 D . -0.81 -16.81 -4.06
H061 U56 D . 1.34 -17.27 -3.58
H141 U56 D . -1.40 -18.10 4.04
H161 U56 D . -5.14 -19.30 4.11
H181 U56 D . -6.59 -17.36 0.87
NA NA E . -2.05 -23.70 -4.96
C1 LBN F . -19.04 -48.77 -11.91
P1 LBN F . -18.16 -46.96 -13.67
C2 LBN F . -17.78 -48.80 -11.04
C3 LBN F . -18.09 -49.43 -9.71
C5 LBN F . -8.40 -50.02 -5.50
O1 LBN F . -18.67 -48.49 -13.25
C8 LBN F . -7.35 -49.08 -6.12
O2 LBN F . -16.89 -46.62 -12.93
C11 LBN F . -6.90 -48.04 -5.06
O3 LBN F . -19.22 -45.94 -13.31
C14 LBN F . -5.68 -48.53 -4.27
O4 LBN F . -17.88 -46.90 -15.29
C17 LBN F . -5.39 -47.64 -3.05
C20 LBN F . -4.80 -48.42 -1.89
C22 LBN F . -4.59 -47.56 -0.66
C23 LBN F . -4.31 -48.35 0.61
C24 LBN F . -3.59 -49.67 0.35
C25 LBN F . -18.52 -48.91 -7.46
O5 LBN F . -18.23 -48.42 -8.75
C26 LBN F . -17.45 -49.66 -6.66
O6 LBN F . -19.60 -48.74 -6.98
C27 LBN F . -17.24 -49.09 -5.25
C28 LBN F . -16.85 -50.17 -4.23
C29 LBN F . -15.43 -50.71 -4.48
C30 LBN F . -14.54 -50.60 -3.24
C31 LBN F . -13.18 -51.30 -3.43
C34 LBN F . -15.46 -49.03 -11.58
O7 LBN F . -16.78 -49.56 -11.71
C35 LBN F . -14.60 -49.37 -10.32
O8 LBN F . -15.01 -48.33 -12.43
C36 LBN F . -14.41 -50.90 -10.15
C37 LBN F . -13.43 -51.21 -9.01
C38 LBN F . -12.00 -51.51 -9.52
C39 LBN F . -10.93 -51.02 -8.53
C40 LBN F . -9.74 -51.96 -8.41
C41 LBN F . -8.55 -51.28 -7.68
C42 LBN F . -8.95 -51.02 -6.21
H1 LBN F . -19.53 -49.73 -11.87
H2 LBN F . -19.71 -47.98 -11.55
H3 LBN F . -17.42 -47.79 -10.90
H4 LBN F . -17.26 -50.08 -9.42
H5 LBN F . -19.00 -50.00 -9.77
H8 LBN F . -8.71 -49.88 -4.47
H13 LBN F . -7.80 -48.56 -6.96
H14 LBN F . -6.50 -49.66 -6.46
H19 LBN F . -6.66 -47.11 -5.56
H25 LBN F . -5.85 -49.54 -3.94
H32 LBN F . -4.70 -46.86 -3.34
H33 LBN F . -6.33 -47.18 -2.72
H39 LBN F . -3.85 -48.84 -2.20
H40 LBN F . -5.47 -49.24 -1.64
H44 LBN F . -5.49 -46.96 -0.50
H45 LBN F . -3.77 -46.88 -0.84
H46 LBN F . -3.70 -47.75 1.26
H47 LBN F . -5.24 -48.57 1.10
H48 LBN F . -3.23 -50.06 1.29
H49 LBN F . -2.74 -49.51 -0.32
H50 LBN F . -4.28 -50.38 -0.10
H51 LBN F . -16.51 -49.60 -7.21
H52 LBN F . -17.73 -50.71 -6.59
H53 LBN F . -16.46 -48.33 -5.29
H54 LBN F . -18.17 -48.63 -4.93
H55 LBN F . -17.56 -50.99 -4.29
H56 LBN F . -16.89 -49.75 -3.24
H57 LBN F . -14.98 -50.14 -5.28
H58 LBN F . -15.50 -51.75 -4.78
H59 LBN F . -14.38 -49.56 -3.01
H60 LBN F . -15.05 -51.07 -2.40
H61 LBN F . -13.34 -52.23 -3.97
H62 LBN F . -12.54 -50.66 -4.02
H67 LBN F . -15.10 -48.98 -9.44
H68 LBN F . -13.63 -48.90 -10.42
H69 LBN F . -14.03 -51.32 -11.07
H70 LBN F . -15.37 -51.35 -9.92
H71 LBN F . -13.38 -50.35 -8.34
H72 LBN F . -13.78 -52.07 -8.46
H73 LBN F . -11.86 -51.02 -10.48
H74 LBN F . -11.90 -52.57 -9.64
H75 LBN F . -11.38 -50.89 -7.56
H76 LBN F . -10.04 -52.84 -7.85
H77 LBN F . -8.32 -50.35 -8.18
H78 LBN F . -7.69 -51.94 -7.71
H79 LBN F . -9.69 -51.66 -5.74
H80 LBN F . -7.73 -47.87 -4.37
H81 LBN F . -4.81 -48.51 -4.92
H82 LBN F . -10.57 -50.05 -8.88
H83 LBN F . -9.42 -52.27 -9.40
C1 LBN G . -11.40 -48.71 -17.16
P1 LBN G . -12.75 -46.68 -18.22
C2 LBN G . -10.46 -48.94 -15.97
C3 LBN G . -9.02 -48.75 -16.40
C5 LBN G . -2.91 -47.51 -8.17
O1 LBN G . -11.39 -47.33 -17.50
C8 LBN G . -2.43 -48.94 -7.90
O2 LBN G . -13.82 -46.48 -17.17
C11 LBN G . -1.78 -49.01 -6.49
O3 LBN G . -12.40 -45.36 -18.85
C14 LBN G . -2.20 -50.29 -5.73
O4 LBN G . -13.30 -47.71 -19.38
C17 LBN G . -1.48 -50.41 -4.37
C20 LBN G . -1.47 -51.85 -3.86
C22 LBN G . -1.23 -51.95 -2.37
C23 LBN G . 0.12 -52.55 -1.99
C24 LBN G . 1.28 -51.93 -2.73
C25 LBN G . -7.88 -50.28 -15.00
O5 LBN G . -8.35 -49.98 -16.29
C26 LBN G . -6.44 -49.98 -14.59
O6 LBN G . -8.62 -50.77 -14.22
C27 LBN G . -5.58 -51.24 -14.42
C28 LBN G . -4.12 -50.91 -14.04
C29 LBN G . -3.78 -51.29 -12.60
C30 LBN G . -2.27 -51.32 -12.35
C31 LBN G . -1.84 -50.36 -11.23
C34 LBN G . -11.87 -48.41 -14.13
O7 LBN G . -10.77 -48.02 -14.95
C35 LBN G . -11.59 -49.20 -12.82
O8 LBN G . -12.98 -48.13 -14.44
C36 LBN G . -10.74 -48.40 -11.80
C37 LBN G . -9.37 -49.05 -11.58
C38 LBN G . -8.50 -48.29 -10.58
C39 LBN G . -7.01 -48.47 -10.85
C40 LBN G . -6.14 -48.18 -9.63
C41 LBN G . -4.63 -48.28 -9.92
C42 LBN G . -3.89 -47.21 -9.07
H1 LBN G . -11.07 -49.30 -18.02
H2 LBN G . -12.41 -49.00 -16.90
H3 LBN G . -10.60 -49.95 -15.61
H4 LBN G . -8.55 -48.02 -15.75
H5 LBN G . -8.98 -48.40 -17.43
H8 LBN G . -2.45 -46.70 -7.62
H13 LBN G . -1.69 -49.23 -8.65
H14 LBN G . -3.26 -49.64 -7.94
H19 LBN G . -0.71 -48.98 -6.58
H25 LBN G . -3.26 -50.27 -5.56
H32 LBN G . -0.47 -50.07 -4.47
H33 LBN G . -2.00 -49.79 -3.65
H39 LBN G . -0.70 -52.41 -4.39
H40 LBN G . -2.44 -52.30 -4.08
H44 LBN G . -2.01 -52.58 -1.95
H45 LBN G . -1.32 -50.97 -1.94
H46 LBN G . 0.27 -52.39 -0.93
H47 LBN G . 0.10 -53.61 -2.19
H48 LBN G . 2.18 -51.99 -2.11
H49 LBN G . 1.07 -50.90 -2.96
H50 LBN G . 1.46 -52.48 -3.65
H51 LBN G . -6.44 -49.43 -13.65
H52 LBN G . -5.98 -49.34 -15.35
H53 LBN G . -6.01 -51.86 -13.65
H54 LBN G . -5.58 -51.79 -15.36
H55 LBN G . -3.97 -49.84 -14.17
H56 LBN G . -3.46 -51.45 -14.70
H57 LBN G . -4.23 -50.57 -11.93
H58 LBN G . -4.19 -52.27 -12.39
H59 LBN G . -1.75 -51.05 -13.26
H60 LBN G . -1.98 -52.33 -12.07
H61 LBN G . -2.22 -50.73 -10.28
H62 LBN G . -2.29 -49.38 -11.42
H67 LBN G . -11.08 -50.12 -13.07
H68 LBN G . -12.55 -49.46 -12.35
H69 LBN G . -11.26 -48.37 -10.86
H70 LBN G . -10.60 -47.40 -12.17
H71 LBN G . -9.50 -50.07 -11.24
H72 LBN G . -8.84 -49.08 -12.54
H73 LBN G . -8.73 -48.64 -9.58
H74 LBN G . -8.74 -47.22 -10.65
H75 LBN G . -6.71 -47.80 -11.66
H76 LBN G . -6.38 -47.19 -9.26
H77 LBN G . -4.46 -48.06 -10.96
H78 LBN G . -4.27 -49.27 -9.70
H79 LBN G . -4.17 -46.17 -9.19
H80 LBN G . -2.13 -48.14 -5.92
H81 LBN G . -1.94 -51.14 -6.34
H82 LBN G . -6.84 -49.49 -11.17
H83 LBN G . -6.40 -48.91 -8.85
C1 LBN H . 25.15 -22.30 -2.90
P1 LBN H . 25.79 -24.49 -1.58
C2 LBN H . 24.00 -22.77 -3.80
C3 LBN H . 24.50 -23.61 -4.96
C5 LBN H . 12.67 -22.21 -5.23
O1 LBN H . 25.09 -22.99 -1.68
C8 LBN H . 12.13 -21.85 -3.84
O2 LBN H . 27.23 -24.41 -2.04
O3 LBN H . 25.04 -25.47 -2.46
O4 LBN H . 25.74 -25.02 -0.02
C25 LBN H . 23.97 -23.48 -7.24
O5 LBN H . 24.50 -22.82 -6.12
C26 LBN H . 23.02 -22.72 -8.19
O6 LBN H . 24.24 -24.61 -7.45
C27 LBN H . 23.29 -23.04 -9.67
C28 LBN H . 22.31 -22.32 -10.61
C34 LBN H . 21.73 -23.42 -3.40
O7 LBN H . 23.10 -23.57 -3.04
C35 LBN H . 21.10 -24.31 -4.50
O8 LBN H . 21.07 -22.59 -2.86
C36 LBN H . 19.57 -24.47 -4.35
C37 LBN H . 18.78 -23.46 -5.21
C38 LBN H . 17.33 -23.88 -5.49
C39 LBN H . 16.72 -24.79 -4.41
C40 LBN H . 15.20 -24.88 -4.52
C41 LBN H . 14.49 -23.56 -4.13
C42 LBN H . 13.76 -22.99 -5.36
H1 LBN H . 26.10 -22.49 -3.38
H2 LBN H . 25.04 -21.23 -2.72
H3 LBN H . 23.47 -21.92 -4.18
H4 LBN H . 23.84 -24.46 -5.09
H5 LBN H . 25.51 -23.97 -4.75
H8 LBN H . 12.18 -21.82 -6.10
H13 LBN H . 12.68 -21.00 -3.44
H14 LBN H . 11.08 -21.58 -3.92
H51 LBN H . 23.15 -21.65 -8.03
H52 LBN H . 22.00 -22.99 -7.95
H53 LBN H . 24.31 -22.75 -9.91
H54 LBN H . 23.19 -24.11 -9.82
H55 LBN H . 22.79 -21.40 -10.96
H56 LBN H . 21.43 -22.06 -10.04
H67 LBN H . 21.56 -25.30 -4.44
H68 LBN H . 21.33 -23.89 -5.47
H69 LBN H . 19.30 -24.33 -3.32
H70 LBN H . 19.30 -25.48 -4.64
H71 LBN H . 18.78 -22.51 -4.70
H72 LBN H . 19.30 -23.35 -6.16
H73 LBN H . 17.30 -24.41 -6.44
H74 LBN H . 16.73 -22.99 -5.56
H75 LBN H . 17.14 -25.78 -4.51
H76 LBN H . 14.94 -25.14 -5.53
H77 LBN H . 15.24 -22.84 -3.80
H78 LBN H . 13.79 -23.76 -3.32
H79 LBN H . 14.12 -23.23 -6.36
H82 LBN H . 16.98 -24.40 -3.43
H83 LBN H . 14.85 -25.68 -3.87
C1 LBN I . -24.03 -27.02 1.65
P1 LBN I . -24.84 -26.28 -0.75
C2 LBN I . -22.94 -27.93 2.28
C3 LBN I . -22.27 -27.15 3.40
C5 LBN I . -15.87 -32.54 7.33
O1 LBN I . -24.20 -27.41 0.31
C8 LBN I . -15.41 -31.43 6.36
O2 LBN I . -23.83 -25.19 -1.00
C11 LBN I . -16.13 -30.11 6.73
O3 LBN I . -26.09 -25.68 -0.15
C14 LBN I . -15.28 -28.86 6.41
O4 LBN I . -25.23 -27.01 -2.17
C17 LBN I . -16.05 -27.55 6.63
C25 LBN I . -22.79 -25.38 4.87
O5 LBN I . -23.27 -26.49 4.15
C26 LBN I . -22.13 -25.59 6.24
O6 LBN I . -22.90 -24.30 4.42
C27 LBN I . -20.61 -25.73 6.14
C28 LBN I . -20.06 -26.70 7.21
C29 LBN I . -20.09 -28.14 6.73
C30 LBN I . -19.52 -29.12 7.76
C31 LBN I . -19.71 -30.59 7.34
C34 LBN I . -23.36 -30.25 2.00
O7 LBN I . -23.52 -29.11 2.83
C35 LBN I . -22.73 -31.57 2.56
O8 LBN I . -23.70 -30.22 0.86
C36 LBN I . -21.65 -31.31 3.65
C37 LBN I . -20.47 -32.29 3.57
C38 LBN I . -20.51 -33.37 4.65
C39 LBN I . -19.48 -34.49 4.38
C40 LBN I . -18.47 -34.65 5.50
C41 LBN I . -17.47 -33.46 5.58
C42 LBN I . -16.81 -33.46 6.97
H1 LBN I . -24.96 -27.13 2.18
H2 LBN I . -23.70 -25.99 1.69
H3 LBN I . -22.21 -28.20 1.54
H4 LBN I . -21.59 -26.43 2.98
H5 LBN I . -21.73 -27.84 4.04
H8 LBN I . -15.43 -32.59 8.31
H13 LBN I . -15.61 -31.69 5.33
H14 LBN I . -14.33 -31.29 6.47
H19 LBN I . -17.06 -30.06 6.18
H25 LBN I . -14.40 -28.86 7.06
H32 LBN I . -15.58 -26.78 6.03
H33 LBN I . -17.08 -27.69 6.28
H51 LBN I . -22.36 -24.74 6.87
H52 LBN I . -22.54 -26.48 6.70
H53 LBN I . -20.36 -26.13 5.16
H54 LBN I . -20.15 -24.76 6.26
H55 LBN I . -19.05 -26.42 7.45
H56 LBN I . -20.67 -26.60 8.10
H57 LBN I . -19.50 -28.22 5.82
H58 LBN I . -21.11 -28.42 6.50
H59 LBN I . -18.47 -28.93 7.89
H60 LBN I . -20.03 -28.97 8.71
H61 LBN I . -19.87 -30.63 6.26
H62 LBN I . -18.82 -31.15 7.59
H67 LBN I . -22.28 -32.10 1.74
H68 LBN I . -23.52 -32.18 2.99
H69 LBN I . -22.12 -31.42 4.62
H70 LBN I . -21.28 -30.30 3.55
H71 LBN I . -20.46 -32.77 2.60
H72 LBN I . -19.55 -31.73 3.69
H73 LBN I . -21.51 -33.81 4.67
H74 LBN I . -20.30 -32.93 5.62
H75 LBN I . -20.01 -35.43 4.24
H76 LBN I . -17.91 -35.57 5.34
H77 LBN I . -18.01 -32.52 5.43
H78 LBN I . -16.72 -33.57 4.81
H79 LBN I . -17.09 -34.21 7.69
H80 LBN I . -16.36 -30.12 7.79
H81 LBN I . -14.95 -28.92 5.39
H82 LBN I . -18.96 -34.25 3.46
H83 LBN I . -18.99 -34.72 6.44
C10 U56 J . 12.51 4.47 -10.30
C02 U56 J . 11.05 6.39 -11.09
C04 U56 J . 10.85 8.49 -9.69
C07 U56 J . 11.77 7.90 -8.69
C08 U56 J . 12.32 6.53 -8.91
C12 U56 J . 14.31 3.46 -9.45
C13 U56 J . 15.18 3.70 -8.36
C15 U56 J . 14.81 4.28 -10.68
C17 U56 J . 13.78 4.56 -11.33
N03 U56 J . 10.50 7.75 -10.89
N05 U56 J . 10.33 9.80 -9.48
N09 U56 J . 11.97 5.79 -10.09
O01 U56 J . 10.76 5.78 -12.07
O06 U56 J . 10.68 10.51 -8.33
O11 U56 J . 12.94 4.00 -9.17
O14 U56 J . 15.11 5.05 -8.02
O16 U56 J . 15.73 3.43 -11.53
O18 U56 J . 13.60 3.60 -12.44
H101 U56 J . 11.75 3.82 -10.70
H071 U56 J . 12.04 8.45 -7.80
H081 U56 J . 12.99 6.10 -8.18
H121 U56 J . 14.26 2.42 -9.68
H131 U56 J . 16.21 3.45 -8.64
H132 U56 J . 14.89 3.09 -7.51
H151 U56 J . 15.32 5.18 -10.36
H171 U56 J . 13.87 5.58 -11.72
H051 U56 J . 9.70 10.22 -10.16
H061 U56 J . 10.53 11.43 -8.45
H141 U56 J . 15.99 5.40 -7.91
H161 U56 J . 16.62 3.72 -11.41
H181 U56 J . 12.92 3.91 -13.01
NA NA K . 14.13 13.45 -14.59
C1 LBN L . 26.82 20.11 -42.15
P1 LBN L . 24.38 20.85 -41.35
C2 LBN L . 27.52 20.34 -40.80
C3 LBN L . 28.86 19.63 -40.79
C5 LBN L . 32.86 23.06 -31.63
O1 LBN L . 25.76 21.04 -42.28
C8 LBN L . 31.83 23.62 -30.62
O2 LBN L . 24.72 20.98 -39.88
C11 LBN L . 31.80 22.70 -29.37
O3 LBN L . 23.78 19.48 -41.61
C14 LBN L . 32.78 23.17 -28.29
O4 LBN L . 23.30 22.01 -41.76
C17 LBN L . 32.95 22.13 -27.17
C20 LBN L . 34.36 22.15 -26.58
C22 LBN L . 34.55 21.07 -25.53
C23 LBN L . 36.00 20.84 -25.15
C24 LBN L . 36.86 22.08 -25.26
C25 LBN L . 29.92 17.69 -39.99
O5 LBN L . 28.73 18.43 -40.06
C26 LBN L . 31.10 18.21 -39.15
O6 LBN L . 30.03 16.66 -40.59
C27 LBN L . 31.63 17.15 -38.16
C28 LBN L . 33.14 17.29 -37.91
C29 LBN L . 33.49 18.56 -37.13
C30 LBN L . 34.31 18.25 -35.87
C31 LBN L . 34.80 19.53 -35.17
C34 LBN L . 27.53 22.18 -39.28
O7 LBN L . 27.74 21.73 -40.62
C35 LBN L . 28.68 22.06 -38.24
O8 LBN L . 26.48 22.62 -38.95
C36 LBN L . 29.96 22.83 -38.69
C37 LBN L . 31.02 22.86 -37.58
C38 LBN L . 31.02 24.17 -36.79
C39 LBN L . 31.38 23.95 -35.32
C40 LBN L . 32.27 25.05 -34.74
C41 LBN L . 32.35 24.97 -33.20
C42 LBN L . 33.09 23.68 -32.81
H1 LBN L . 27.53 20.27 -42.95
H2 LBN L . 26.43 19.10 -42.20
H3 LBN L . 26.90 19.95 -40.01
H4 LBN L . 29.60 20.27 -40.31
H5 LBN L . 29.18 19.40 -41.81
H8 LBN L . 33.41 22.15 -31.39
H13 LBN L . 30.85 23.62 -31.08
H14 LBN L . 32.11 24.62 -30.33
H19 LBN L . 30.79 22.70 -28.96
H25 LBN L . 33.74 23.36 -28.75
H32 LBN L . 32.23 22.34 -26.38
H33 LBN L . 32.75 21.15 -27.58
H39 LBN L . 34.53 23.12 -26.13
H40 LBN L . 35.07 21.99 -27.38
H44 LBN L . 34.14 20.14 -25.91
H45 LBN L . 33.99 21.34 -24.64
H46 LBN L . 36.03 20.48 -24.12
H47 LBN L . 36.40 20.07 -25.79
H48 LBN L . 37.81 21.90 -24.76
H49 LBN L . 36.36 22.92 -24.78
H50 LBN L . 37.04 22.30 -26.31
H51 LBN L . 30.77 19.08 -38.59
H52 LBN L . 31.91 18.50 -39.81
H53 LBN L . 31.10 17.26 -37.22
H54 LBN L . 31.42 16.16 -38.56
H55 LBN L . 33.65 17.31 -38.87
H56 LBN L . 33.48 16.42 -37.36
H57 LBN L . 32.57 19.05 -36.83
H58 LBN L . 34.05 19.22 -37.77
H59 LBN L . 33.70 17.69 -35.17
H60 LBN L . 35.17 17.66 -36.15
H61 LBN L . 35.12 20.25 -35.93
H62 LBN L . 33.99 19.97 -34.61
H67 LBN L . 28.94 21.02 -38.10
H68 LBN L . 28.35 22.48 -37.30
H69 LBN L . 29.68 23.84 -38.94
H70 LBN L . 30.36 22.33 -39.57
H71 LBN L . 30.83 22.03 -36.91
H72 LBN L . 31.99 22.72 -38.03
H73 LBN L . 30.03 24.62 -36.85
H74 LBN L . 31.75 24.85 -37.24
H75 LBN L . 31.90 23.01 -35.23
H76 LBN L . 33.27 24.95 -35.15
H77 LBN L . 31.33 24.96 -32.79
H78 LBN L . 32.87 25.83 -32.81
H79 LBN L . 33.82 23.25 -33.49
H80 LBN L . 32.06 21.69 -29.66
H81 LBN L . 32.41 24.09 -27.85
H82 LBN L . 30.47 23.90 -34.74
H83 LBN L . 31.87 26.02 -35.03
C1 LBN M . 23.91 27.95 -38.16
P1 LBN M . 21.60 26.81 -38.76
C2 LBN M . 24.95 27.89 -37.04
C3 LBN M . 24.64 28.92 -35.97
C5 LBN M . 29.66 26.78 -27.22
O1 LBN M . 22.66 27.50 -37.68
C8 LBN M . 30.94 27.61 -27.35
O2 LBN M . 22.05 25.41 -39.09
C11 LBN M . 31.98 27.13 -26.30
O3 LBN M . 20.22 26.76 -38.15
C14 LBN M . 33.40 27.06 -26.88
O4 LBN M . 21.56 27.71 -40.13
C17 LBN M . 34.45 26.69 -25.83
C20 LBN M . 35.86 27.08 -26.25
C22 LBN M . 36.94 26.33 -25.50
C23 LBN M . 37.74 27.20 -24.54
C24 LBN M . 36.89 28.06 -23.64
C25 LBN M . 26.80 29.48 -35.18
O5 LBN M . 25.68 29.87 -35.94
C26 LBN M . 26.96 29.93 -33.72
O6 LBN M . 27.63 28.79 -35.67
C27 LBN M . 28.08 30.97 -33.54
C28 LBN M . 28.20 31.44 -32.07
C29 LBN M . 29.47 30.92 -31.39
C30 LBN M . 29.78 31.68 -30.09
C31 LBN M . 29.84 30.75 -28.87
C34 LBN M . 25.67 25.61 -37.16
O7 LBN M . 24.92 26.60 -36.44
C35 LBN M . 27.15 25.35 -36.77
O8 LBN M . 25.16 25.01 -38.05
C36 LBN M . 27.29 24.83 -35.33
C37 LBN M . 28.03 25.84 -34.43
C38 LBN M . 28.19 25.34 -33.00
C39 LBN M . 28.27 26.49 -32.00
C40 LBN M . 28.94 26.09 -30.68
C41 LBN M . 28.93 27.23 -29.63
C42 LBN M . 28.77 26.60 -28.22
H1 LBN M . 23.81 28.98 -38.51
H2 LBN M . 24.23 27.33 -38.99
H3 LBN M . 25.93 28.08 -37.44
H4 LBN M . 24.56 28.43 -35.00
H5 LBN M . 23.70 29.41 -36.21
H8 LBN M . 29.45 26.31 -26.26
H13 LBN M . 30.72 28.66 -27.19
H14 LBN M . 31.37 27.48 -28.34
H19 LBN M . 31.99 27.83 -25.46
H25 LBN M . 33.42 26.30 -27.66
H32 LBN M . 34.21 27.19 -24.90
H33 LBN M . 34.42 25.61 -25.66
H39 LBN M . 35.99 28.15 -26.11
H40 LBN M . 35.97 26.87 -27.31
H44 LBN M . 37.63 25.92 -26.23
H45 LBN M . 36.49 25.52 -24.95
H46 LBN M . 38.35 26.55 -23.92
H47 LBN M . 38.41 27.84 -25.12
H48 LBN M . 37.42 28.23 -22.69
H49 LBN M . 35.95 27.56 -23.43
H50 LBN M . 36.71 29.02 -24.11
H51 LBN M . 27.17 29.07 -33.11
H52 LBN M . 26.02 30.38 -33.38
H53 LBN M . 29.02 30.53 -33.84
H54 LBN M . 27.87 31.84 -34.16
H55 LBN M . 27.34 31.08 -31.53
H56 LBN M . 28.21 32.52 -32.05
H57 LBN M . 29.34 29.87 -31.15
H58 LBN M . 30.31 31.03 -32.07
H59 LBN M . 29.01 32.43 -29.93
H60 LBN M . 30.73 32.19 -30.20
H61 LBN M . 30.72 30.13 -28.95
H62 LBN M . 28.95 30.12 -28.87
H67 LBN M . 27.71 26.28 -36.87
H68 LBN M . 27.57 24.61 -37.46
H69 LBN M . 27.85 23.90 -35.34
H70 LBN M . 26.31 24.64 -34.91
H71 LBN M . 29.01 26.04 -34.86
H72 LBN M . 27.46 26.75 -34.41
H73 LBN M . 29.10 24.75 -32.93
H74 LBN M . 27.34 24.72 -32.75
H75 LBN M . 27.26 26.84 -31.78
H76 LBN M . 28.43 25.23 -30.27
H77 LBN M . 28.09 27.88 -29.83
H78 LBN M . 29.84 27.80 -29.70
H79 LBN M . 27.89 25.99 -28.02
H80 LBN M . 31.69 26.15 -25.95
H81 LBN M . 33.66 28.01 -27.31
H82 LBN M . 28.83 27.30 -32.44
H83 LBN M . 29.97 25.82 -30.89
C1 LBN N . 16.62 27.72 8.57
P1 LBN N . 19.19 28.37 8.64
C2 LBN N . 16.29 27.84 7.07
C3 LBN N . 16.18 29.28 6.63
C5 LBN N . 14.02 21.68 -2.29
O1 LBN N . 17.95 27.26 8.71
C8 LBN N . 14.63 20.30 -1.99
O2 LBN N . 18.94 29.47 9.64
O3 LBN N . 19.28 28.95 7.25
O4 LBN N . 20.61 27.61 8.99
C25 LBN N . 14.53 30.33 5.34
O5 LBN N . 14.83 29.62 6.51
C26 LBN N . 13.27 29.99 4.55
O6 LBN N . 15.25 31.18 4.96
C27 LBN N . 12.55 31.24 4.02
C28 LBN N . 11.31 30.88 3.18
C34 LBN N . 16.85 26.55 5.15
O7 LBN N . 17.32 27.21 6.31
C35 LBN N . 16.75 27.31 3.79
O8 LBN N . 16.54 25.40 5.21
C36 LBN N . 16.83 26.37 2.57
C37 LBN N . 15.46 25.95 2.03
C38 LBN N . 15.47 25.46 0.58
C39 LBN N . 16.81 24.88 0.13
C40 LBN N . 16.68 24.08 -1.18
C41 LBN N . 15.90 22.75 -0.99
C42 LBN N . 14.60 22.81 -1.83
H1 LBN N . 16.52 28.68 9.05
H2 LBN N . 15.95 27.02 9.04
H3 LBN N . 15.36 27.33 6.87
H4 LBN N . 16.68 29.39 5.67
H5 LBN N . 16.66 29.93 7.36
H8 LBN N . 13.11 21.75 -2.87
H13 LBN N . 14.31 19.96 -1.01
H14 LBN N . 14.30 19.59 -2.74
H51 LBN N . 12.59 29.44 5.18
H52 LBN N . 13.54 29.36 3.70
H53 LBN N . 12.24 31.86 4.85
H54 LBN N . 13.24 31.81 3.39
H55 LBN N . 10.42 30.93 3.82
H56 LBN N . 11.42 29.87 2.82
H67 LBN N . 17.55 28.03 3.74
H68 LBN N . 15.80 27.84 3.77
H69 LBN N . 17.39 25.48 2.84
H70 LBN N . 17.37 26.90 1.77
H71 LBN N . 15.08 25.15 2.66
H72 LBN N . 14.78 26.79 2.11
H73 LBN N . 15.22 26.30 -0.07
H74 LBN N . 14.70 24.71 0.47
H75 LBN N . 17.51 25.68 -0.03
H76 LBN N . 16.17 24.69 -1.92
H77 LBN N . 15.65 22.63 0.05
H78 LBN N . 16.52 21.93 -1.31
H79 LBN N . 14.15 23.76 -2.05
H82 LBN N . 17.18 24.22 0.89
H83 LBN N . 17.68 23.85 -1.55
C1 LBN O . 19.24 -2.20 -30.92
P1 LBN O . 17.03 -1.55 -32.21
C2 LBN O . 20.42 -1.51 -30.20
C3 LBN O . 20.63 -2.19 -28.87
C5 LBN O . 27.75 1.85 -24.58
O1 LBN O . 18.62 -1.27 -31.78
C8 LBN O . 26.33 2.18 -24.10
O2 LBN O . 16.13 -1.32 -31.01
C11 LBN O . 25.54 0.86 -23.93
O3 LBN O . 16.87 -2.97 -32.69
C14 LBN O . 24.47 0.95 -22.83
O4 LBN O . 16.59 -0.52 -33.42
C17 LBN O . 23.57 -0.29 -22.78
C25 LBN O . 20.24 -4.30 -27.90
O5 LBN O . 20.55 -3.57 -29.07
C26 LBN O . 21.36 -4.67 -26.92
O6 LBN O . 19.13 -4.61 -27.68
C27 LBN O . 21.52 -3.61 -25.80
C28 LBN O . 22.99 -3.49 -25.36
C29 LBN O . 23.75 -2.48 -26.22
C30 LBN O . 25.20 -2.30 -25.79
C31 LBN O . 26.00 -1.43 -26.78
C34 LBN O . 21.92 -0.41 -31.69
O7 LBN O . 21.60 -1.60 -30.97
C35 LBN O . 23.32 0.26 -31.54
O8 LBN O . 21.11 0.08 -32.40
C36 LBN O . 23.94 0.09 -30.13
C37 LBN O . 24.71 1.33 -29.65
C38 LBN O . 26.23 1.17 -29.74
C39 LBN O . 26.95 2.51 -29.53
C40 LBN O . 27.91 2.49 -28.33
C41 LBN O . 27.15 2.44 -26.97
C42 LBN O . 28.13 1.97 -25.87
H1 LBN O . 19.60 -3.04 -31.50
H2 LBN O . 18.52 -2.54 -30.18
H3 LBN O . 20.18 -0.46 -30.04
H4 LBN O . 19.87 -1.87 -28.17
H5 LBN O . 21.61 -1.93 -28.48
H8 LBN O . 28.48 1.51 -23.85
H13 LBN O . 25.83 2.84 -24.80
H14 LBN O . 26.39 2.68 -23.14
H19 LBN O . 25.05 0.63 -24.88
H25 LBN O . 24.96 1.06 -21.87
H32 LBN O . 22.63 -0.03 -22.30
H33 LBN O . 23.36 -0.62 -23.80
H51 LBN O . 21.12 -5.62 -26.46
H52 LBN O . 22.29 -4.75 -27.45
H53 LBN O . 21.18 -2.66 -26.17
H54 LBN O . 20.91 -3.91 -24.95
H55 LBN O . 23.02 -3.17 -24.32
H56 LBN O . 23.47 -4.46 -25.44
H57 LBN O . 23.25 -1.52 -26.15
H58 LBN O . 23.73 -2.82 -27.26
H59 LBN O . 25.23 -1.85 -24.81
H60 LBN O . 25.68 -3.28 -25.73
H61 LBN O . 25.31 -0.83 -27.34
H62 LBN O . 26.66 -0.77 -26.21
H67 LBN O . 23.21 1.31 -31.76
H68 LBN O . 24.00 -0.18 -32.28
H69 LBN O . 24.62 -0.75 -30.16
H70 LBN O . 23.15 -0.13 -29.43
H71 LBN O . 24.42 2.19 -30.25
H72 LBN O . 24.45 1.53 -28.63
H73 LBN O . 26.50 0.77 -30.72
H74 LBN O . 26.56 0.47 -28.98
H75 LBN O . 27.52 2.74 -30.42
H76 LBN O . 28.52 3.38 -28.35
H77 LBN O . 26.32 1.75 -27.04
H78 LBN O . 26.79 3.43 -26.73
H79 LBN O . 29.14 1.72 -26.15
H80 LBN O . 26.22 0.06 -23.69
H81 LBN O . 23.84 1.81 -23.01
H82 LBN O . 26.22 3.28 -29.38
H83 LBN O . 28.54 1.62 -28.40
C10 U56 P . -8.96 11.75 8.11
C02 U56 P . -11.04 10.45 7.49
C04 U56 P . -11.70 8.40 8.85
C07 U56 P . -10.51 8.61 9.72
C08 U56 P . -9.58 9.76 9.45
C12 U56 P . -7.48 12.79 9.44
C13 U56 P . -6.86 12.50 10.66
C15 U56 P . -8.86 13.48 9.70
C17 U56 P . -9.59 13.13 8.74
N03 U56 P . -11.96 9.31 7.76
N05 U56 P . -12.57 7.31 9.11
N09 U56 P . -9.85 10.66 8.35
O01 U56 P . -11.25 11.19 6.60
O06 U56 P . -12.31 6.45 10.18
O11 U56 P . -7.82 11.52 8.70
O14 U56 P . -7.65 11.59 11.35
O16 U56 P . -8.70 14.97 9.70
O18 U56 P . -9.62 14.19 7.71
H101 U56 P . -8.80 11.87 7.05
H071 U56 P . -10.31 7.95 10.53
H081 U56 P . -8.71 9.91 10.09
H121 U56 P . -6.86 13.41 8.83
H131 U56 P . -6.78 13.43 11.26
H132 U56 P . -5.88 12.09 10.50
H151 U56 P . -9.27 13.13 10.64
H171 U56 P . -10.60 12.93 9.11
H051 U56 P . -13.38 7.17 8.53
H061 U56 P . -13.09 5.99 10.42
H141 U56 P . -7.76 11.87 12.25
H161 U56 P . -8.76 15.29 10.59
H181 U56 P . -10.30 13.99 7.09
NA NA Q . -18.33 11.05 11.71
C1 LBN R . -40.40 32.83 13.68
P1 LBN R . -40.63 30.50 12.40
C2 LBN R . -39.62 32.28 14.88
C3 LBN R . -38.96 33.43 15.64
C5 LBN R . -35.11 28.35 24.06
O1 LBN R . -41.26 31.82 13.20
C8 LBN R . -34.95 26.83 23.91
O2 LBN R . -39.73 29.71 13.32
C11 LBN R . -33.45 26.46 23.97
O3 LBN R . -39.83 30.97 11.20
C14 LBN R . -33.00 26.13 25.41
O4 LBN R . -41.87 29.53 11.89
C17 LBN R . -31.47 26.04 25.53
C20 LBN R . -30.97 26.49 26.89
C22 LBN R . -29.45 26.47 26.97
C23 LBN R . -28.90 27.21 28.19
C24 LBN R . -29.82 27.19 29.38
C25 LBN R . -36.89 34.52 15.92
O5 LBN R . -37.60 33.48 15.29
C26 LBN R . -36.62 34.42 17.43
O6 LBN R . -36.52 35.45 15.31
C27 LBN R . -35.14 34.63 17.78
C28 LBN R . -34.94 35.32 19.14
C29 LBN R . -35.33 34.40 20.31
C30 LBN R . -34.21 34.26 21.33
C31 LBN R . -34.66 33.48 22.59
C34 LBN R . -39.98 30.43 16.34
O7 LBN R . -40.51 31.62 15.76
C35 LBN R . -39.11 30.52 17.63
O8 LBN R . -40.19 29.37 15.83
C36 LBN R . -39.86 31.19 18.80
C37 LBN R . -39.06 31.11 20.10
C38 LBN R . -39.52 29.97 21.01
C39 LBN R . -38.35 29.36 21.80
C40 LBN R . -38.71 28.99 23.24
C41 LBN R . -37.62 28.09 23.89
C42 LBN R . -36.33 28.92 24.06
H1 LBN R . -40.99 33.68 13.99
H2 LBN R . -39.70 33.12 12.89
H3 LBN R . -38.86 31.60 14.54
H4 LBN R . -39.05 33.26 16.70
H5 LBN R . -39.44 34.36 15.37
H8 LBN R . -34.24 28.97 24.19
H13 LBN R . -35.35 26.53 22.95
H14 LBN R . -35.49 26.31 24.70
H19 LBN R . -33.26 25.60 23.34
H25 LBN R . -33.36 26.91 26.07
H32 LBN R . -31.17 25.00 25.36
H33 LBN R . -31.02 26.65 24.76
H39 LBN R . -31.38 25.84 27.64
H40 LBN R . -31.31 27.51 27.06
H44 LBN R . -29.05 26.93 26.07
H45 LBN R . -29.13 25.44 27.02
H46 LBN R . -27.96 26.76 28.46
H47 LBN R . -28.71 28.24 27.90
H48 LBN R . -29.28 27.55 30.26
H49 LBN R . -30.18 26.18 29.56
H50 LBN R . -30.67 27.85 29.20
H51 LBN R . -36.93 33.45 17.79
H52 LBN R . -37.21 35.19 17.94
H53 LBN R . -34.64 33.67 17.79
H54 LBN R . -34.68 35.25 17.01
H55 LBN R . -35.54 36.22 19.18
H56 LBN R . -33.90 35.59 19.25
H57 LBN R . -35.59 33.43 19.92
H58 LBN R . -36.21 34.82 20.80
H59 LBN R . -33.38 33.73 20.87
H60 LBN R . -33.87 35.24 21.63
H61 LBN R . -35.66 33.81 22.86
H62 LBN R . -34.69 32.42 22.36
H67 LBN R . -38.21 31.09 17.40
H68 LBN R . -38.82 29.51 17.93
H69 LBN R . -40.81 30.69 18.94
H70 LBN R . -40.05 32.23 18.55
H71 LBN R . -38.01 30.97 19.86
H72 LBN R . -39.17 32.04 20.63
H73 LBN R . -39.97 29.19 20.42
H74 LBN R . -40.24 30.35 21.72
H75 LBN R . -37.54 30.08 21.84
H76 LBN R . -38.82 29.90 23.83
H77 LBN R . -37.44 27.25 23.24
H78 LBN R . -37.96 27.75 24.85
H79 LBN R . -36.40 30.00 24.18
H80 LBN R . -32.86 27.30 23.61
H81 LBN R . -33.43 25.18 25.70
H82 LBN R . -38.00 28.47 21.29
H83 LBN R . -39.66 28.45 23.25
C1 LBN S . -43.87 24.72 16.52
P1 LBN S . -43.61 24.26 13.92
C2 LBN S . -42.98 24.65 17.77
C3 LBN S . -43.07 23.29 18.42
C5 LBN S . -35.26 21.82 24.98
O1 LBN S . -43.31 23.88 15.52
C8 LBN S . -35.85 22.27 26.33
O2 LBN S . -42.75 25.43 13.51
C11 LBN S . -34.71 22.45 27.36
O3 LBN S . -43.28 23.07 13.05
C14 LBN S . -34.91 23.72 28.22
O4 LBN S . -45.20 24.66 13.75
C17 LBN S . -33.84 23.86 29.31
C20 LBN S . -34.30 24.78 30.44
C22 LBN S . -33.15 25.32 31.27
C23 LBN S . -33.09 24.76 32.69
C24 LBN S . -33.21 23.26 32.77
C25 LBN S . -42.78 23.82 20.71
O5 LBN S . -43.67 23.43 19.69
C26 LBN S . -42.14 22.77 21.63
O6 LBN S . -42.52 24.96 20.86
C27 LBN S . -42.70 22.82 23.07
C28 LBN S . -42.06 21.73 23.97
C29 LBN S . -41.12 22.31 25.02
C30 LBN S . -40.80 21.30 26.13
C31 LBN S . -39.30 21.02 26.26
C34 LBN S . -41.31 26.29 17.26
O7 LBN S . -41.63 24.90 17.40
C35 LBN S . -40.73 27.06 18.48
O8 LBN S . -41.49 26.84 16.24
C36 LBN S . -39.36 26.49 18.94
C37 LBN S . -39.47 25.87 20.34
C38 LBN S . -38.13 25.29 20.83
C39 LBN S . -38.32 24.14 21.83
C40 LBN S . -37.09 23.91 22.70
C41 LBN S . -37.24 22.68 23.64
C42 LBN S . -35.87 22.00 23.79
H1 LBN S . -44.87 24.37 16.77
H2 LBN S . -43.91 25.73 16.15
H3 LBN S . -43.30 25.42 18.47
H4 LBN S . -42.08 22.87 18.53
H5 LBN S . -43.68 22.64 17.80
H8 LBN S . -34.28 21.33 25.00
H13 LBN S . -36.55 21.51 26.69
H14 LBN S . -36.37 23.22 26.21
H19 LBN S . -34.67 21.58 28.02
H25 LBN S . -34.87 24.58 27.57
H32 LBN S . -33.63 22.88 29.73
H33 LBN S . -32.94 24.26 28.87
H39 LBN S . -34.98 24.23 31.09
H40 LBN S . -34.83 25.61 30.01
H44 LBN S . -33.26 26.39 31.33
H45 LBN S . -32.22 25.10 30.76
H46 LBN S . -32.13 25.05 33.12
H47 LBN S . -33.89 25.21 33.27
H48 LBN S . -32.67 22.90 33.63
H49 LBN S . -32.79 22.81 31.87
H50 LBN S . -34.26 22.99 32.85
H51 LBN S . -41.07 22.93 21.66
H52 LBN S . -42.33 21.78 21.22
H53 LBN S . -42.49 23.79 23.49
H54 LBN S . -43.77 22.65 23.04
H55 LBN S . -41.51 21.03 23.34
H56 LBN S . -42.86 21.19 24.47
H57 LBN S . -40.18 22.60 24.54
H58 LBN S . -41.57 23.19 25.47
H59 LBN S . -41.31 20.37 25.93
H60 LBN S . -41.17 21.70 27.08
H61 LBN S . -38.80 21.91 26.64
H62 LBN S . -38.90 20.79 25.27
H67 LBN S . -41.43 27.00 19.30
H68 LBN S . -40.59 28.10 18.20
H69 LBN S . -38.63 27.28 18.96
H70 LBN S . -39.04 25.72 18.24
H71 LBN S . -39.80 26.62 21.05
H72 LBN S . -40.19 25.07 20.32
H73 LBN S . -37.56 26.09 21.32
H74 LBN S . -37.56 24.93 19.97
H75 LBN S . -38.53 23.23 21.27
H76 LBN S . -36.23 23.77 22.07
H77 LBN S . -37.93 21.98 23.18
H78 LBN S . -37.64 22.99 24.59
H79 LBN S . -35.36 21.64 22.90
H80 LBN S . -33.77 22.54 26.83
H81 LBN S . -35.89 23.67 28.68
H82 LBN S . -39.17 24.36 22.46
H83 LBN S . -36.94 24.80 23.32
C1 LBN T . -13.46 -9.11 29.51
P1 LBN T . -13.67 -7.92 31.86
C2 LBN T . -14.56 -8.41 28.69
C3 LBN T . -15.94 -8.91 29.08
C5 LBN T . -16.36 -0.84 20.32
O1 LBN T . -12.91 -8.18 30.41
C8 LBN T . -15.08 0.02 20.30
O2 LBN T . -13.86 -9.25 32.57
O3 LBN T . -15.02 -7.28 31.64
O4 LBN T . -12.75 -6.93 32.80
C25 LBN T . -17.73 -9.60 27.71
O5 LBN T . -16.39 -9.81 28.11
C26 LBN T . -18.11 -9.69 26.23
O6 LBN T . -18.55 -9.34 28.52
C27 LBN T . -19.46 -10.40 26.02
C28 LBN T . -19.85 -10.43 24.52
C34 LBN T . -14.83 -6.22 27.77
O7 LBN T . -14.51 -7.01 28.92
C35 LBN T . -16.30 -5.80 27.48
O8 LBN T . -13.96 -5.89 27.03
C36 LBN T . -16.41 -4.51 26.64
C37 LBN T . -16.56 -4.81 25.14
C38 LBN T . -17.17 -3.64 24.34
C39 LBN T . -16.90 -2.26 24.96
C40 LBN T . -17.18 -1.11 23.97
C41 LBN T . -16.14 -1.06 22.82
C42 LBN T . -16.84 -1.33 21.47
H1 LBN T . -13.88 -9.95 30.06
H2 LBN T . -12.69 -9.47 28.84
H3 LBN T . -14.40 -8.60 27.63
H4 LBN T . -16.62 -8.06 29.14
H5 LBN T . -15.91 -9.40 30.05
H8 LBN T . -16.87 -1.05 19.40
H13 LBN T . -14.21 -0.64 20.29
H14 LBN T . -15.07 0.64 19.41
H51 LBN T . -17.34 -10.23 25.71
H52 LBN T . -18.17 -8.68 25.83
H53 LBN T . -19.38 -11.41 26.40
H54 LBN T . -20.23 -9.86 26.56
H55 LBN T . -19.54 -11.39 24.11
H56 LBN T . -19.32 -9.65 24.00
H67 LBN T . -16.81 -5.65 28.44
H68 LBN T . -16.79 -6.61 26.96
H69 LBN T . -15.52 -3.92 26.80
H70 LBN T . -17.27 -3.96 26.98
H71 LBN T . -15.58 -5.04 24.73
H72 LBN T . -17.20 -5.67 25.01
H73 LBN T . -18.23 -3.78 24.26
H74 LBN T . -16.74 -3.66 23.33
H75 LBN T . -17.54 -2.13 25.81
H76 LBN T . -18.17 -1.26 23.54
H77 LBN T . -15.37 -1.81 22.99
H78 LBN T . -15.68 -0.08 22.81
H79 LBN T . -17.75 -1.94 21.46
H82 LBN T . -15.87 -2.20 25.27
H83 LBN T . -17.16 -0.17 24.51
C1 LBN U . -17.01 32.10 2.11
P1 LBN U . -18.55 31.27 0.12
C2 LBN U . -16.95 32.01 3.65
C3 LBN U . -15.55 31.64 4.05
C5 LBN U . -15.09 31.22 13.27
O1 LBN U . -18.33 31.81 1.69
C8 LBN U . -15.15 29.89 12.48
O2 LBN U . -17.99 29.87 -0.01
C11 LBN U . -14.12 29.96 11.32
O3 LBN U . -17.81 32.18 -0.84
C14 LBN U . -13.55 28.58 10.96
O4 LBN U . -20.15 31.27 -0.25
C17 LBN U . -12.67 28.62 9.70
C25 LBN U . -13.37 31.83 3.19
O5 LBN U . -14.65 32.40 3.28
C26 LBN U . -12.34 32.05 4.30
O6 LBN U . -13.08 31.17 2.24
C27 LBN U . -12.37 30.93 5.36
C28 LBN U . -12.04 31.47 6.76
C29 LBN U . -13.30 31.97 7.47
C30 LBN U . -13.01 32.49 8.89
C31 LBN U . -14.25 33.16 9.52
C34 LBN U . -18.62 33.33 4.74
O7 LBN U . -17.28 33.26 4.24
C35 LBN U . -18.89 33.74 6.22
O8 LBN U . -19.53 33.05 4.03
C36 LBN U . -17.78 33.31 7.20
C37 LBN U . -18.33 32.86 8.56
C38 LBN U . -18.12 33.90 9.68
C39 LBN U . -18.93 33.55 10.94
C40 LBN U . -18.04 33.36 12.17
C41 LBN U . -17.17 32.08 12.10
C42 LBN U . -15.99 32.20 13.10
H1 LBN U . -16.73 33.09 1.79
H2 LBN U . -16.34 31.37 1.69
H3 LBN U . -17.64 31.26 3.99
H4 LBN U . -15.38 30.58 3.87
H5 LBN U . -15.40 31.85 5.11
H8 LBN U . -14.30 31.36 13.99
H13 LBN U . -16.14 29.71 12.09
H14 LBN U . -14.88 29.08 13.15
H19 LBN U . -14.62 30.38 10.45
H25 LBN U . -12.97 28.22 11.79
H32 LBN U . -12.63 27.62 9.28
H33 LBN U . -13.11 29.29 8.98
H51 LBN U . -11.34 32.09 3.86
H52 LBN U . -12.54 33.00 4.79
H53 LBN U . -13.36 30.48 5.37
H54 LBN U . -11.65 30.16 5.09
H55 LBN U . -11.59 30.68 7.35
H56 LBN U . -11.33 32.29 6.67
H57 LBN U . -14.02 31.16 7.53
H58 LBN U . -13.73 32.78 6.88
H59 LBN U . -12.71 31.66 9.51
H60 LBN U . -12.21 33.21 8.84
H61 LBN U . -15.13 32.80 9.01
H62 LBN U . -14.31 32.87 10.57
H67 LBN U . -19.83 33.30 6.52
H68 LBN U . -18.99 34.83 6.26
H69 LBN U . -17.11 34.14 7.36
H70 LBN U . -17.23 32.49 6.76
H71 LBN U . -19.39 32.65 8.48
H72 LBN U . -17.82 31.95 8.86
H73 LBN U . -18.46 34.87 9.31
H74 LBN U . -17.07 33.96 9.92
H75 LBN U . -19.64 34.33 11.14
H76 LBN U . -18.66 33.31 13.06
H77 LBN U . -16.77 31.96 11.09
H78 LBN U . -17.77 31.22 12.35
H79 LBN U . -15.90 33.11 13.68
H80 LBN U . -13.31 30.62 11.61
H81 LBN U . -14.38 27.90 10.78
H82 LBN U . -19.46 32.63 10.76
H83 LBN U . -17.37 34.23 12.25
#